data_4FIT
# 
_entry.id   4FIT 
# 
_audit_conform.dict_name       mmcif_pdbx.dic 
_audit_conform.dict_version    5.387 
_audit_conform.dict_location   http://mmcif.pdb.org/dictionaries/ascii/mmcif_pdbx.dic 
# 
loop_
_database_2.database_id 
_database_2.database_code 
_database_2.pdbx_database_accession 
_database_2.pdbx_DOI 
PDB   4FIT         pdb_00004fit 10.2210/pdb4fit/pdb 
WWPDB D_1000179317 ?            ?                   
# 
loop_
_pdbx_audit_revision_history.ordinal 
_pdbx_audit_revision_history.data_content_type 
_pdbx_audit_revision_history.major_revision 
_pdbx_audit_revision_history.minor_revision 
_pdbx_audit_revision_history.revision_date 
1 'Structure model' 1 0 1998-03-25 
2 'Structure model' 1 1 2008-03-25 
3 'Structure model' 1 2 2011-07-13 
4 'Structure model' 1 3 2024-02-28 
# 
_pdbx_audit_revision_details.ordinal             1 
_pdbx_audit_revision_details.revision_ordinal    1 
_pdbx_audit_revision_details.data_content_type   'Structure model' 
_pdbx_audit_revision_details.provider            repository 
_pdbx_audit_revision_details.type                'Initial release' 
_pdbx_audit_revision_details.description         ? 
_pdbx_audit_revision_details.details             ? 
# 
loop_
_pdbx_audit_revision_group.ordinal 
_pdbx_audit_revision_group.revision_ordinal 
_pdbx_audit_revision_group.data_content_type 
_pdbx_audit_revision_group.group 
1 2 'Structure model' 'Version format compliance' 
2 3 'Structure model' 'Version format compliance' 
3 4 'Structure model' 'Data collection'           
4 4 'Structure model' 'Database references'       
5 4 'Structure model' Other                       
# 
loop_
_pdbx_audit_revision_category.ordinal 
_pdbx_audit_revision_category.revision_ordinal 
_pdbx_audit_revision_category.data_content_type 
_pdbx_audit_revision_category.category 
1 4 'Structure model' chem_comp_atom       
2 4 'Structure model' chem_comp_bond       
3 4 'Structure model' database_2           
4 4 'Structure model' pdbx_database_status 
# 
loop_
_pdbx_audit_revision_item.ordinal 
_pdbx_audit_revision_item.revision_ordinal 
_pdbx_audit_revision_item.data_content_type 
_pdbx_audit_revision_item.item 
1 4 'Structure model' '_database_2.pdbx_DOI'                
2 4 'Structure model' '_database_2.pdbx_database_accession' 
3 4 'Structure model' '_pdbx_database_status.process_site'  
# 
_pdbx_database_status.status_code                     REL 
_pdbx_database_status.entry_id                        4FIT 
_pdbx_database_status.recvd_initial_deposition_date   1997-09-25 
_pdbx_database_status.deposit_site                    ? 
_pdbx_database_status.process_site                    BNL 
_pdbx_database_status.SG_entry                        . 
_pdbx_database_status.pdb_format_compatible           Y 
_pdbx_database_status.status_code_mr                  ? 
_pdbx_database_status.status_code_sf                  ? 
_pdbx_database_status.status_code_cs                  ? 
_pdbx_database_status.status_code_nmr_data            ? 
_pdbx_database_status.methods_development_category    ? 
# 
loop_
_audit_author.name 
_audit_author.pdbx_ordinal 
'Lima, C.D.'        1 
'Klein, M.G.'       2 
'Hendrickson, W.A.' 3 
# 
loop_
_citation.id 
_citation.title 
_citation.journal_abbrev 
_citation.journal_volume 
_citation.page_first 
_citation.page_last 
_citation.year 
_citation.journal_id_ASTM 
_citation.country 
_citation.journal_id_ISSN 
_citation.journal_id_CSD 
_citation.book_publisher 
_citation.pdbx_database_id_PubMed 
_citation.pdbx_database_id_DOI 
primary 'Structure-based analysis of catalysis and substrate definition in the HIT protein family.' Science   278 286 290 1997 
SCIEAS US 0036-8075 0038 ? 9323207 10.1126/science.278.5336.286 
1       'MAD Analysis of Fhit, a Putative Human Tumor Suppressor from the Hit Protein Family'       Structure 5   763 ?   1997 
STRUE6 UK 0969-2126 2005 ? ?       ?                            
# 
loop_
_citation_author.citation_id 
_citation_author.name 
_citation_author.ordinal 
_citation_author.identifier_ORCID 
primary 'Lima, C.D.'        1 ? 
primary 'Klein, M.G.'       2 ? 
primary 'Hendrickson, W.A.' 3 ? 
1       'Lima, C.D.'        4 ? 
1       
;D'Amico, K.L.
;
5 ? 
1       'Naday, I.'         6 ? 
1       'Rosenbaum, G.'     7 ? 
1       'Westbrook, E.M.'   8 ? 
1       'Hendrickson, W.A.' 9 ? 
# 
loop_
_entity.id 
_entity.type 
_entity.src_method 
_entity.pdbx_description 
_entity.formula_weight 
_entity.pdbx_number_of_molecules 
_entity.pdbx_ec 
_entity.pdbx_mutation 
_entity.pdbx_fragment 
_entity.details 
1 polymer man 'FRAGILE HISTIDINE TRIAD PROTEIN' 16886.203 1  3.6.1.29 ? ? ? 
2 water   nat water                             18.015    67 ?        ? ? ? 
# 
_entity_name_com.entity_id   1 
_entity_name_com.name        FHIT 
# 
_entity_poly.entity_id                      1 
_entity_poly.type                           'polypeptide(L)' 
_entity_poly.nstd_linkage                   no 
_entity_poly.nstd_monomer                   no 
_entity_poly.pdbx_seq_one_letter_code       
;MSFRFGQHLIKPSVVFLKTELSFALVNRKPVVPGHVLVCPLRPVERFHDLRPDEVADLFQTTQRVGTVVEKHFHGTSLTF
SMQDGPEAGQTVKHVHVHVLPRKAGDFHRNDSIYEELQKHDKEDFPASWRSEEEMAAEAAALRVYFQ
;
_entity_poly.pdbx_seq_one_letter_code_can   
;MSFRFGQHLIKPSVVFLKTELSFALVNRKPVVPGHVLVCPLRPVERFHDLRPDEVADLFQTTQRVGTVVEKHFHGTSLTF
SMQDGPEAGQTVKHVHVHVLPRKAGDFHRNDSIYEELQKHDKEDFPASWRSEEEMAAEAAALRVYFQ
;
_entity_poly.pdbx_strand_id                 A 
_entity_poly.pdbx_target_identifier         ? 
# 
_pdbx_entity_nonpoly.entity_id   2 
_pdbx_entity_nonpoly.name        water 
_pdbx_entity_nonpoly.comp_id     HOH 
# 
loop_
_entity_poly_seq.entity_id 
_entity_poly_seq.num 
_entity_poly_seq.mon_id 
_entity_poly_seq.hetero 
1 1   MET n 
1 2   SER n 
1 3   PHE n 
1 4   ARG n 
1 5   PHE n 
1 6   GLY n 
1 7   GLN n 
1 8   HIS n 
1 9   LEU n 
1 10  ILE n 
1 11  LYS n 
1 12  PRO n 
1 13  SER n 
1 14  VAL n 
1 15  VAL n 
1 16  PHE n 
1 17  LEU n 
1 18  LYS n 
1 19  THR n 
1 20  GLU n 
1 21  LEU n 
1 22  SER n 
1 23  PHE n 
1 24  ALA n 
1 25  LEU n 
1 26  VAL n 
1 27  ASN n 
1 28  ARG n 
1 29  LYS n 
1 30  PRO n 
1 31  VAL n 
1 32  VAL n 
1 33  PRO n 
1 34  GLY n 
1 35  HIS n 
1 36  VAL n 
1 37  LEU n 
1 38  VAL n 
1 39  CYS n 
1 40  PRO n 
1 41  LEU n 
1 42  ARG n 
1 43  PRO n 
1 44  VAL n 
1 45  GLU n 
1 46  ARG n 
1 47  PHE n 
1 48  HIS n 
1 49  ASP n 
1 50  LEU n 
1 51  ARG n 
1 52  PRO n 
1 53  ASP n 
1 54  GLU n 
1 55  VAL n 
1 56  ALA n 
1 57  ASP n 
1 58  LEU n 
1 59  PHE n 
1 60  GLN n 
1 61  THR n 
1 62  THR n 
1 63  GLN n 
1 64  ARG n 
1 65  VAL n 
1 66  GLY n 
1 67  THR n 
1 68  VAL n 
1 69  VAL n 
1 70  GLU n 
1 71  LYS n 
1 72  HIS n 
1 73  PHE n 
1 74  HIS n 
1 75  GLY n 
1 76  THR n 
1 77  SER n 
1 78  LEU n 
1 79  THR n 
1 80  PHE n 
1 81  SER n 
1 82  MET n 
1 83  GLN n 
1 84  ASP n 
1 85  GLY n 
1 86  PRO n 
1 87  GLU n 
1 88  ALA n 
1 89  GLY n 
1 90  GLN n 
1 91  THR n 
1 92  VAL n 
1 93  LYS n 
1 94  HIS n 
1 95  VAL n 
1 96  HIS n 
1 97  VAL n 
1 98  HIS n 
1 99  VAL n 
1 100 LEU n 
1 101 PRO n 
1 102 ARG n 
1 103 LYS n 
1 104 ALA n 
1 105 GLY n 
1 106 ASP n 
1 107 PHE n 
1 108 HIS n 
1 109 ARG n 
1 110 ASN n 
1 111 ASP n 
1 112 SER n 
1 113 ILE n 
1 114 TYR n 
1 115 GLU n 
1 116 GLU n 
1 117 LEU n 
1 118 GLN n 
1 119 LYS n 
1 120 HIS n 
1 121 ASP n 
1 122 LYS n 
1 123 GLU n 
1 124 ASP n 
1 125 PHE n 
1 126 PRO n 
1 127 ALA n 
1 128 SER n 
1 129 TRP n 
1 130 ARG n 
1 131 SER n 
1 132 GLU n 
1 133 GLU n 
1 134 GLU n 
1 135 MET n 
1 136 ALA n 
1 137 ALA n 
1 138 GLU n 
1 139 ALA n 
1 140 ALA n 
1 141 ALA n 
1 142 LEU n 
1 143 ARG n 
1 144 VAL n 
1 145 TYR n 
1 146 PHE n 
1 147 GLN n 
# 
_entity_src_gen.entity_id                          1 
_entity_src_gen.pdbx_src_id                        1 
_entity_src_gen.pdbx_alt_source_flag               sample 
_entity_src_gen.pdbx_seq_type                      ? 
_entity_src_gen.pdbx_beg_seq_num                   ? 
_entity_src_gen.pdbx_end_seq_num                   ? 
_entity_src_gen.gene_src_common_name               human 
_entity_src_gen.gene_src_genus                     Homo 
_entity_src_gen.pdbx_gene_src_gene                 FHIT 
_entity_src_gen.gene_src_species                   ? 
_entity_src_gen.gene_src_strain                    ? 
_entity_src_gen.gene_src_tissue                    ? 
_entity_src_gen.gene_src_tissue_fraction           ? 
_entity_src_gen.gene_src_details                   ? 
_entity_src_gen.pdbx_gene_src_fragment             ? 
_entity_src_gen.pdbx_gene_src_scientific_name      'Homo sapiens' 
_entity_src_gen.pdbx_gene_src_ncbi_taxonomy_id     9606 
_entity_src_gen.pdbx_gene_src_variant              ? 
_entity_src_gen.pdbx_gene_src_cell_line            ? 
_entity_src_gen.pdbx_gene_src_atcc                 ? 
_entity_src_gen.pdbx_gene_src_organ                ? 
_entity_src_gen.pdbx_gene_src_organelle            ? 
_entity_src_gen.pdbx_gene_src_cell                 ? 
_entity_src_gen.pdbx_gene_src_cellular_location    ? 
_entity_src_gen.host_org_common_name               ? 
_entity_src_gen.pdbx_host_org_scientific_name      'Escherichia coli' 
_entity_src_gen.pdbx_host_org_ncbi_taxonomy_id     562 
_entity_src_gen.host_org_genus                     Escherichia 
_entity_src_gen.pdbx_host_org_gene                 FHIT 
_entity_src_gen.pdbx_host_org_organ                ? 
_entity_src_gen.host_org_species                   ? 
_entity_src_gen.pdbx_host_org_tissue               ? 
_entity_src_gen.pdbx_host_org_tissue_fraction      ? 
_entity_src_gen.pdbx_host_org_strain               DH5-ALPHA 
_entity_src_gen.pdbx_host_org_variant              ? 
_entity_src_gen.pdbx_host_org_cell_line            ? 
_entity_src_gen.pdbx_host_org_atcc                 ? 
_entity_src_gen.pdbx_host_org_culture_collection   ? 
_entity_src_gen.pdbx_host_org_cell                 ? 
_entity_src_gen.pdbx_host_org_organelle            ? 
_entity_src_gen.pdbx_host_org_cellular_location    ? 
_entity_src_gen.pdbx_host_org_vector_type          ? 
_entity_src_gen.pdbx_host_org_vector               ? 
_entity_src_gen.host_org_details                   ? 
_entity_src_gen.expression_system_id               ? 
_entity_src_gen.plasmid_name                       PGEX-2T 
_entity_src_gen.plasmid_details                    ? 
_entity_src_gen.pdbx_description                   'EXPRESSED AS FUSION PROTEIN WITH GLUTATHIONE-S-TRANSFERASE IN ESCHERICHIA COLI' 
# 
loop_
_chem_comp.id 
_chem_comp.type 
_chem_comp.mon_nstd_flag 
_chem_comp.name 
_chem_comp.pdbx_synonyms 
_chem_comp.formula 
_chem_comp.formula_weight 
ALA 'L-peptide linking' y ALANINE         ? 'C3 H7 N O2'     89.093  
ARG 'L-peptide linking' y ARGININE        ? 'C6 H15 N4 O2 1' 175.209 
ASN 'L-peptide linking' y ASPARAGINE      ? 'C4 H8 N2 O3'    132.118 
ASP 'L-peptide linking' y 'ASPARTIC ACID' ? 'C4 H7 N O4'     133.103 
CYS 'L-peptide linking' y CYSTEINE        ? 'C3 H7 N O2 S'   121.158 
GLN 'L-peptide linking' y GLUTAMINE       ? 'C5 H10 N2 O3'   146.144 
GLU 'L-peptide linking' y 'GLUTAMIC ACID' ? 'C5 H9 N O4'     147.129 
GLY 'peptide linking'   y GLYCINE         ? 'C2 H5 N O2'     75.067  
HIS 'L-peptide linking' y HISTIDINE       ? 'C6 H10 N3 O2 1' 156.162 
HOH non-polymer         . WATER           ? 'H2 O'           18.015  
ILE 'L-peptide linking' y ISOLEUCINE      ? 'C6 H13 N O2'    131.173 
LEU 'L-peptide linking' y LEUCINE         ? 'C6 H13 N O2'    131.173 
LYS 'L-peptide linking' y LYSINE          ? 'C6 H15 N2 O2 1' 147.195 
MET 'L-peptide linking' y METHIONINE      ? 'C5 H11 N O2 S'  149.211 
PHE 'L-peptide linking' y PHENYLALANINE   ? 'C9 H11 N O2'    165.189 
PRO 'L-peptide linking' y PROLINE         ? 'C5 H9 N O2'     115.130 
SER 'L-peptide linking' y SERINE          ? 'C3 H7 N O3'     105.093 
THR 'L-peptide linking' y THREONINE       ? 'C4 H9 N O3'     119.119 
TRP 'L-peptide linking' y TRYPTOPHAN      ? 'C11 H12 N2 O2'  204.225 
TYR 'L-peptide linking' y TYROSINE        ? 'C9 H11 N O3'    181.189 
VAL 'L-peptide linking' y VALINE          ? 'C5 H11 N O2'    117.146 
# 
loop_
_pdbx_poly_seq_scheme.asym_id 
_pdbx_poly_seq_scheme.entity_id 
_pdbx_poly_seq_scheme.seq_id 
_pdbx_poly_seq_scheme.mon_id 
_pdbx_poly_seq_scheme.ndb_seq_num 
_pdbx_poly_seq_scheme.pdb_seq_num 
_pdbx_poly_seq_scheme.auth_seq_num 
_pdbx_poly_seq_scheme.pdb_mon_id 
_pdbx_poly_seq_scheme.auth_mon_id 
_pdbx_poly_seq_scheme.pdb_strand_id 
_pdbx_poly_seq_scheme.pdb_ins_code 
_pdbx_poly_seq_scheme.hetero 
A 1 1   MET 1   1   ?   ?   ?   A . n 
A 1 2   SER 2   2   2   SER SER A . n 
A 1 3   PHE 3   3   3   PHE PHE A . n 
A 1 4   ARG 4   4   4   ARG ARG A . n 
A 1 5   PHE 5   5   5   PHE PHE A . n 
A 1 6   GLY 6   6   6   GLY GLY A . n 
A 1 7   GLN 7   7   7   GLN GLN A . n 
A 1 8   HIS 8   8   8   HIS HIS A . n 
A 1 9   LEU 9   9   9   LEU LEU A . n 
A 1 10  ILE 10  10  10  ILE ILE A . n 
A 1 11  LYS 11  11  11  LYS LYS A . n 
A 1 12  PRO 12  12  12  PRO PRO A . n 
A 1 13  SER 13  13  13  SER SER A . n 
A 1 14  VAL 14  14  14  VAL VAL A . n 
A 1 15  VAL 15  15  15  VAL VAL A . n 
A 1 16  PHE 16  16  16  PHE PHE A . n 
A 1 17  LEU 17  17  17  LEU LEU A . n 
A 1 18  LYS 18  18  18  LYS LYS A . n 
A 1 19  THR 19  19  19  THR THR A . n 
A 1 20  GLU 20  20  20  GLU GLU A . n 
A 1 21  LEU 21  21  21  LEU LEU A . n 
A 1 22  SER 22  22  22  SER SER A . n 
A 1 23  PHE 23  23  23  PHE PHE A . n 
A 1 24  ALA 24  24  24  ALA ALA A . n 
A 1 25  LEU 25  25  25  LEU LEU A . n 
A 1 26  VAL 26  26  26  VAL VAL A . n 
A 1 27  ASN 27  27  27  ASN ASN A . n 
A 1 28  ARG 28  28  28  ARG ARG A . n 
A 1 29  LYS 29  29  29  LYS LYS A . n 
A 1 30  PRO 30  30  30  PRO PRO A . n 
A 1 31  VAL 31  31  31  VAL VAL A . n 
A 1 32  VAL 32  32  32  VAL VAL A . n 
A 1 33  PRO 33  33  33  PRO PRO A . n 
A 1 34  GLY 34  34  34  GLY GLY A . n 
A 1 35  HIS 35  35  35  HIS HIS A . n 
A 1 36  VAL 36  36  36  VAL VAL A . n 
A 1 37  LEU 37  37  37  LEU LEU A . n 
A 1 38  VAL 38  38  38  VAL VAL A . n 
A 1 39  CYS 39  39  39  CYS CYS A . n 
A 1 40  PRO 40  40  40  PRO PRO A . n 
A 1 41  LEU 41  41  41  LEU LEU A . n 
A 1 42  ARG 42  42  42  ARG ARG A . n 
A 1 43  PRO 43  43  43  PRO PRO A . n 
A 1 44  VAL 44  44  44  VAL VAL A . n 
A 1 45  GLU 45  45  45  GLU GLU A . n 
A 1 46  ARG 46  46  46  ARG ARG A . n 
A 1 47  PHE 47  47  47  PHE PHE A . n 
A 1 48  HIS 48  48  48  HIS HIS A . n 
A 1 49  ASP 49  49  49  ASP ASP A . n 
A 1 50  LEU 50  50  50  LEU LEU A . n 
A 1 51  ARG 51  51  51  ARG ARG A . n 
A 1 52  PRO 52  52  52  PRO PRO A . n 
A 1 53  ASP 53  53  53  ASP ASP A . n 
A 1 54  GLU 54  54  54  GLU GLU A . n 
A 1 55  VAL 55  55  55  VAL VAL A . n 
A 1 56  ALA 56  56  56  ALA ALA A . n 
A 1 57  ASP 57  57  57  ASP ASP A . n 
A 1 58  LEU 58  58  58  LEU LEU A . n 
A 1 59  PHE 59  59  59  PHE PHE A . n 
A 1 60  GLN 60  60  60  GLN GLN A . n 
A 1 61  THR 61  61  61  THR THR A . n 
A 1 62  THR 62  62  62  THR THR A . n 
A 1 63  GLN 63  63  63  GLN GLN A . n 
A 1 64  ARG 64  64  64  ARG ARG A . n 
A 1 65  VAL 65  65  65  VAL VAL A . n 
A 1 66  GLY 66  66  66  GLY GLY A . n 
A 1 67  THR 67  67  67  THR THR A . n 
A 1 68  VAL 68  68  68  VAL VAL A . n 
A 1 69  VAL 69  69  69  VAL VAL A . n 
A 1 70  GLU 70  70  70  GLU GLU A . n 
A 1 71  LYS 71  71  71  LYS LYS A . n 
A 1 72  HIS 72  72  72  HIS HIS A . n 
A 1 73  PHE 73  73  73  PHE PHE A . n 
A 1 74  HIS 74  74  74  HIS HIS A . n 
A 1 75  GLY 75  75  75  GLY GLY A . n 
A 1 76  THR 76  76  76  THR THR A . n 
A 1 77  SER 77  77  77  SER SER A . n 
A 1 78  LEU 78  78  78  LEU LEU A . n 
A 1 79  THR 79  79  79  THR THR A . n 
A 1 80  PHE 80  80  80  PHE PHE A . n 
A 1 81  SER 81  81  81  SER SER A . n 
A 1 82  MET 82  82  82  MET MET A . n 
A 1 83  GLN 83  83  83  GLN GLN A . n 
A 1 84  ASP 84  84  84  ASP ASP A . n 
A 1 85  GLY 85  85  85  GLY GLY A . n 
A 1 86  PRO 86  86  86  PRO PRO A . n 
A 1 87  GLU 87  87  87  GLU GLU A . n 
A 1 88  ALA 88  88  88  ALA ALA A . n 
A 1 89  GLY 89  89  89  GLY GLY A . n 
A 1 90  GLN 90  90  90  GLN GLN A . n 
A 1 91  THR 91  91  91  THR THR A . n 
A 1 92  VAL 92  92  92  VAL VAL A . n 
A 1 93  LYS 93  93  93  LYS LYS A . n 
A 1 94  HIS 94  94  94  HIS HIS A . n 
A 1 95  VAL 95  95  95  VAL VAL A . n 
A 1 96  HIS 96  96  96  HIS HIS A . n 
A 1 97  VAL 97  97  97  VAL VAL A . n 
A 1 98  HIS 98  98  98  HIS HIS A . n 
A 1 99  VAL 99  99  99  VAL VAL A . n 
A 1 100 LEU 100 100 100 LEU LEU A . n 
A 1 101 PRO 101 101 101 PRO PRO A . n 
A 1 102 ARG 102 102 102 ARG ARG A . n 
A 1 103 LYS 103 103 103 LYS LYS A . n 
A 1 104 ALA 104 104 104 ALA ALA A . n 
A 1 105 GLY 105 105 105 GLY GLY A . n 
A 1 106 ASP 106 106 106 ASP ASP A . n 
A 1 107 PHE 107 107 107 PHE PHE A . n 
A 1 108 HIS 108 108 ?   ?   ?   A . n 
A 1 109 ARG 109 109 ?   ?   ?   A . n 
A 1 110 ASN 110 110 ?   ?   ?   A . n 
A 1 111 ASP 111 111 ?   ?   ?   A . n 
A 1 112 SER 112 112 ?   ?   ?   A . n 
A 1 113 ILE 113 113 ?   ?   ?   A . n 
A 1 114 TYR 114 114 ?   ?   ?   A . n 
A 1 115 GLU 115 115 ?   ?   ?   A . n 
A 1 116 GLU 116 116 ?   ?   ?   A . n 
A 1 117 LEU 117 117 ?   ?   ?   A . n 
A 1 118 GLN 118 118 ?   ?   ?   A . n 
A 1 119 LYS 119 119 ?   ?   ?   A . n 
A 1 120 HIS 120 120 ?   ?   ?   A . n 
A 1 121 ASP 121 121 ?   ?   ?   A . n 
A 1 122 LYS 122 122 ?   ?   ?   A . n 
A 1 123 GLU 123 123 ?   ?   ?   A . n 
A 1 124 ASP 124 124 ?   ?   ?   A . n 
A 1 125 PHE 125 125 ?   ?   ?   A . n 
A 1 126 PRO 126 126 ?   ?   ?   A . n 
A 1 127 ALA 127 127 ?   ?   ?   A . n 
A 1 128 SER 128 128 128 SER SER A . n 
A 1 129 TRP 129 129 129 TRP TRP A . n 
A 1 130 ARG 130 130 130 ARG ARG A . n 
A 1 131 SER 131 131 131 SER SER A . n 
A 1 132 GLU 132 132 132 GLU GLU A . n 
A 1 133 GLU 133 133 133 GLU GLU A . n 
A 1 134 GLU 134 134 134 GLU GLU A . n 
A 1 135 MET 135 135 135 MET MET A . n 
A 1 136 ALA 136 136 136 ALA ALA A . n 
A 1 137 ALA 137 137 137 ALA ALA A . n 
A 1 138 GLU 138 138 138 GLU GLU A . n 
A 1 139 ALA 139 139 139 ALA ALA A . n 
A 1 140 ALA 140 140 140 ALA ALA A . n 
A 1 141 ALA 141 141 141 ALA ALA A . n 
A 1 142 LEU 142 142 142 LEU LEU A . n 
A 1 143 ARG 143 143 143 ARG ARG A . n 
A 1 144 VAL 144 144 144 VAL VAL A . n 
A 1 145 TYR 145 145 145 TYR TYR A . n 
A 1 146 PHE 146 146 146 PHE PHE A . n 
A 1 147 GLN 147 147 147 GLN GLN A . n 
# 
loop_
_pdbx_nonpoly_scheme.asym_id 
_pdbx_nonpoly_scheme.entity_id 
_pdbx_nonpoly_scheme.mon_id 
_pdbx_nonpoly_scheme.ndb_seq_num 
_pdbx_nonpoly_scheme.pdb_seq_num 
_pdbx_nonpoly_scheme.auth_seq_num 
_pdbx_nonpoly_scheme.pdb_mon_id 
_pdbx_nonpoly_scheme.auth_mon_id 
_pdbx_nonpoly_scheme.pdb_strand_id 
_pdbx_nonpoly_scheme.pdb_ins_code 
B 2 HOH 1  148 1  HOH HOH A . 
B 2 HOH 2  149 2  HOH HOH A . 
B 2 HOH 3  150 3  HOH HOH A . 
B 2 HOH 4  151 4  HOH HOH A . 
B 2 HOH 5  152 5  HOH HOH A . 
B 2 HOH 6  153 6  HOH HOH A . 
B 2 HOH 7  154 7  HOH HOH A . 
B 2 HOH 8  155 8  HOH HOH A . 
B 2 HOH 9  156 9  HOH HOH A . 
B 2 HOH 10 157 10 HOH HOH A . 
B 2 HOH 11 158 11 HOH HOH A . 
B 2 HOH 12 159 12 HOH HOH A . 
B 2 HOH 13 160 13 HOH HOH A . 
B 2 HOH 14 161 14 HOH HOH A . 
B 2 HOH 15 162 15 HOH HOH A . 
B 2 HOH 16 163 16 HOH HOH A . 
B 2 HOH 17 164 17 HOH HOH A . 
B 2 HOH 18 165 18 HOH HOH A . 
B 2 HOH 19 166 19 HOH HOH A . 
B 2 HOH 20 167 20 HOH HOH A . 
B 2 HOH 21 168 21 HOH HOH A . 
B 2 HOH 22 169 22 HOH HOH A . 
B 2 HOH 23 170 23 HOH HOH A . 
B 2 HOH 24 171 24 HOH HOH A . 
B 2 HOH 25 172 25 HOH HOH A . 
B 2 HOH 26 173 26 HOH HOH A . 
B 2 HOH 27 174 27 HOH HOH A . 
B 2 HOH 28 175 28 HOH HOH A . 
B 2 HOH 29 176 29 HOH HOH A . 
B 2 HOH 30 177 30 HOH HOH A . 
B 2 HOH 31 178 31 HOH HOH A . 
B 2 HOH 32 179 32 HOH HOH A . 
B 2 HOH 33 180 33 HOH HOH A . 
B 2 HOH 34 181 34 HOH HOH A . 
B 2 HOH 35 182 35 HOH HOH A . 
B 2 HOH 36 183 36 HOH HOH A . 
B 2 HOH 37 184 37 HOH HOH A . 
B 2 HOH 38 185 38 HOH HOH A . 
B 2 HOH 39 186 39 HOH HOH A . 
B 2 HOH 40 187 40 HOH HOH A . 
B 2 HOH 41 188 41 HOH HOH A . 
B 2 HOH 42 189 42 HOH HOH A . 
B 2 HOH 43 190 43 HOH HOH A . 
B 2 HOH 44 191 44 HOH HOH A . 
B 2 HOH 45 192 45 HOH HOH A . 
B 2 HOH 46 193 46 HOH HOH A . 
B 2 HOH 47 194 47 HOH HOH A . 
B 2 HOH 48 195 48 HOH HOH A . 
B 2 HOH 49 196 49 HOH HOH A . 
B 2 HOH 50 197 50 HOH HOH A . 
B 2 HOH 51 198 51 HOH HOH A . 
B 2 HOH 52 199 52 HOH HOH A . 
B 2 HOH 53 200 53 HOH HOH A . 
B 2 HOH 54 201 54 HOH HOH A . 
B 2 HOH 55 202 55 HOH HOH A . 
B 2 HOH 56 203 56 HOH HOH A . 
B 2 HOH 57 204 57 HOH HOH A . 
B 2 HOH 58 205 58 HOH HOH A . 
B 2 HOH 59 206 59 HOH HOH A . 
B 2 HOH 60 207 60 HOH HOH A . 
B 2 HOH 61 208 61 HOH HOH A . 
B 2 HOH 62 209 62 HOH HOH A . 
B 2 HOH 63 210 63 HOH HOH A . 
B 2 HOH 64 211 64 HOH HOH A . 
B 2 HOH 65 212 65 HOH HOH A . 
B 2 HOH 66 213 66 HOH HOH A . 
B 2 HOH 67 214 67 HOH HOH A . 
# 
loop_
_pdbx_unobs_or_zero_occ_atoms.id 
_pdbx_unobs_or_zero_occ_atoms.PDB_model_num 
_pdbx_unobs_or_zero_occ_atoms.polymer_flag 
_pdbx_unobs_or_zero_occ_atoms.occupancy_flag 
_pdbx_unobs_or_zero_occ_atoms.auth_asym_id 
_pdbx_unobs_or_zero_occ_atoms.auth_comp_id 
_pdbx_unobs_or_zero_occ_atoms.auth_seq_id 
_pdbx_unobs_or_zero_occ_atoms.PDB_ins_code 
_pdbx_unobs_or_zero_occ_atoms.auth_atom_id 
_pdbx_unobs_or_zero_occ_atoms.label_alt_id 
_pdbx_unobs_or_zero_occ_atoms.label_asym_id 
_pdbx_unobs_or_zero_occ_atoms.label_comp_id 
_pdbx_unobs_or_zero_occ_atoms.label_seq_id 
_pdbx_unobs_or_zero_occ_atoms.label_atom_id 
1  1 Y 1 A SER 2   ? CB  ? A SER 2   CB  
2  1 Y 1 A SER 2   ? OG  ? A SER 2   OG  
3  1 Y 1 A PHE 107 ? CG  ? A PHE 107 CG  
4  1 Y 1 A PHE 107 ? CD1 ? A PHE 107 CD1 
5  1 Y 1 A PHE 107 ? CD2 ? A PHE 107 CD2 
6  1 Y 1 A PHE 107 ? CE1 ? A PHE 107 CE1 
7  1 Y 1 A PHE 107 ? CE2 ? A PHE 107 CE2 
8  1 Y 1 A PHE 107 ? CZ  ? A PHE 107 CZ  
9  1 Y 1 A SER 128 ? CB  ? A SER 128 CB  
10 1 Y 1 A SER 128 ? OG  ? A SER 128 OG  
11 1 Y 1 A TRP 129 ? CG  ? A TRP 129 CG  
12 1 Y 1 A TRP 129 ? CD1 ? A TRP 129 CD1 
13 1 Y 1 A TRP 129 ? CD2 ? A TRP 129 CD2 
14 1 Y 1 A TRP 129 ? NE1 ? A TRP 129 NE1 
15 1 Y 1 A TRP 129 ? CE2 ? A TRP 129 CE2 
16 1 Y 1 A TRP 129 ? CE3 ? A TRP 129 CE3 
17 1 Y 1 A TRP 129 ? CZ2 ? A TRP 129 CZ2 
18 1 Y 1 A TRP 129 ? CZ3 ? A TRP 129 CZ3 
19 1 Y 1 A TRP 129 ? CH2 ? A TRP 129 CH2 
20 1 Y 1 A GLN 147 ? CB  ? A GLN 147 CB  
21 1 Y 1 A GLN 147 ? CG  ? A GLN 147 CG  
22 1 Y 1 A GLN 147 ? CD  ? A GLN 147 CD  
23 1 Y 1 A GLN 147 ? OE1 ? A GLN 147 OE1 
24 1 Y 1 A GLN 147 ? NE2 ? A GLN 147 NE2 
# 
loop_
_software.name 
_software.classification 
_software.version 
_software.citation_id 
_software.pdbx_ordinal 
X-PLOR    'model building' 3.1 ? 1 
X-PLOR    refinement       3.1 ? 2 
DENZO     'data reduction' .   ? 3 
SCALEPACK 'data scaling'   .   ? 4 
X-PLOR    phasing          3.1 ? 5 
# 
_cell.entry_id           4FIT 
_cell.length_a           50.500 
_cell.length_b           50.500 
_cell.length_c           268.900 
_cell.angle_alpha        90.00 
_cell.angle_beta         90.00 
_cell.angle_gamma        120.00 
_cell.Z_PDB              12 
_cell.pdbx_unique_axis   ? 
# 
_symmetry.entry_id                         4FIT 
_symmetry.space_group_name_H-M             'P 61 2 2' 
_symmetry.pdbx_full_space_group_name_H-M   ? 
_symmetry.cell_setting                     ? 
_symmetry.Int_Tables_number                178 
# 
_exptl.entry_id          4FIT 
_exptl.method            'X-RAY DIFFRACTION' 
_exptl.crystals_number   1 
# 
_exptl_crystal.id                    1 
_exptl_crystal.density_meas          ? 
_exptl_crystal.density_Matthews      2.93 
_exptl_crystal.density_percent_sol   58.01 
_exptl_crystal.description           ? 
# 
_exptl_crystal_grow.crystal_id      1 
_exptl_crystal_grow.method          ? 
_exptl_crystal_grow.temp            ? 
_exptl_crystal_grow.temp_details    ? 
_exptl_crystal_grow.pH              6.5 
_exptl_crystal_grow.pdbx_pH_range   ? 
_exptl_crystal_grow.pdbx_details    'GROWN FROM AMMONIUM SULFATE, PH 6.5' 
# 
_diffrn.id                     1 
_diffrn.ambient_temp           110 
_diffrn.ambient_temp_details   ? 
_diffrn.crystal_id             1 
# 
_diffrn_detector.diffrn_id              1 
_diffrn_detector.detector               'IMAGE PLATE' 
_diffrn_detector.type                   RIGAKU 
_diffrn_detector.pdbx_collection_date   1996-12-16 
_diffrn_detector.details                ? 
# 
_diffrn_radiation.diffrn_id                        1 
_diffrn_radiation.wavelength_id                    1 
_diffrn_radiation.pdbx_monochromatic_or_laue_m_l   M 
_diffrn_radiation.monochromator                    ? 
_diffrn_radiation.pdbx_diffrn_protocol             ? 
_diffrn_radiation.pdbx_scattering_type             x-ray 
# 
_diffrn_radiation_wavelength.id           1 
_diffrn_radiation_wavelength.wavelength   1.5418 
_diffrn_radiation_wavelength.wt           1.0 
# 
_diffrn_source.diffrn_id                   1 
_diffrn_source.source                      ? 
_diffrn_source.type                        ? 
_diffrn_source.pdbx_synchrotron_site       ? 
_diffrn_source.pdbx_synchrotron_beamline   ? 
_diffrn_source.pdbx_wavelength             1.5418 
_diffrn_source.pdbx_wavelength_list        ? 
# 
_reflns.entry_id                     4FIT 
_reflns.observed_criterion_sigma_I   2. 
_reflns.observed_criterion_sigma_F   ? 
_reflns.d_resolution_low             20.0 
_reflns.d_resolution_high            2.3 
_reflns.number_obs                   16062 
_reflns.number_all                   ? 
_reflns.percent_possible_obs         94.6 
_reflns.pdbx_Rmerge_I_obs            0.0760000 
_reflns.pdbx_Rsym_value              ? 
_reflns.pdbx_netI_over_sigmaI        ? 
_reflns.B_iso_Wilson_estimate        ? 
_reflns.pdbx_redundancy              8.0 
_reflns.pdbx_diffrn_id               1 
_reflns.pdbx_ordinal                 1 
# 
_refine.entry_id                                 4FIT 
_refine.ls_number_reflns_obs                     12031 
_refine.ls_number_reflns_all                     ? 
_refine.pdbx_ls_sigma_I                          ? 
_refine.pdbx_ls_sigma_F                          2. 
_refine.pdbx_data_cutoff_high_absF               100000. 
_refine.pdbx_data_cutoff_low_absF                0.1 
_refine.pdbx_data_cutoff_high_rms_absF           ? 
_refine.ls_d_res_low                             8. 
_refine.ls_d_res_high                            2.5 
_refine.ls_percent_reflns_obs                    97.3 
_refine.ls_R_factor_obs                          0.2160000 
_refine.ls_R_factor_all                          ? 
_refine.ls_R_factor_R_work                       0.2160000 
_refine.ls_R_factor_R_free                       0.2510000 
_refine.ls_R_factor_R_free_error                 ? 
_refine.ls_R_factor_R_free_error_details         ? 
_refine.ls_percent_reflns_R_free                 5.00 
_refine.ls_number_reflns_R_free                  ? 
_refine.ls_number_parameters                     ? 
_refine.ls_number_restraints                     ? 
_refine.occupancy_min                            ? 
_refine.occupancy_max                            ? 
_refine.B_iso_mean                               29.3 
_refine.aniso_B[1][1]                            ? 
_refine.aniso_B[2][2]                            ? 
_refine.aniso_B[3][3]                            ? 
_refine.aniso_B[1][2]                            ? 
_refine.aniso_B[1][3]                            ? 
_refine.aniso_B[2][3]                            ? 
_refine.solvent_model_details                    ? 
_refine.solvent_model_param_ksol                 ? 
_refine.solvent_model_param_bsol                 ? 
_refine.pdbx_ls_cross_valid_method               ? 
_refine.details                                  ? 
_refine.pdbx_starting_model                      ? 
_refine.pdbx_method_to_determine_struct          ? 
_refine.pdbx_isotropic_thermal_model             ? 
_refine.pdbx_stereochemistry_target_values       ? 
_refine.pdbx_stereochem_target_val_spec_case     ? 
_refine.pdbx_R_Free_selection_details            ? 
_refine.pdbx_overall_ESU_R                       ? 
_refine.pdbx_overall_ESU_R_Free                  ? 
_refine.overall_SU_ML                            ? 
_refine.overall_SU_B                             ? 
_refine.pdbx_refine_id                           'X-RAY DIFFRACTION' 
_refine.pdbx_diffrn_id                           1 
_refine.pdbx_TLS_residual_ADP_flag               ? 
_refine.correlation_coeff_Fo_to_Fc               ? 
_refine.correlation_coeff_Fo_to_Fc_free          ? 
_refine.pdbx_solvent_vdw_probe_radii             ? 
_refine.pdbx_solvent_ion_probe_radii             ? 
_refine.pdbx_solvent_shrinkage_radii             ? 
_refine.pdbx_overall_phase_error                 ? 
_refine.overall_SU_R_Cruickshank_DPI             ? 
_refine.pdbx_overall_SU_R_free_Cruickshank_DPI   ? 
_refine.pdbx_overall_SU_R_Blow_DPI               ? 
_refine.pdbx_overall_SU_R_free_Blow_DPI          ? 
# 
_refine_hist.pdbx_refine_id                   'X-RAY DIFFRACTION' 
_refine_hist.cycle_id                         LAST 
_refine_hist.pdbx_number_atoms_protein        987 
_refine_hist.pdbx_number_atoms_nucleic_acid   0 
_refine_hist.pdbx_number_atoms_ligand         0 
_refine_hist.number_atoms_solvent             67 
_refine_hist.number_atoms_total               1054 
_refine_hist.d_res_high                       2.5 
_refine_hist.d_res_low                        8. 
# 
loop_
_refine_ls_restr.type 
_refine_ls_restr.dev_ideal 
_refine_ls_restr.dev_ideal_target 
_refine_ls_restr.weight 
_refine_ls_restr.number 
_refine_ls_restr.pdbx_refine_id 
_refine_ls_restr.pdbx_restraint_function 
x_bond_d                0.017 ? ? ? 'X-RAY DIFFRACTION' ? 
x_bond_d_na             ?     ? ? ? 'X-RAY DIFFRACTION' ? 
x_bond_d_prot           ?     ? ? ? 'X-RAY DIFFRACTION' ? 
x_angle_d               ?     ? ? ? 'X-RAY DIFFRACTION' ? 
x_angle_d_na            ?     ? ? ? 'X-RAY DIFFRACTION' ? 
x_angle_d_prot          ?     ? ? ? 'X-RAY DIFFRACTION' ? 
x_angle_deg             2.040 ? ? ? 'X-RAY DIFFRACTION' ? 
x_angle_deg_na          ?     ? ? ? 'X-RAY DIFFRACTION' ? 
x_angle_deg_prot        ?     ? ? ? 'X-RAY DIFFRACTION' ? 
x_dihedral_angle_d      25.78 ? ? ? 'X-RAY DIFFRACTION' ? 
x_dihedral_angle_d_na   ?     ? ? ? 'X-RAY DIFFRACTION' ? 
x_dihedral_angle_d_prot ?     ? ? ? 'X-RAY DIFFRACTION' ? 
x_improper_angle_d      1.827 ? ? ? 'X-RAY DIFFRACTION' ? 
x_improper_angle_d_na   ?     ? ? ? 'X-RAY DIFFRACTION' ? 
x_improper_angle_d_prot ?     ? ? ? 'X-RAY DIFFRACTION' ? 
x_mcbond_it             ?     ? ? ? 'X-RAY DIFFRACTION' ? 
x_mcangle_it            ?     ? ? ? 'X-RAY DIFFRACTION' ? 
x_scbond_it             ?     ? ? ? 'X-RAY DIFFRACTION' ? 
x_scangle_it            ?     ? ? ? 'X-RAY DIFFRACTION' ? 
# 
_struct.entry_id                  4FIT 
_struct.title                     FHIT-APO 
_struct.pdbx_model_details        ? 
_struct.pdbx_CASP_flag            ? 
_struct.pdbx_model_type_details   ? 
# 
_struct_keywords.entry_id        4FIT 
_struct_keywords.pdbx_keywords   HYDROLASE 
_struct_keywords.text            
;HYDROLASE, FRAGILE HISTIDINE TRIAD PROTEIN, FHIT, PUTATIVE TUMOR SUPPRESSOR, HIT PROTEIN FAMILY, HISTIDINE TRIAD PROTEIN FAMILY, NUCLEOTIDYL HYDROLASE, NUCLEOTIDYL TRANSFERASE
;
# 
loop_
_struct_asym.id 
_struct_asym.pdbx_blank_PDB_chainid_flag 
_struct_asym.pdbx_modified 
_struct_asym.entity_id 
_struct_asym.details 
A N N 1 ? 
B N N 2 ? 
# 
_struct_ref.id                         1 
_struct_ref.db_name                    UNP 
_struct_ref.db_code                    FHIT_HUMAN 
_struct_ref.entity_id                  1 
_struct_ref.pdbx_db_accession          P49789 
_struct_ref.pdbx_align_begin           1 
_struct_ref.pdbx_seq_one_letter_code   
;MSFRFGQHLIKPSVVFLKTELSFALVNRKPVVPGHVLVCPLRPVERFHDLRPDEVADLFQTTQRVGTVVEKHFHGTSLTF
SMQDGPEAGQTVKHVHVHVLPRKAGDFHRNDSIYEELQKHDKEDFPASWRSEEEMAAEAAALRVYFQ
;
_struct_ref.pdbx_db_isoform            ? 
# 
_struct_ref_seq.align_id                      1 
_struct_ref_seq.ref_id                        1 
_struct_ref_seq.pdbx_PDB_id_code              4FIT 
_struct_ref_seq.pdbx_strand_id                A 
_struct_ref_seq.seq_align_beg                 1 
_struct_ref_seq.pdbx_seq_align_beg_ins_code   ? 
_struct_ref_seq.seq_align_end                 147 
_struct_ref_seq.pdbx_seq_align_end_ins_code   ? 
_struct_ref_seq.pdbx_db_accession             P49789 
_struct_ref_seq.db_align_beg                  1 
_struct_ref_seq.pdbx_db_align_beg_ins_code    ? 
_struct_ref_seq.db_align_end                  147 
_struct_ref_seq.pdbx_db_align_end_ins_code    ? 
_struct_ref_seq.pdbx_auth_seq_align_beg       1 
_struct_ref_seq.pdbx_auth_seq_align_end       147 
# 
_pdbx_struct_assembly.id                   1 
_pdbx_struct_assembly.details              author_defined_assembly 
_pdbx_struct_assembly.method_details       ? 
_pdbx_struct_assembly.oligomeric_details   dimeric 
_pdbx_struct_assembly.oligomeric_count     2 
# 
_pdbx_struct_assembly_gen.assembly_id       1 
_pdbx_struct_assembly_gen.oper_expression   1,2 
_pdbx_struct_assembly_gen.asym_id_list      A,B 
# 
loop_
_pdbx_struct_oper_list.id 
_pdbx_struct_oper_list.type 
_pdbx_struct_oper_list.name 
_pdbx_struct_oper_list.symmetry_operation 
_pdbx_struct_oper_list.matrix[1][1] 
_pdbx_struct_oper_list.matrix[1][2] 
_pdbx_struct_oper_list.matrix[1][3] 
_pdbx_struct_oper_list.vector[1] 
_pdbx_struct_oper_list.matrix[2][1] 
_pdbx_struct_oper_list.matrix[2][2] 
_pdbx_struct_oper_list.matrix[2][3] 
_pdbx_struct_oper_list.vector[2] 
_pdbx_struct_oper_list.matrix[3][1] 
_pdbx_struct_oper_list.matrix[3][2] 
_pdbx_struct_oper_list.matrix[3][3] 
_pdbx_struct_oper_list.vector[3] 
1 'identity operation'         1_555  x,y,z        1.0000000000 0.0000000000  0.0000000000  0.0000000000  0.0000000000  1.0000000000  0.0000000000 0.0000000000  0.0000000000  0.0000000000 1.0000000000  0.0000000000   
2 'crystal symmetry operation' 12_555 x,x-y,-z+1/6 0.9554766813 -0.1895269476 -0.2261500554 -3.3324553437 -0.1895269476 -0.9816308401 0.0219187117 -9.3416877208 -0.2261500554 0.0219187117 -0.9738458413 -20.9862303474 
# 
_struct_biol.id   1 
# 
loop_
_struct_conf.conf_type_id 
_struct_conf.id 
_struct_conf.pdbx_PDB_helix_id 
_struct_conf.beg_label_comp_id 
_struct_conf.beg_label_asym_id 
_struct_conf.beg_label_seq_id 
_struct_conf.pdbx_beg_PDB_ins_code 
_struct_conf.end_label_comp_id 
_struct_conf.end_label_asym_id 
_struct_conf.end_label_seq_id 
_struct_conf.pdbx_end_PDB_ins_code 
_struct_conf.beg_auth_comp_id 
_struct_conf.beg_auth_asym_id 
_struct_conf.beg_auth_seq_id 
_struct_conf.end_auth_comp_id 
_struct_conf.end_auth_asym_id 
_struct_conf.end_auth_seq_id 
_struct_conf.pdbx_PDB_helix_class 
_struct_conf.details 
_struct_conf.pdbx_PDB_helix_length 
HELX_P HELX_P1 1 PRO A 12  ? VAL A 14  ? PRO A 12  VAL A 14  5 ? 3  
HELX_P HELX_P2 2 PHE A 47  ? ASP A 49  ? PHE A 47  ASP A 49  5 ? 3  
HELX_P HELX_P3 3 PRO A 52  ? HIS A 72  ? PRO A 52  HIS A 72  1 ? 21 
HELX_P HELX_P4 4 PRO A 86  ? ALA A 88  ? PRO A 86  ALA A 88  5 ? 3  
HELX_P HELX_P5 5 GLU A 132 ? TYR A 145 ? GLU A 132 TYR A 145 1 ? 14 
# 
_struct_conf_type.id          HELX_P 
_struct_conf_type.criteria    ? 
_struct_conf_type.reference   ? 
# 
_struct_sheet.id               A 
_struct_sheet.type             ? 
_struct_sheet.number_strands   5 
_struct_sheet.details          ? 
# 
loop_
_struct_sheet_order.sheet_id 
_struct_sheet_order.range_id_1 
_struct_sheet_order.range_id_2 
_struct_sheet_order.offset 
_struct_sheet_order.sense 
A 1 2 ? anti-parallel 
A 2 3 ? anti-parallel 
A 3 4 ? anti-parallel 
A 4 5 ? anti-parallel 
# 
loop_
_struct_sheet_range.sheet_id 
_struct_sheet_range.id 
_struct_sheet_range.beg_label_comp_id 
_struct_sheet_range.beg_label_asym_id 
_struct_sheet_range.beg_label_seq_id 
_struct_sheet_range.pdbx_beg_PDB_ins_code 
_struct_sheet_range.end_label_comp_id 
_struct_sheet_range.end_label_asym_id 
_struct_sheet_range.end_label_seq_id 
_struct_sheet_range.pdbx_end_PDB_ins_code 
_struct_sheet_range.beg_auth_comp_id 
_struct_sheet_range.beg_auth_asym_id 
_struct_sheet_range.beg_auth_seq_id 
_struct_sheet_range.end_auth_comp_id 
_struct_sheet_range.end_auth_asym_id 
_struct_sheet_range.end_auth_seq_id 
A 1 SER A 77 ? MET A 82  ? SER A 77 MET A 82  
A 2 HIS A 96 ? ARG A 102 ? HIS A 96 ARG A 102 
A 3 VAL A 36 ? PRO A 40  ? VAL A 36 PRO A 40  
A 4 SER A 22 ? VAL A 26  ? SER A 22 VAL A 26  
A 5 VAL A 15 ? LYS A 18  ? VAL A 15 LYS A 18  
# 
loop_
_pdbx_struct_sheet_hbond.sheet_id 
_pdbx_struct_sheet_hbond.range_id_1 
_pdbx_struct_sheet_hbond.range_id_2 
_pdbx_struct_sheet_hbond.range_1_label_atom_id 
_pdbx_struct_sheet_hbond.range_1_label_comp_id 
_pdbx_struct_sheet_hbond.range_1_label_asym_id 
_pdbx_struct_sheet_hbond.range_1_label_seq_id 
_pdbx_struct_sheet_hbond.range_1_PDB_ins_code 
_pdbx_struct_sheet_hbond.range_1_auth_atom_id 
_pdbx_struct_sheet_hbond.range_1_auth_comp_id 
_pdbx_struct_sheet_hbond.range_1_auth_asym_id 
_pdbx_struct_sheet_hbond.range_1_auth_seq_id 
_pdbx_struct_sheet_hbond.range_2_label_atom_id 
_pdbx_struct_sheet_hbond.range_2_label_comp_id 
_pdbx_struct_sheet_hbond.range_2_label_asym_id 
_pdbx_struct_sheet_hbond.range_2_label_seq_id 
_pdbx_struct_sheet_hbond.range_2_PDB_ins_code 
_pdbx_struct_sheet_hbond.range_2_auth_atom_id 
_pdbx_struct_sheet_hbond.range_2_auth_comp_id 
_pdbx_struct_sheet_hbond.range_2_auth_asym_id 
_pdbx_struct_sheet_hbond.range_2_auth_seq_id 
A 1 2 O SER A 77 ? O SER A 77 N ARG A 102 ? N ARG A 102 
A 2 3 O VAL A 97 ? O VAL A 97 N VAL A 38  ? N VAL A 38  
A 3 4 O LEU A 37 ? O LEU A 37 N LEU A 25  ? N LEU A 25  
A 4 5 O ALA A 24 ? O ALA A 24 N LEU A 17  ? N LEU A 17  
# 
loop_
_struct_site.id 
_struct_site.pdbx_evidence_code 
_struct_site.pdbx_auth_asym_id 
_struct_site.pdbx_auth_comp_id 
_struct_site.pdbx_auth_seq_id 
_struct_site.pdbx_auth_ins_code 
_struct_site.pdbx_num_residues 
_struct_site.details 
HNE Unknown ? ? ? ? 3 'HISTIDINE TRIAD FOR WHICH THIS FAMILY WAS NAMED.' 
AVE Unknown ? ? ? ? 1 
'ACTIVE SITE HISTIDINE RESPONSIBLE FOR FORMING THE TRANSIENT NUCLEOTIDYL PHOSPHOHISTIDYL ENZYME INTERMEDIATE DURING CATALYSIS.' 
# 
loop_
_struct_site_gen.id 
_struct_site_gen.site_id 
_struct_site_gen.pdbx_num_res 
_struct_site_gen.label_comp_id 
_struct_site_gen.label_asym_id 
_struct_site_gen.label_seq_id 
_struct_site_gen.pdbx_auth_ins_code 
_struct_site_gen.auth_comp_id 
_struct_site_gen.auth_asym_id 
_struct_site_gen.auth_seq_id 
_struct_site_gen.label_atom_id 
_struct_site_gen.label_alt_id 
_struct_site_gen.symmetry 
_struct_site_gen.details 
1 HNE 3 HIS A 35 ? HIS A 35 . ? 1_555 ? 
2 HNE 3 HIS A 96 ? HIS A 96 . ? 1_555 ? 
3 HNE 3 HIS A 98 ? HIS A 98 . ? 1_555 ? 
4 AVE 1 HIS A 96 ? HIS A 96 . ? 1_555 ? 
# 
loop_
_pdbx_validate_torsion.id 
_pdbx_validate_torsion.PDB_model_num 
_pdbx_validate_torsion.auth_comp_id 
_pdbx_validate_torsion.auth_asym_id 
_pdbx_validate_torsion.auth_seq_id 
_pdbx_validate_torsion.PDB_ins_code 
_pdbx_validate_torsion.label_alt_id 
_pdbx_validate_torsion.phi 
_pdbx_validate_torsion.psi 
1 1 THR A 19  ? ? -107.22 -159.33 
2 1 LYS A 29  ? ? -152.23 69.69   
3 1 THR A 91  ? ? -81.28  -80.29  
4 1 TRP A 129 ? ? 163.69  124.56  
# 
loop_
_pdbx_unobs_or_zero_occ_residues.id 
_pdbx_unobs_or_zero_occ_residues.PDB_model_num 
_pdbx_unobs_or_zero_occ_residues.polymer_flag 
_pdbx_unobs_or_zero_occ_residues.occupancy_flag 
_pdbx_unobs_or_zero_occ_residues.auth_asym_id 
_pdbx_unobs_or_zero_occ_residues.auth_comp_id 
_pdbx_unobs_or_zero_occ_residues.auth_seq_id 
_pdbx_unobs_or_zero_occ_residues.PDB_ins_code 
_pdbx_unobs_or_zero_occ_residues.label_asym_id 
_pdbx_unobs_or_zero_occ_residues.label_comp_id 
_pdbx_unobs_or_zero_occ_residues.label_seq_id 
1  1 Y 1 A MET 1   ? A MET 1   
2  1 Y 1 A HIS 108 ? A HIS 108 
3  1 Y 1 A ARG 109 ? A ARG 109 
4  1 Y 1 A ASN 110 ? A ASN 110 
5  1 Y 1 A ASP 111 ? A ASP 111 
6  1 Y 1 A SER 112 ? A SER 112 
7  1 Y 1 A ILE 113 ? A ILE 113 
8  1 Y 1 A TYR 114 ? A TYR 114 
9  1 Y 1 A GLU 115 ? A GLU 115 
10 1 Y 1 A GLU 116 ? A GLU 116 
11 1 Y 1 A LEU 117 ? A LEU 117 
12 1 Y 1 A GLN 118 ? A GLN 118 
13 1 Y 1 A LYS 119 ? A LYS 119 
14 1 Y 1 A HIS 120 ? A HIS 120 
15 1 Y 1 A ASP 121 ? A ASP 121 
16 1 Y 1 A LYS 122 ? A LYS 122 
17 1 Y 1 A GLU 123 ? A GLU 123 
18 1 Y 1 A ASP 124 ? A ASP 124 
19 1 Y 1 A PHE 125 ? A PHE 125 
20 1 Y 1 A PRO 126 ? A PRO 126 
21 1 Y 1 A ALA 127 ? A ALA 127 
# 
loop_
_chem_comp_atom.comp_id 
_chem_comp_atom.atom_id 
_chem_comp_atom.type_symbol 
_chem_comp_atom.pdbx_aromatic_flag 
_chem_comp_atom.pdbx_stereo_config 
_chem_comp_atom.pdbx_ordinal 
ALA N    N N N 1   
ALA CA   C N S 2   
ALA C    C N N 3   
ALA O    O N N 4   
ALA CB   C N N 5   
ALA OXT  O N N 6   
ALA H    H N N 7   
ALA H2   H N N 8   
ALA HA   H N N 9   
ALA HB1  H N N 10  
ALA HB2  H N N 11  
ALA HB3  H N N 12  
ALA HXT  H N N 13  
ARG N    N N N 14  
ARG CA   C N S 15  
ARG C    C N N 16  
ARG O    O N N 17  
ARG CB   C N N 18  
ARG CG   C N N 19  
ARG CD   C N N 20  
ARG NE   N N N 21  
ARG CZ   C N N 22  
ARG NH1  N N N 23  
ARG NH2  N N N 24  
ARG OXT  O N N 25  
ARG H    H N N 26  
ARG H2   H N N 27  
ARG HA   H N N 28  
ARG HB2  H N N 29  
ARG HB3  H N N 30  
ARG HG2  H N N 31  
ARG HG3  H N N 32  
ARG HD2  H N N 33  
ARG HD3  H N N 34  
ARG HE   H N N 35  
ARG HH11 H N N 36  
ARG HH12 H N N 37  
ARG HH21 H N N 38  
ARG HH22 H N N 39  
ARG HXT  H N N 40  
ASN N    N N N 41  
ASN CA   C N S 42  
ASN C    C N N 43  
ASN O    O N N 44  
ASN CB   C N N 45  
ASN CG   C N N 46  
ASN OD1  O N N 47  
ASN ND2  N N N 48  
ASN OXT  O N N 49  
ASN H    H N N 50  
ASN H2   H N N 51  
ASN HA   H N N 52  
ASN HB2  H N N 53  
ASN HB3  H N N 54  
ASN HD21 H N N 55  
ASN HD22 H N N 56  
ASN HXT  H N N 57  
ASP N    N N N 58  
ASP CA   C N S 59  
ASP C    C N N 60  
ASP O    O N N 61  
ASP CB   C N N 62  
ASP CG   C N N 63  
ASP OD1  O N N 64  
ASP OD2  O N N 65  
ASP OXT  O N N 66  
ASP H    H N N 67  
ASP H2   H N N 68  
ASP HA   H N N 69  
ASP HB2  H N N 70  
ASP HB3  H N N 71  
ASP HD2  H N N 72  
ASP HXT  H N N 73  
CYS N    N N N 74  
CYS CA   C N R 75  
CYS C    C N N 76  
CYS O    O N N 77  
CYS CB   C N N 78  
CYS SG   S N N 79  
CYS OXT  O N N 80  
CYS H    H N N 81  
CYS H2   H N N 82  
CYS HA   H N N 83  
CYS HB2  H N N 84  
CYS HB3  H N N 85  
CYS HG   H N N 86  
CYS HXT  H N N 87  
GLN N    N N N 88  
GLN CA   C N S 89  
GLN C    C N N 90  
GLN O    O N N 91  
GLN CB   C N N 92  
GLN CG   C N N 93  
GLN CD   C N N 94  
GLN OE1  O N N 95  
GLN NE2  N N N 96  
GLN OXT  O N N 97  
GLN H    H N N 98  
GLN H2   H N N 99  
GLN HA   H N N 100 
GLN HB2  H N N 101 
GLN HB3  H N N 102 
GLN HG2  H N N 103 
GLN HG3  H N N 104 
GLN HE21 H N N 105 
GLN HE22 H N N 106 
GLN HXT  H N N 107 
GLU N    N N N 108 
GLU CA   C N S 109 
GLU C    C N N 110 
GLU O    O N N 111 
GLU CB   C N N 112 
GLU CG   C N N 113 
GLU CD   C N N 114 
GLU OE1  O N N 115 
GLU OE2  O N N 116 
GLU OXT  O N N 117 
GLU H    H N N 118 
GLU H2   H N N 119 
GLU HA   H N N 120 
GLU HB2  H N N 121 
GLU HB3  H N N 122 
GLU HG2  H N N 123 
GLU HG3  H N N 124 
GLU HE2  H N N 125 
GLU HXT  H N N 126 
GLY N    N N N 127 
GLY CA   C N N 128 
GLY C    C N N 129 
GLY O    O N N 130 
GLY OXT  O N N 131 
GLY H    H N N 132 
GLY H2   H N N 133 
GLY HA2  H N N 134 
GLY HA3  H N N 135 
GLY HXT  H N N 136 
HIS N    N N N 137 
HIS CA   C N S 138 
HIS C    C N N 139 
HIS O    O N N 140 
HIS CB   C N N 141 
HIS CG   C Y N 142 
HIS ND1  N Y N 143 
HIS CD2  C Y N 144 
HIS CE1  C Y N 145 
HIS NE2  N Y N 146 
HIS OXT  O N N 147 
HIS H    H N N 148 
HIS H2   H N N 149 
HIS HA   H N N 150 
HIS HB2  H N N 151 
HIS HB3  H N N 152 
HIS HD1  H N N 153 
HIS HD2  H N N 154 
HIS HE1  H N N 155 
HIS HE2  H N N 156 
HIS HXT  H N N 157 
HOH O    O N N 158 
HOH H1   H N N 159 
HOH H2   H N N 160 
ILE N    N N N 161 
ILE CA   C N S 162 
ILE C    C N N 163 
ILE O    O N N 164 
ILE CB   C N S 165 
ILE CG1  C N N 166 
ILE CG2  C N N 167 
ILE CD1  C N N 168 
ILE OXT  O N N 169 
ILE H    H N N 170 
ILE H2   H N N 171 
ILE HA   H N N 172 
ILE HB   H N N 173 
ILE HG12 H N N 174 
ILE HG13 H N N 175 
ILE HG21 H N N 176 
ILE HG22 H N N 177 
ILE HG23 H N N 178 
ILE HD11 H N N 179 
ILE HD12 H N N 180 
ILE HD13 H N N 181 
ILE HXT  H N N 182 
LEU N    N N N 183 
LEU CA   C N S 184 
LEU C    C N N 185 
LEU O    O N N 186 
LEU CB   C N N 187 
LEU CG   C N N 188 
LEU CD1  C N N 189 
LEU CD2  C N N 190 
LEU OXT  O N N 191 
LEU H    H N N 192 
LEU H2   H N N 193 
LEU HA   H N N 194 
LEU HB2  H N N 195 
LEU HB3  H N N 196 
LEU HG   H N N 197 
LEU HD11 H N N 198 
LEU HD12 H N N 199 
LEU HD13 H N N 200 
LEU HD21 H N N 201 
LEU HD22 H N N 202 
LEU HD23 H N N 203 
LEU HXT  H N N 204 
LYS N    N N N 205 
LYS CA   C N S 206 
LYS C    C N N 207 
LYS O    O N N 208 
LYS CB   C N N 209 
LYS CG   C N N 210 
LYS CD   C N N 211 
LYS CE   C N N 212 
LYS NZ   N N N 213 
LYS OXT  O N N 214 
LYS H    H N N 215 
LYS H2   H N N 216 
LYS HA   H N N 217 
LYS HB2  H N N 218 
LYS HB3  H N N 219 
LYS HG2  H N N 220 
LYS HG3  H N N 221 
LYS HD2  H N N 222 
LYS HD3  H N N 223 
LYS HE2  H N N 224 
LYS HE3  H N N 225 
LYS HZ1  H N N 226 
LYS HZ2  H N N 227 
LYS HZ3  H N N 228 
LYS HXT  H N N 229 
MET N    N N N 230 
MET CA   C N S 231 
MET C    C N N 232 
MET O    O N N 233 
MET CB   C N N 234 
MET CG   C N N 235 
MET SD   S N N 236 
MET CE   C N N 237 
MET OXT  O N N 238 
MET H    H N N 239 
MET H2   H N N 240 
MET HA   H N N 241 
MET HB2  H N N 242 
MET HB3  H N N 243 
MET HG2  H N N 244 
MET HG3  H N N 245 
MET HE1  H N N 246 
MET HE2  H N N 247 
MET HE3  H N N 248 
MET HXT  H N N 249 
PHE N    N N N 250 
PHE CA   C N S 251 
PHE C    C N N 252 
PHE O    O N N 253 
PHE CB   C N N 254 
PHE CG   C Y N 255 
PHE CD1  C Y N 256 
PHE CD2  C Y N 257 
PHE CE1  C Y N 258 
PHE CE2  C Y N 259 
PHE CZ   C Y N 260 
PHE OXT  O N N 261 
PHE H    H N N 262 
PHE H2   H N N 263 
PHE HA   H N N 264 
PHE HB2  H N N 265 
PHE HB3  H N N 266 
PHE HD1  H N N 267 
PHE HD2  H N N 268 
PHE HE1  H N N 269 
PHE HE2  H N N 270 
PHE HZ   H N N 271 
PHE HXT  H N N 272 
PRO N    N N N 273 
PRO CA   C N S 274 
PRO C    C N N 275 
PRO O    O N N 276 
PRO CB   C N N 277 
PRO CG   C N N 278 
PRO CD   C N N 279 
PRO OXT  O N N 280 
PRO H    H N N 281 
PRO HA   H N N 282 
PRO HB2  H N N 283 
PRO HB3  H N N 284 
PRO HG2  H N N 285 
PRO HG3  H N N 286 
PRO HD2  H N N 287 
PRO HD3  H N N 288 
PRO HXT  H N N 289 
SER N    N N N 290 
SER CA   C N S 291 
SER C    C N N 292 
SER O    O N N 293 
SER CB   C N N 294 
SER OG   O N N 295 
SER OXT  O N N 296 
SER H    H N N 297 
SER H2   H N N 298 
SER HA   H N N 299 
SER HB2  H N N 300 
SER HB3  H N N 301 
SER HG   H N N 302 
SER HXT  H N N 303 
THR N    N N N 304 
THR CA   C N S 305 
THR C    C N N 306 
THR O    O N N 307 
THR CB   C N R 308 
THR OG1  O N N 309 
THR CG2  C N N 310 
THR OXT  O N N 311 
THR H    H N N 312 
THR H2   H N N 313 
THR HA   H N N 314 
THR HB   H N N 315 
THR HG1  H N N 316 
THR HG21 H N N 317 
THR HG22 H N N 318 
THR HG23 H N N 319 
THR HXT  H N N 320 
TRP N    N N N 321 
TRP CA   C N S 322 
TRP C    C N N 323 
TRP O    O N N 324 
TRP CB   C N N 325 
TRP CG   C Y N 326 
TRP CD1  C Y N 327 
TRP CD2  C Y N 328 
TRP NE1  N Y N 329 
TRP CE2  C Y N 330 
TRP CE3  C Y N 331 
TRP CZ2  C Y N 332 
TRP CZ3  C Y N 333 
TRP CH2  C Y N 334 
TRP OXT  O N N 335 
TRP H    H N N 336 
TRP H2   H N N 337 
TRP HA   H N N 338 
TRP HB2  H N N 339 
TRP HB3  H N N 340 
TRP HD1  H N N 341 
TRP HE1  H N N 342 
TRP HE3  H N N 343 
TRP HZ2  H N N 344 
TRP HZ3  H N N 345 
TRP HH2  H N N 346 
TRP HXT  H N N 347 
TYR N    N N N 348 
TYR CA   C N S 349 
TYR C    C N N 350 
TYR O    O N N 351 
TYR CB   C N N 352 
TYR CG   C Y N 353 
TYR CD1  C Y N 354 
TYR CD2  C Y N 355 
TYR CE1  C Y N 356 
TYR CE2  C Y N 357 
TYR CZ   C Y N 358 
TYR OH   O N N 359 
TYR OXT  O N N 360 
TYR H    H N N 361 
TYR H2   H N N 362 
TYR HA   H N N 363 
TYR HB2  H N N 364 
TYR HB3  H N N 365 
TYR HD1  H N N 366 
TYR HD2  H N N 367 
TYR HE1  H N N 368 
TYR HE2  H N N 369 
TYR HH   H N N 370 
TYR HXT  H N N 371 
VAL N    N N N 372 
VAL CA   C N S 373 
VAL C    C N N 374 
VAL O    O N N 375 
VAL CB   C N N 376 
VAL CG1  C N N 377 
VAL CG2  C N N 378 
VAL OXT  O N N 379 
VAL H    H N N 380 
VAL H2   H N N 381 
VAL HA   H N N 382 
VAL HB   H N N 383 
VAL HG11 H N N 384 
VAL HG12 H N N 385 
VAL HG13 H N N 386 
VAL HG21 H N N 387 
VAL HG22 H N N 388 
VAL HG23 H N N 389 
VAL HXT  H N N 390 
# 
loop_
_chem_comp_bond.comp_id 
_chem_comp_bond.atom_id_1 
_chem_comp_bond.atom_id_2 
_chem_comp_bond.value_order 
_chem_comp_bond.pdbx_aromatic_flag 
_chem_comp_bond.pdbx_stereo_config 
_chem_comp_bond.pdbx_ordinal 
ALA N   CA   sing N N 1   
ALA N   H    sing N N 2   
ALA N   H2   sing N N 3   
ALA CA  C    sing N N 4   
ALA CA  CB   sing N N 5   
ALA CA  HA   sing N N 6   
ALA C   O    doub N N 7   
ALA C   OXT  sing N N 8   
ALA CB  HB1  sing N N 9   
ALA CB  HB2  sing N N 10  
ALA CB  HB3  sing N N 11  
ALA OXT HXT  sing N N 12  
ARG N   CA   sing N N 13  
ARG N   H    sing N N 14  
ARG N   H2   sing N N 15  
ARG CA  C    sing N N 16  
ARG CA  CB   sing N N 17  
ARG CA  HA   sing N N 18  
ARG C   O    doub N N 19  
ARG C   OXT  sing N N 20  
ARG CB  CG   sing N N 21  
ARG CB  HB2  sing N N 22  
ARG CB  HB3  sing N N 23  
ARG CG  CD   sing N N 24  
ARG CG  HG2  sing N N 25  
ARG CG  HG3  sing N N 26  
ARG CD  NE   sing N N 27  
ARG CD  HD2  sing N N 28  
ARG CD  HD3  sing N N 29  
ARG NE  CZ   sing N N 30  
ARG NE  HE   sing N N 31  
ARG CZ  NH1  sing N N 32  
ARG CZ  NH2  doub N N 33  
ARG NH1 HH11 sing N N 34  
ARG NH1 HH12 sing N N 35  
ARG NH2 HH21 sing N N 36  
ARG NH2 HH22 sing N N 37  
ARG OXT HXT  sing N N 38  
ASN N   CA   sing N N 39  
ASN N   H    sing N N 40  
ASN N   H2   sing N N 41  
ASN CA  C    sing N N 42  
ASN CA  CB   sing N N 43  
ASN CA  HA   sing N N 44  
ASN C   O    doub N N 45  
ASN C   OXT  sing N N 46  
ASN CB  CG   sing N N 47  
ASN CB  HB2  sing N N 48  
ASN CB  HB3  sing N N 49  
ASN CG  OD1  doub N N 50  
ASN CG  ND2  sing N N 51  
ASN ND2 HD21 sing N N 52  
ASN ND2 HD22 sing N N 53  
ASN OXT HXT  sing N N 54  
ASP N   CA   sing N N 55  
ASP N   H    sing N N 56  
ASP N   H2   sing N N 57  
ASP CA  C    sing N N 58  
ASP CA  CB   sing N N 59  
ASP CA  HA   sing N N 60  
ASP C   O    doub N N 61  
ASP C   OXT  sing N N 62  
ASP CB  CG   sing N N 63  
ASP CB  HB2  sing N N 64  
ASP CB  HB3  sing N N 65  
ASP CG  OD1  doub N N 66  
ASP CG  OD2  sing N N 67  
ASP OD2 HD2  sing N N 68  
ASP OXT HXT  sing N N 69  
CYS N   CA   sing N N 70  
CYS N   H    sing N N 71  
CYS N   H2   sing N N 72  
CYS CA  C    sing N N 73  
CYS CA  CB   sing N N 74  
CYS CA  HA   sing N N 75  
CYS C   O    doub N N 76  
CYS C   OXT  sing N N 77  
CYS CB  SG   sing N N 78  
CYS CB  HB2  sing N N 79  
CYS CB  HB3  sing N N 80  
CYS SG  HG   sing N N 81  
CYS OXT HXT  sing N N 82  
GLN N   CA   sing N N 83  
GLN N   H    sing N N 84  
GLN N   H2   sing N N 85  
GLN CA  C    sing N N 86  
GLN CA  CB   sing N N 87  
GLN CA  HA   sing N N 88  
GLN C   O    doub N N 89  
GLN C   OXT  sing N N 90  
GLN CB  CG   sing N N 91  
GLN CB  HB2  sing N N 92  
GLN CB  HB3  sing N N 93  
GLN CG  CD   sing N N 94  
GLN CG  HG2  sing N N 95  
GLN CG  HG3  sing N N 96  
GLN CD  OE1  doub N N 97  
GLN CD  NE2  sing N N 98  
GLN NE2 HE21 sing N N 99  
GLN NE2 HE22 sing N N 100 
GLN OXT HXT  sing N N 101 
GLU N   CA   sing N N 102 
GLU N   H    sing N N 103 
GLU N   H2   sing N N 104 
GLU CA  C    sing N N 105 
GLU CA  CB   sing N N 106 
GLU CA  HA   sing N N 107 
GLU C   O    doub N N 108 
GLU C   OXT  sing N N 109 
GLU CB  CG   sing N N 110 
GLU CB  HB2  sing N N 111 
GLU CB  HB3  sing N N 112 
GLU CG  CD   sing N N 113 
GLU CG  HG2  sing N N 114 
GLU CG  HG3  sing N N 115 
GLU CD  OE1  doub N N 116 
GLU CD  OE2  sing N N 117 
GLU OE2 HE2  sing N N 118 
GLU OXT HXT  sing N N 119 
GLY N   CA   sing N N 120 
GLY N   H    sing N N 121 
GLY N   H2   sing N N 122 
GLY CA  C    sing N N 123 
GLY CA  HA2  sing N N 124 
GLY CA  HA3  sing N N 125 
GLY C   O    doub N N 126 
GLY C   OXT  sing N N 127 
GLY OXT HXT  sing N N 128 
HIS N   CA   sing N N 129 
HIS N   H    sing N N 130 
HIS N   H2   sing N N 131 
HIS CA  C    sing N N 132 
HIS CA  CB   sing N N 133 
HIS CA  HA   sing N N 134 
HIS C   O    doub N N 135 
HIS C   OXT  sing N N 136 
HIS CB  CG   sing N N 137 
HIS CB  HB2  sing N N 138 
HIS CB  HB3  sing N N 139 
HIS CG  ND1  sing Y N 140 
HIS CG  CD2  doub Y N 141 
HIS ND1 CE1  doub Y N 142 
HIS ND1 HD1  sing N N 143 
HIS CD2 NE2  sing Y N 144 
HIS CD2 HD2  sing N N 145 
HIS CE1 NE2  sing Y N 146 
HIS CE1 HE1  sing N N 147 
HIS NE2 HE2  sing N N 148 
HIS OXT HXT  sing N N 149 
HOH O   H1   sing N N 150 
HOH O   H2   sing N N 151 
ILE N   CA   sing N N 152 
ILE N   H    sing N N 153 
ILE N   H2   sing N N 154 
ILE CA  C    sing N N 155 
ILE CA  CB   sing N N 156 
ILE CA  HA   sing N N 157 
ILE C   O    doub N N 158 
ILE C   OXT  sing N N 159 
ILE CB  CG1  sing N N 160 
ILE CB  CG2  sing N N 161 
ILE CB  HB   sing N N 162 
ILE CG1 CD1  sing N N 163 
ILE CG1 HG12 sing N N 164 
ILE CG1 HG13 sing N N 165 
ILE CG2 HG21 sing N N 166 
ILE CG2 HG22 sing N N 167 
ILE CG2 HG23 sing N N 168 
ILE CD1 HD11 sing N N 169 
ILE CD1 HD12 sing N N 170 
ILE CD1 HD13 sing N N 171 
ILE OXT HXT  sing N N 172 
LEU N   CA   sing N N 173 
LEU N   H    sing N N 174 
LEU N   H2   sing N N 175 
LEU CA  C    sing N N 176 
LEU CA  CB   sing N N 177 
LEU CA  HA   sing N N 178 
LEU C   O    doub N N 179 
LEU C   OXT  sing N N 180 
LEU CB  CG   sing N N 181 
LEU CB  HB2  sing N N 182 
LEU CB  HB3  sing N N 183 
LEU CG  CD1  sing N N 184 
LEU CG  CD2  sing N N 185 
LEU CG  HG   sing N N 186 
LEU CD1 HD11 sing N N 187 
LEU CD1 HD12 sing N N 188 
LEU CD1 HD13 sing N N 189 
LEU CD2 HD21 sing N N 190 
LEU CD2 HD22 sing N N 191 
LEU CD2 HD23 sing N N 192 
LEU OXT HXT  sing N N 193 
LYS N   CA   sing N N 194 
LYS N   H    sing N N 195 
LYS N   H2   sing N N 196 
LYS CA  C    sing N N 197 
LYS CA  CB   sing N N 198 
LYS CA  HA   sing N N 199 
LYS C   O    doub N N 200 
LYS C   OXT  sing N N 201 
LYS CB  CG   sing N N 202 
LYS CB  HB2  sing N N 203 
LYS CB  HB3  sing N N 204 
LYS CG  CD   sing N N 205 
LYS CG  HG2  sing N N 206 
LYS CG  HG3  sing N N 207 
LYS CD  CE   sing N N 208 
LYS CD  HD2  sing N N 209 
LYS CD  HD3  sing N N 210 
LYS CE  NZ   sing N N 211 
LYS CE  HE2  sing N N 212 
LYS CE  HE3  sing N N 213 
LYS NZ  HZ1  sing N N 214 
LYS NZ  HZ2  sing N N 215 
LYS NZ  HZ3  sing N N 216 
LYS OXT HXT  sing N N 217 
MET N   CA   sing N N 218 
MET N   H    sing N N 219 
MET N   H2   sing N N 220 
MET CA  C    sing N N 221 
MET CA  CB   sing N N 222 
MET CA  HA   sing N N 223 
MET C   O    doub N N 224 
MET C   OXT  sing N N 225 
MET CB  CG   sing N N 226 
MET CB  HB2  sing N N 227 
MET CB  HB3  sing N N 228 
MET CG  SD   sing N N 229 
MET CG  HG2  sing N N 230 
MET CG  HG3  sing N N 231 
MET SD  CE   sing N N 232 
MET CE  HE1  sing N N 233 
MET CE  HE2  sing N N 234 
MET CE  HE3  sing N N 235 
MET OXT HXT  sing N N 236 
PHE N   CA   sing N N 237 
PHE N   H    sing N N 238 
PHE N   H2   sing N N 239 
PHE CA  C    sing N N 240 
PHE CA  CB   sing N N 241 
PHE CA  HA   sing N N 242 
PHE C   O    doub N N 243 
PHE C   OXT  sing N N 244 
PHE CB  CG   sing N N 245 
PHE CB  HB2  sing N N 246 
PHE CB  HB3  sing N N 247 
PHE CG  CD1  doub Y N 248 
PHE CG  CD2  sing Y N 249 
PHE CD1 CE1  sing Y N 250 
PHE CD1 HD1  sing N N 251 
PHE CD2 CE2  doub Y N 252 
PHE CD2 HD2  sing N N 253 
PHE CE1 CZ   doub Y N 254 
PHE CE1 HE1  sing N N 255 
PHE CE2 CZ   sing Y N 256 
PHE CE2 HE2  sing N N 257 
PHE CZ  HZ   sing N N 258 
PHE OXT HXT  sing N N 259 
PRO N   CA   sing N N 260 
PRO N   CD   sing N N 261 
PRO N   H    sing N N 262 
PRO CA  C    sing N N 263 
PRO CA  CB   sing N N 264 
PRO CA  HA   sing N N 265 
PRO C   O    doub N N 266 
PRO C   OXT  sing N N 267 
PRO CB  CG   sing N N 268 
PRO CB  HB2  sing N N 269 
PRO CB  HB3  sing N N 270 
PRO CG  CD   sing N N 271 
PRO CG  HG2  sing N N 272 
PRO CG  HG3  sing N N 273 
PRO CD  HD2  sing N N 274 
PRO CD  HD3  sing N N 275 
PRO OXT HXT  sing N N 276 
SER N   CA   sing N N 277 
SER N   H    sing N N 278 
SER N   H2   sing N N 279 
SER CA  C    sing N N 280 
SER CA  CB   sing N N 281 
SER CA  HA   sing N N 282 
SER C   O    doub N N 283 
SER C   OXT  sing N N 284 
SER CB  OG   sing N N 285 
SER CB  HB2  sing N N 286 
SER CB  HB3  sing N N 287 
SER OG  HG   sing N N 288 
SER OXT HXT  sing N N 289 
THR N   CA   sing N N 290 
THR N   H    sing N N 291 
THR N   H2   sing N N 292 
THR CA  C    sing N N 293 
THR CA  CB   sing N N 294 
THR CA  HA   sing N N 295 
THR C   O    doub N N 296 
THR C   OXT  sing N N 297 
THR CB  OG1  sing N N 298 
THR CB  CG2  sing N N 299 
THR CB  HB   sing N N 300 
THR OG1 HG1  sing N N 301 
THR CG2 HG21 sing N N 302 
THR CG2 HG22 sing N N 303 
THR CG2 HG23 sing N N 304 
THR OXT HXT  sing N N 305 
TRP N   CA   sing N N 306 
TRP N   H    sing N N 307 
TRP N   H2   sing N N 308 
TRP CA  C    sing N N 309 
TRP CA  CB   sing N N 310 
TRP CA  HA   sing N N 311 
TRP C   O    doub N N 312 
TRP C   OXT  sing N N 313 
TRP CB  CG   sing N N 314 
TRP CB  HB2  sing N N 315 
TRP CB  HB3  sing N N 316 
TRP CG  CD1  doub Y N 317 
TRP CG  CD2  sing Y N 318 
TRP CD1 NE1  sing Y N 319 
TRP CD1 HD1  sing N N 320 
TRP CD2 CE2  doub Y N 321 
TRP CD2 CE3  sing Y N 322 
TRP NE1 CE2  sing Y N 323 
TRP NE1 HE1  sing N N 324 
TRP CE2 CZ2  sing Y N 325 
TRP CE3 CZ3  doub Y N 326 
TRP CE3 HE3  sing N N 327 
TRP CZ2 CH2  doub Y N 328 
TRP CZ2 HZ2  sing N N 329 
TRP CZ3 CH2  sing Y N 330 
TRP CZ3 HZ3  sing N N 331 
TRP CH2 HH2  sing N N 332 
TRP OXT HXT  sing N N 333 
TYR N   CA   sing N N 334 
TYR N   H    sing N N 335 
TYR N   H2   sing N N 336 
TYR CA  C    sing N N 337 
TYR CA  CB   sing N N 338 
TYR CA  HA   sing N N 339 
TYR C   O    doub N N 340 
TYR C   OXT  sing N N 341 
TYR CB  CG   sing N N 342 
TYR CB  HB2  sing N N 343 
TYR CB  HB3  sing N N 344 
TYR CG  CD1  doub Y N 345 
TYR CG  CD2  sing Y N 346 
TYR CD1 CE1  sing Y N 347 
TYR CD1 HD1  sing N N 348 
TYR CD2 CE2  doub Y N 349 
TYR CD2 HD2  sing N N 350 
TYR CE1 CZ   doub Y N 351 
TYR CE1 HE1  sing N N 352 
TYR CE2 CZ   sing Y N 353 
TYR CE2 HE2  sing N N 354 
TYR CZ  OH   sing N N 355 
TYR OH  HH   sing N N 356 
TYR OXT HXT  sing N N 357 
VAL N   CA   sing N N 358 
VAL N   H    sing N N 359 
VAL N   H2   sing N N 360 
VAL CA  C    sing N N 361 
VAL CA  CB   sing N N 362 
VAL CA  HA   sing N N 363 
VAL C   O    doub N N 364 
VAL C   OXT  sing N N 365 
VAL CB  CG1  sing N N 366 
VAL CB  CG2  sing N N 367 
VAL CB  HB   sing N N 368 
VAL CG1 HG11 sing N N 369 
VAL CG1 HG12 sing N N 370 
VAL CG1 HG13 sing N N 371 
VAL CG2 HG21 sing N N 372 
VAL CG2 HG22 sing N N 373 
VAL CG2 HG23 sing N N 374 
VAL OXT HXT  sing N N 375 
# 
_atom_sites.entry_id                    4FIT 
_atom_sites.fract_transf_matrix[1][1]   -0.02260956 
_atom_sites.fract_transf_matrix[1][2]   0.00219130 
_atom_sites.fract_transf_matrix[1][3]   0.00261505 
_atom_sites.fract_transf_matrix[2][1]   -0.00942764 
_atom_sites.fract_transf_matrix[2][2]   -0.00263567 
_atom_sites.fract_transf_matrix[2][3]   0.02066352 
_atom_sites.fract_transf_matrix[3][1]   0.00042853 
_atom_sites.fract_transf_matrix[3][2]   0.00363495 
_atom_sites.fract_transf_matrix[3][3]   0.00065916 
_atom_sites.fract_transf_vector[1]      0.554655 
_atom_sites.fract_transf_vector[2]      0.466125 
_atom_sites.fract_transf_vector[3]      0.107946 
# 
loop_
_atom_type.symbol 
C 
N 
O 
S 
# 
loop_
_atom_site.group_PDB 
_atom_site.id 
_atom_site.type_symbol 
_atom_site.label_atom_id 
_atom_site.label_alt_id 
_atom_site.label_comp_id 
_atom_site.label_asym_id 
_atom_site.label_entity_id 
_atom_site.label_seq_id 
_atom_site.pdbx_PDB_ins_code 
_atom_site.Cartn_x 
_atom_site.Cartn_y 
_atom_site.Cartn_z 
_atom_site.occupancy 
_atom_site.B_iso_or_equiv 
_atom_site.pdbx_formal_charge 
_atom_site.auth_seq_id 
_atom_site.auth_comp_id 
_atom_site.auth_asym_id 
_atom_site.auth_atom_id 
_atom_site.pdbx_PDB_model_num 
ATOM   1    N N   . SER A 1 2   ? -3.449  -2.782  15.232  1.00 44.63 ? 2   SER A N   1 
ATOM   2    C CA  . SER A 1 2   ? -4.792  -2.247  14.788  1.00 47.03 ? 2   SER A CA  1 
ATOM   3    C C   . SER A 1 2   ? -5.320  -2.926  13.532  1.00 50.09 ? 2   SER A C   1 
ATOM   4    O O   . SER A 1 2   ? -6.481  -3.381  13.483  1.00 53.56 ? 2   SER A O   1 
ATOM   5    N N   . PHE A 1 3   ? -4.477  -2.983  12.499  1.00 47.85 ? 3   PHE A N   1 
ATOM   6    C CA  . PHE A 1 3   ? -4.847  -3.597  11.209  1.00 42.09 ? 3   PHE A CA  1 
ATOM   7    C C   . PHE A 1 3   ? -3.989  -4.847  11.015  1.00 40.05 ? 3   PHE A C   1 
ATOM   8    O O   . PHE A 1 3   ? -2.785  -4.869  11.368  1.00 38.54 ? 3   PHE A O   1 
ATOM   9    C CB  . PHE A 1 3   ? -4.618  -2.612  10.052  1.00 23.59 ? 3   PHE A CB  1 
ATOM   10   C CG  . PHE A 1 3   ? -5.674  -1.565  9.933   1.00 17.44 ? 3   PHE A CG  1 
ATOM   11   C CD1 . PHE A 1 3   ? -5.574  -0.377  10.622  1.00 24.26 ? 3   PHE A CD1 1 
ATOM   12   C CD2 . PHE A 1 3   ? -6.766  -1.767  9.121   1.00 25.31 ? 3   PHE A CD2 1 
ATOM   13   C CE1 . PHE A 1 3   ? -6.547  0.587   10.506  1.00 24.56 ? 3   PHE A CE1 1 
ATOM   14   C CE2 . PHE A 1 3   ? -7.742  -0.807  8.998   1.00 30.76 ? 3   PHE A CE2 1 
ATOM   15   C CZ  . PHE A 1 3   ? -7.631  0.372   9.693   1.00 30.37 ? 3   PHE A CZ  1 
ATOM   16   N N   . ARG A 1 4   ? -4.623  -5.887  10.494  1.00 39.41 ? 4   ARG A N   1 
ATOM   17   C CA  . ARG A 1 4   ? -3.968  -7.161  10.274  1.00 35.40 ? 4   ARG A CA  1 
ATOM   18   C C   . ARG A 1 4   ? -3.380  -7.248  8.879   1.00 31.94 ? 4   ARG A C   1 
ATOM   19   O O   . ARG A 1 4   ? -4.088  -6.980  7.895   1.00 32.66 ? 4   ARG A O   1 
ATOM   20   C CB  . ARG A 1 4   ? -5.007  -8.261  10.471  1.00 37.06 ? 4   ARG A CB  1 
ATOM   21   C CG  . ARG A 1 4   ? -4.475  -9.624  10.170  1.00 47.34 ? 4   ARG A CG  1 
ATOM   22   C CD  . ARG A 1 4   ? -5.522  -10.713 10.382  1.00 51.39 ? 4   ARG A CD  1 
ATOM   23   N NE  . ARG A 1 4   ? -4.960  -11.994 9.927   1.00 62.00 ? 4   ARG A NE  1 
ATOM   24   C CZ  . ARG A 1 4   ? -4.521  -12.983 10.721  1.00 60.02 ? 4   ARG A CZ  1 
ATOM   25   N NH1 . ARG A 1 4   ? -4.578  -12.879 12.055  1.00 64.91 ? 4   ARG A NH1 1 
ATOM   26   N NH2 . ARG A 1 4   ? -3.945  -14.059 10.170  1.00 63.49 ? 4   ARG A NH2 1 
ATOM   27   N N   . PHE A 1 5   ? -2.109  -7.628  8.797   1.00 21.69 ? 5   PHE A N   1 
ATOM   28   C CA  . PHE A 1 5   ? -1.404  -7.775  7.531   1.00 13.13 ? 5   PHE A CA  1 
ATOM   29   C C   . PHE A 1 5   ? -0.506  -8.988  7.622   1.00 23.96 ? 5   PHE A C   1 
ATOM   30   O O   . PHE A 1 5   ? 0.663   -8.879  8.004   1.00 26.79 ? 5   PHE A O   1 
ATOM   31   C CB  . PHE A 1 5   ? -0.556  -6.548  7.244   1.00 16.88 ? 5   PHE A CB  1 
ATOM   32   C CG  . PHE A 1 5   ? 0.314   -6.661  6.029   1.00 13.27 ? 5   PHE A CG  1 
ATOM   33   C CD1 . PHE A 1 5   ? -0.182  -7.193  4.839   1.00 18.95 ? 5   PHE A CD1 1 
ATOM   34   C CD2 . PHE A 1 5   ? 1.606   -6.175  6.051   1.00 9.91  ? 5   PHE A CD2 1 
ATOM   35   C CE1 . PHE A 1 5   ? 0.605   -7.224  3.668   1.00 22.87 ? 5   PHE A CE1 1 
ATOM   36   C CE2 . PHE A 1 5   ? 2.402   -6.197  4.902   1.00 21.57 ? 5   PHE A CE2 1 
ATOM   37   C CZ  . PHE A 1 5   ? 1.905   -6.723  3.704   1.00 21.29 ? 5   PHE A CZ  1 
ATOM   38   N N   . GLY A 1 6   ? -1.048  -10.126 7.193   1.00 26.58 ? 6   GLY A N   1 
ATOM   39   C CA  . GLY A 1 6   ? -0.338  -11.380 7.235   1.00 24.76 ? 6   GLY A CA  1 
ATOM   40   C C   . GLY A 1 6   ? -0.368  -11.748 8.697   1.00 29.88 ? 6   GLY A C   1 
ATOM   41   O O   . GLY A 1 6   ? -1.446  -11.912 9.295   1.00 24.00 ? 6   GLY A O   1 
ATOM   42   N N   . GLN A 1 7   ? 0.817   -11.874 9.281   1.00 29.29 ? 7   GLN A N   1 
ATOM   43   C CA  . GLN A 1 7   ? 0.913   -12.167 10.692  1.00 34.13 ? 7   GLN A CA  1 
ATOM   44   C C   . GLN A 1 7   ? 1.813   -11.079 11.340  1.00 37.16 ? 7   GLN A C   1 
ATOM   45   O O   . GLN A 1 7   ? 2.952   -11.324 11.761  1.00 39.06 ? 7   GLN A O   1 
ATOM   46   C CB  . GLN A 1 7   ? 1.445   -13.586 10.932  1.00 47.72 ? 7   GLN A CB  1 
ATOM   47   C CG  . GLN A 1 7   ? 0.616   -14.822 10.305  1.00 52.10 ? 7   GLN A CG  1 
ATOM   48   C CD  . GLN A 1 7   ? -0.868  -14.953 10.744  1.00 50.16 ? 7   GLN A CD  1 
ATOM   49   O OE1 . GLN A 1 7   ? -1.767  -14.938 9.893   1.00 46.23 ? 7   GLN A OE1 1 
ATOM   50   N NE2 . GLN A 1 7   ? -1.118  -15.096 12.055  1.00 37.58 ? 7   GLN A NE2 1 
ATOM   51   N N   . HIS A 1 8   ? 1.321   -9.845  11.237  1.00 33.66 ? 8   HIS A N   1 
ATOM   52   C CA  . HIS A 1 8   ? 1.922   -8.646  11.787  1.00 27.78 ? 8   HIS A CA  1 
ATOM   53   C C   . HIS A 1 8   ? 0.685   -7.843  12.065  1.00 28.60 ? 8   HIS A C   1 
ATOM   54   O O   . HIS A 1 8   ? -0.315  -7.975  11.364  1.00 29.09 ? 8   HIS A O   1 
ATOM   55   C CB  . HIS A 1 8   ? 2.643   -7.801  10.763  1.00 31.02 ? 8   HIS A CB  1 
ATOM   56   C CG  . HIS A 1 8   ? 3.697   -8.514  9.990   1.00 46.06 ? 8   HIS A CG  1 
ATOM   57   N ND1 . HIS A 1 8   ? 3.636   -8.644  8.614   1.00 52.39 ? 8   HIS A ND1 1 
ATOM   58   C CD2 . HIS A 1 8   ? 4.902   -9.020  10.361  1.00 49.93 ? 8   HIS A CD2 1 
ATOM   59   C CE1 . HIS A 1 8   ? 4.760   -9.184  8.169   1.00 49.76 ? 8   HIS A CE1 1 
ATOM   60   N NE2 . HIS A 1 8   ? 5.549   -9.424  9.207   1.00 51.35 ? 8   HIS A NE2 1 
ATOM   61   N N   . LEU A 1 9   ? 0.769   -6.947  13.029  1.00 35.67 ? 9   LEU A N   1 
ATOM   62   C CA  . LEU A 1 9   ? -0.347  -6.097  13.352  1.00 37.96 ? 9   LEU A CA  1 
ATOM   63   C C   . LEU A 1 9   ? 0.169   -4.683  13.194  1.00 35.58 ? 9   LEU A C   1 
ATOM   64   O O   . LEU A 1 9   ? 1.096   -4.273  13.902  1.00 34.92 ? 9   LEU A O   1 
ATOM   65   C CB  . LEU A 1 9   ? -0.861  -6.389  14.750  1.00 36.02 ? 9   LEU A CB  1 
ATOM   66   C CG  . LEU A 1 9   ? -2.296  -6.823  14.523  1.00 36.74 ? 9   LEU A CG  1 
ATOM   67   C CD1 . LEU A 1 9   ? -2.812  -7.744  15.589  1.00 39.58 ? 9   LEU A CD1 1 
ATOM   68   C CD2 . LEU A 1 9   ? -3.141  -5.589  14.375  1.00 43.24 ? 9   LEU A CD2 1 
ATOM   69   N N   . ILE A 1 10  ? -0.352  -4.015  12.161  1.00 35.37 ? 10  ILE A N   1 
ATOM   70   C CA  . ILE A 1 10  ? -0.019  -2.640  11.767  1.00 35.01 ? 10  ILE A CA  1 
ATOM   71   C C   . ILE A 1 10  ? -0.741  -1.679  12.734  1.00 39.56 ? 10  ILE A C   1 
ATOM   72   O O   . ILE A 1 10  ? -1.885  -1.960  13.187  1.00 42.35 ? 10  ILE A O   1 
ATOM   73   C CB  . ILE A 1 10  ? -0.509  -2.383  10.294  1.00 25.18 ? 10  ILE A CB  1 
ATOM   74   C CG1 . ILE A 1 10  ? 0.091   -3.415  9.369   1.00 20.02 ? 10  ILE A CG1 1 
ATOM   75   C CG2 . ILE A 1 10  ? -0.024  -1.083  9.748   1.00 20.77 ? 10  ILE A CG2 1 
ATOM   76   C CD1 . ILE A 1 10  ? 1.556   -3.618  9.591   1.00 23.71 ? 10  ILE A CD1 1 
ATOM   77   N N   . LYS A 1 11  ? -0.076  -0.591  13.130  1.00 37.89 ? 11  LYS A N   1 
ATOM   78   C CA  . LYS A 1 11  ? -0.752  0.351   14.024  1.00 36.00 ? 11  LYS A CA  1 
ATOM   79   C C   . LYS A 1 11  ? -1.380  1.365   13.090  1.00 34.70 ? 11  LYS A C   1 
ATOM   80   O O   . LYS A 1 11  ? -0.755  1.784   12.110  1.00 35.50 ? 11  LYS A O   1 
ATOM   81   C CB  . LYS A 1 11  ? 0.226   1.038   14.972  1.00 34.76 ? 11  LYS A CB  1 
ATOM   82   C CG  . LYS A 1 11  ? 0.974   0.144   15.927  1.00 28.54 ? 11  LYS A CG  1 
ATOM   83   C CD  . LYS A 1 11  ? 1.955   1.016   16.665  1.00 38.07 ? 11  LYS A CD  1 
ATOM   84   C CE  . LYS A 1 11  ? 3.123   0.264   17.274  1.00 45.01 ? 11  LYS A CE  1 
ATOM   85   N NZ  . LYS A 1 11  ? 3.913   -0.454  16.236  1.00 54.56 ? 11  LYS A NZ  1 
ATOM   86   N N   . PRO A 1 12  ? -2.611  1.799   13.391  1.00 34.39 ? 12  PRO A N   1 
ATOM   87   C CA  . PRO A 1 12  ? -3.336  2.776   12.567  1.00 33.77 ? 12  PRO A CA  1 
ATOM   88   C C   . PRO A 1 12  ? -2.521  4.061   12.249  1.00 34.78 ? 12  PRO A C   1 
ATOM   89   O O   . PRO A 1 12  ? -2.821  4.784   11.279  1.00 35.88 ? 12  PRO A O   1 
ATOM   90   C CB  . PRO A 1 12  ? -4.576  3.081   13.419  1.00 28.96 ? 12  PRO A CB  1 
ATOM   91   C CG  . PRO A 1 12  ? -4.765  1.848   14.217  1.00 19.54 ? 12  PRO A CG  1 
ATOM   92   C CD  . PRO A 1 12  ? -3.361  1.499   14.618  1.00 29.76 ? 12  PRO A CD  1 
ATOM   93   N N   . SER A 1 13  ? -1.518  4.341   13.081  1.00 29.96 ? 13  SER A N   1 
ATOM   94   C CA  . SER A 1 13  ? -0.651  5.495   12.950  1.00 24.41 ? 13  SER A CA  1 
ATOM   95   C C   . SER A 1 13  ? 0.058   5.508   11.599  1.00 24.27 ? 13  SER A C   1 
ATOM   96   O O   . SER A 1 13  ? 0.473   6.553   11.098  1.00 21.41 ? 13  SER A O   1 
ATOM   97   C CB  . SER A 1 13  ? 0.396   5.433   14.068  1.00 21.48 ? 13  SER A CB  1 
ATOM   98   O OG  . SER A 1 13  ? 1.528   4.651   13.692  1.00 25.50 ? 13  SER A OG  1 
ATOM   99   N N   . VAL A 1 14  ? 0.232   4.314   11.045  1.00 27.86 ? 14  VAL A N   1 
ATOM   100  C CA  . VAL A 1 14  ? 0.925   4.139   9.771   1.00 29.70 ? 14  VAL A CA  1 
ATOM   101  C C   . VAL A 1 14  ? -0.020  3.808   8.603   1.00 23.74 ? 14  VAL A C   1 
ATOM   102  O O   . VAL A 1 14  ? 0.401   3.791   7.445   1.00 19.85 ? 14  VAL A O   1 
ATOM   103  C CB  . VAL A 1 14  ? 2.088   3.130   9.947   1.00 26.73 ? 14  VAL A CB  1 
ATOM   104  C CG1 . VAL A 1 14  ? 2.933   3.566   11.110  1.00 30.22 ? 14  VAL A CG1 1 
ATOM   105  C CG2 . VAL A 1 14  ? 1.574   1.775   10.285  1.00 22.37 ? 14  VAL A CG2 1 
ATOM   106  N N   . VAL A 1 15  ? -1.308  3.673   8.925   1.00 19.75 ? 15  VAL A N   1 
ATOM   107  C CA  . VAL A 1 15  ? -2.371  3.403   7.962   1.00 22.29 ? 15  VAL A CA  1 
ATOM   108  C C   . VAL A 1 15  ? -2.996  4.754   7.620   1.00 23.93 ? 15  VAL A C   1 
ATOM   109  O O   . VAL A 1 15  ? -3.506  5.475   8.488   1.00 25.96 ? 15  VAL A O   1 
ATOM   110  C CB  . VAL A 1 15  ? -3.437  2.413   8.546   1.00 18.82 ? 15  VAL A CB  1 
ATOM   111  C CG1 . VAL A 1 15  ? -4.657  2.322   7.662   1.00 10.47 ? 15  VAL A CG1 1 
ATOM   112  C CG2 . VAL A 1 15  ? -2.844  1.025   8.689   1.00 11.04 ? 15  VAL A CG2 1 
ATOM   113  N N   . PHE A 1 16  ? -2.942  5.107   6.344   1.00 23.07 ? 16  PHE A N   1 
ATOM   114  C CA  . PHE A 1 16  ? -3.466  6.391   5.883   1.00 23.71 ? 16  PHE A CA  1 
ATOM   115  C C   . PHE A 1 16  ? -4.785  6.406   5.107   1.00 25.47 ? 16  PHE A C   1 
ATOM   116  O O   . PHE A 1 16  ? -5.222  7.481   4.663   1.00 18.43 ? 16  PHE A O   1 
ATOM   117  C CB  . PHE A 1 16  ? -2.410  7.092   5.053   1.00 12.29 ? 16  PHE A CB  1 
ATOM   118  C CG  . PHE A 1 16  ? -2.079  6.404   3.768   1.00 13.16 ? 16  PHE A CG  1 
ATOM   119  C CD1 . PHE A 1 16  ? -2.763  6.726   2.595   1.00 24.70 ? 16  PHE A CD1 1 
ATOM   120  C CD2 . PHE A 1 16  ? -0.998  5.549   3.690   1.00 18.74 ? 16  PHE A CD2 1 
ATOM   121  C CE1 . PHE A 1 16  ? -2.361  6.220   1.375   1.00 9.73  ? 16  PHE A CE1 1 
ATOM   122  C CE2 . PHE A 1 16  ? -0.590  5.038   2.463   1.00 20.56 ? 16  PHE A CE2 1 
ATOM   123  C CZ  . PHE A 1 16  ? -1.269  5.377   1.305   1.00 10.94 ? 16  PHE A CZ  1 
ATOM   124  N N   . LEU A 1 17  ? -5.360  5.215   4.894   1.00 27.90 ? 17  LEU A N   1 
ATOM   125  C CA  . LEU A 1 17  ? -6.624  5.029   4.170   1.00 25.11 ? 17  LEU A CA  1 
ATOM   126  C C   . LEU A 1 17  ? -7.211  3.665   4.538   1.00 25.31 ? 17  LEU A C   1 
ATOM   127  O O   . LEU A 1 17  ? -6.502  2.705   4.750   1.00 27.64 ? 17  LEU A O   1 
ATOM   128  C CB  . LEU A 1 17  ? -6.422  5.125   2.642   1.00 13.62 ? 17  LEU A CB  1 
ATOM   129  C CG  . LEU A 1 17  ? -7.667  5.169   1.736   1.00 23.54 ? 17  LEU A CG  1 
ATOM   130  C CD1 . LEU A 1 17  ? -8.537  6.360   2.040   1.00 13.82 ? 17  LEU A CD1 1 
ATOM   131  C CD2 . LEU A 1 17  ? -7.282  5.164   0.313   1.00 7.43  ? 17  LEU A CD2 1 
ATOM   132  N N   . LYS A 1 18  ? -8.514  3.602   4.682   1.00 20.44 ? 18  LYS A N   1 
ATOM   133  C CA  . LYS A 1 18  ? -9.186  2.370   5.001   1.00 24.13 ? 18  LYS A CA  1 
ATOM   134  C C   . LYS A 1 18  ? -10.531 2.523   4.336   1.00 25.99 ? 18  LYS A C   1 
ATOM   135  O O   . LYS A 1 18  ? -11.217 3.509   4.575   1.00 28.19 ? 18  LYS A O   1 
ATOM   136  C CB  . LYS A 1 18  ? -9.397  2.255   6.502   1.00 16.23 ? 18  LYS A CB  1 
ATOM   137  C CG  . LYS A 1 18  ? -10.236 1.072   6.897   1.00 15.34 ? 18  LYS A CG  1 
ATOM   138  C CD  . LYS A 1 18  ? -10.477 1.085   8.369   1.00 22.62 ? 18  LYS A CD  1 
ATOM   139  C CE  . LYS A 1 18  ? -11.217 -0.152  8.798   1.00 29.41 ? 18  LYS A CE  1 
ATOM   140  N NZ  . LYS A 1 18  ? -12.633 -0.196  8.318   1.00 32.57 ? 18  LYS A NZ  1 
ATOM   141  N N   . THR A 1 19  ? -10.896 1.629   3.448   1.00 19.05 ? 19  THR A N   1 
ATOM   142  C CA  . THR A 1 19  ? -12.167 1.800   2.855   1.00 18.07 ? 19  THR A CA  1 
ATOM   143  C C   . THR A 1 19  ? -13.065 0.766   3.417   1.00 23.61 ? 19  THR A C   1 
ATOM   144  O O   . THR A 1 19  ? -12.798 0.192   4.463   1.00 27.99 ? 19  THR A O   1 
ATOM   145  C CB  . THR A 1 19  ? -12.096 1.577   1.418   1.00 17.88 ? 19  THR A CB  1 
ATOM   146  O OG1 . THR A 1 19  ? -11.555 0.272   1.204   1.00 23.28 ? 19  THR A OG1 1 
ATOM   147  C CG2 . THR A 1 19  ? -11.242 2.643   0.763   1.00 21.51 ? 19  THR A CG2 1 
ATOM   148  N N   . GLU A 1 20  ? -14.136 0.505   2.685   1.00 29.11 ? 20  GLU A N   1 
ATOM   149  C CA  . GLU A 1 20  ? -15.135 -0.477  3.059   1.00 33.54 ? 20  GLU A CA  1 
ATOM   150  C C   . GLU A 1 20  ? -14.543 -1.873  3.131   1.00 33.03 ? 20  GLU A C   1 
ATOM   151  O O   . GLU A 1 20  ? -14.927 -2.663  3.989   1.00 36.61 ? 20  GLU A O   1 
ATOM   152  C CB  . GLU A 1 20  ? -16.270 -0.434  2.023   1.00 43.50 ? 20  GLU A CB  1 
ATOM   153  C CG  . GLU A 1 20  ? -17.536 -1.223  2.381   1.00 48.79 ? 20  GLU A CG  1 
ATOM   154  C CD  . GLU A 1 20  ? -18.092 -1.995  1.172   1.00 54.62 ? 20  GLU A CD  1 
ATOM   155  O OE1 . GLU A 1 20  ? -18.051 -1.417  0.049   1.00 52.57 ? 20  GLU A OE1 1 
ATOM   156  O OE2 . GLU A 1 20  ? -18.523 -3.177  1.328   1.00 49.97 ? 20  GLU A OE2 1 
ATOM   157  N N   . LEU A 1 21  ? -13.558 -2.162  2.281   1.00 33.18 ? 21  LEU A N   1 
ATOM   158  C CA  . LEU A 1 21  ? -12.963 -3.502  2.249   1.00 25.50 ? 21  LEU A CA  1 
ATOM   159  C C   . LEU A 1 21  ? -11.430 -3.529  2.164   1.00 25.41 ? 21  LEU A C   1 
ATOM   160  O O   . LEU A 1 21  ? -10.819 -4.591  2.245   1.00 20.93 ? 21  LEU A O   1 
ATOM   161  C CB  . LEU A 1 21  ? -13.577 -4.270  1.069   1.00 22.67 ? 21  LEU A CB  1 
ATOM   162  C CG  . LEU A 1 21  ? -15.110 -4.292  0.991   1.00 15.88 ? 21  LEU A CG  1 
ATOM   163  C CD1 . LEU A 1 21  ? -15.625 -4.217  -0.403  1.00 20.42 ? 21  LEU A CD1 1 
ATOM   164  C CD2 . LEU A 1 21  ? -15.597 -5.509  1.658   1.00 22.36 ? 21  LEU A CD2 1 
ATOM   165  N N   . SER A 1 22  ? -10.803 -2.363  2.048   1.00 25.27 ? 22  SER A N   1 
ATOM   166  C CA  . SER A 1 22  ? -9.342  -2.307  1.936   1.00 27.41 ? 22  SER A CA  1 
ATOM   167  C C   . SER A 1 22  ? -8.692  -1.290  2.851   1.00 25.39 ? 22  SER A C   1 
ATOM   168  O O   . SER A 1 22  ? -9.360  -0.481  3.486   1.00 21.41 ? 22  SER A O   1 
ATOM   169  C CB  . SER A 1 22  ? -8.926  -1.963  0.513   1.00 26.83 ? 22  SER A CB  1 
ATOM   170  O OG  . SER A 1 22  ? -9.848  -2.494  -0.416  1.00 30.16 ? 22  SER A OG  1 
ATOM   171  N N   . PHE A 1 23  ? -7.366  -1.345  2.888   1.00 24.62 ? 23  PHE A N   1 
ATOM   172  C CA  . PHE A 1 23  ? -6.591  -0.440  3.691   1.00 21.96 ? 23  PHE A CA  1 
ATOM   173  C C   . PHE A 1 23  ? -5.261  -0.202  2.998   1.00 22.04 ? 23  PHE A C   1 
ATOM   174  O O   . PHE A 1 23  ? -4.900  -0.934  2.083   1.00 23.38 ? 23  PHE A O   1 
ATOM   175  C CB  . PHE A 1 23  ? -6.516  -0.897  5.179   1.00 20.41 ? 23  PHE A CB  1 
ATOM   176  C CG  . PHE A 1 23  ? -5.518  -1.986  5.485   1.00 20.12 ? 23  PHE A CG  1 
ATOM   177  C CD1 . PHE A 1 23  ? -5.825  -3.316  5.296   1.00 22.80 ? 23  PHE A CD1 1 
ATOM   178  C CD2 . PHE A 1 23  ? -4.282  -1.674  6.033   1.00 18.57 ? 23  PHE A CD2 1 
ATOM   179  C CE1 . PHE A 1 23  ? -4.925  -4.300  5.647   1.00 17.03 ? 23  PHE A CE1 1 
ATOM   180  C CE2 . PHE A 1 23  ? -3.375  -2.664  6.386   1.00 21.29 ? 23  PHE A CE2 1 
ATOM   181  C CZ  . PHE A 1 23  ? -3.700  -3.973  6.188   1.00 17.63 ? 23  PHE A CZ  1 
ATOM   182  N N   . ALA A 1 24  ? -4.614  0.909   3.337   1.00 22.70 ? 24  ALA A N   1 
ATOM   183  C CA  . ALA A 1 24  ? -3.357  1.310   2.726   1.00 16.26 ? 24  ALA A CA  1 
ATOM   184  C C   . ALA A 1 24  ? -2.357  1.685   3.788   1.00 15.45 ? 24  ALA A C   1 
ATOM   185  O O   . ALA A 1 24  ? -2.682  2.376   4.737   1.00 18.40 ? 24  ALA A O   1 
ATOM   186  C CB  . ALA A 1 24  ? -3.590  2.477   1.803   1.00 19.07 ? 24  ALA A CB  1 
ATOM   187  N N   . LEU A 1 25  ? -1.111  1.299   3.590   1.00 17.74 ? 25  LEU A N   1 
ATOM   188  C CA  . LEU A 1 25  ? -0.105  1.590   4.573   1.00 20.85 ? 25  LEU A CA  1 
ATOM   189  C C   . LEU A 1 25  ? 1.212   2.082   3.997   1.00 24.60 ? 25  LEU A C   1 
ATOM   190  O O   . LEU A 1 25  ? 1.516   1.919   2.813   1.00 21.99 ? 25  LEU A O   1 
ATOM   191  C CB  . LEU A 1 25  ? 0.139   0.353   5.466   1.00 25.86 ? 25  LEU A CB  1 
ATOM   192  C CG  . LEU A 1 25  ? 0.991   -0.843  5.035   1.00 11.17 ? 25  LEU A CG  1 
ATOM   193  C CD1 . LEU A 1 25  ? 1.251   -1.727  6.218   1.00 30.06 ? 25  LEU A CD1 1 
ATOM   194  C CD2 . LEU A 1 25  ? 0.299   -1.611  4.006   1.00 21.70 ? 25  LEU A CD2 1 
ATOM   195  N N   . VAL A 1 26  ? 1.966   2.742   4.863   1.00 24.27 ? 26  VAL A N   1 
ATOM   196  C CA  . VAL A 1 26  ? 3.284   3.238   4.508   1.00 28.03 ? 26  VAL A CA  1 
ATOM   197  C C   . VAL A 1 26  ? 4.218   2.073   4.797   1.00 19.88 ? 26  VAL A C   1 
ATOM   198  O O   . VAL A 1 26  ? 3.946   1.252   5.658   1.00 19.54 ? 26  VAL A O   1 
ATOM   199  C CB  . VAL A 1 26  ? 3.679   4.536   5.299   1.00 26.21 ? 26  VAL A CB  1 
ATOM   200  C CG1 . VAL A 1 26  ? 2.907   5.731   4.783   1.00 19.89 ? 26  VAL A CG1 1 
ATOM   201  C CG2 . VAL A 1 26  ? 3.372   4.357   6.764   1.00 40.59 ? 26  VAL A CG2 1 
ATOM   202  N N   . ASN A 1 27  ? 5.273   1.997   4.013   1.00 24.08 ? 27  ASN A N   1 
ATOM   203  C CA  . ASN A 1 27  ? 6.277   0.951   4.056   1.00 31.76 ? 27  ASN A CA  1 
ATOM   204  C C   . ASN A 1 27  ? 7.375   1.199   5.063   1.00 35.12 ? 27  ASN A C   1 
ATOM   205  O O   . ASN A 1 27  ? 7.991   2.270   5.048   1.00 36.54 ? 27  ASN A O   1 
ATOM   206  C CB  . ASN A 1 27  ? 6.943   0.888   2.683   1.00 34.05 ? 27  ASN A CB  1 
ATOM   207  C CG  . ASN A 1 27  ? 6.812   -0.458  2.033   1.00 35.75 ? 27  ASN A CG  1 
ATOM   208  O OD1 . ASN A 1 27  ? 7.363   -1.443  2.526   1.00 55.19 ? 27  ASN A OD1 1 
ATOM   209  N ND2 . ASN A 1 27  ? 6.113   -0.516  0.908   1.00 41.56 ? 27  ASN A ND2 1 
ATOM   210  N N   . ARG A 1 28  ? 7.701   0.189   5.868   1.00 37.87 ? 28  ARG A N   1 
ATOM   211  C CA  . ARG A 1 28  ? 8.779   0.315   6.848   1.00 37.08 ? 28  ARG A CA  1 
ATOM   212  C C   . ARG A 1 28  ? 10.117  0.469   6.134   1.00 31.99 ? 28  ARG A C   1 
ATOM   213  O O   . ARG A 1 28  ? 11.092  0.906   6.740   1.00 34.76 ? 28  ARG A O   1 
ATOM   214  C CB  . ARG A 1 28  ? 8.849   -0.923  7.745   1.00 48.40 ? 28  ARG A CB  1 
ATOM   215  C CG  . ARG A 1 28  ? 9.810   -0.819  8.984   1.00 63.53 ? 28  ARG A CG  1 
ATOM   216  C CD  . ARG A 1 28  ? 10.131  -2.252  9.496   1.00 76.12 ? 28  ARG A CD  1 
ATOM   217  N NE  . ARG A 1 28  ? 10.646  -2.387  10.871  1.00 71.90 ? 28  ARG A NE  1 
ATOM   218  C CZ  . ARG A 1 28  ? 11.088  -3.544  11.397  1.00 65.17 ? 28  ARG A CZ  1 
ATOM   219  N NH1 . ARG A 1 28  ? 11.120  -4.677  10.671  1.00 61.41 ? 28  ARG A NH1 1 
ATOM   220  N NH2 . ARG A 1 28  ? 11.410  -3.606  12.687  1.00 67.39 ? 28  ARG A NH2 1 
ATOM   221  N N   . LYS A 1 29  ? 10.176  0.086   4.867   1.00 31.16 ? 29  LYS A N   1 
ATOM   222  C CA  . LYS A 1 29  ? 11.395  0.213   4.080   1.00 36.96 ? 29  LYS A CA  1 
ATOM   223  C C   . LYS A 1 29  ? 11.047  0.373   2.569   1.00 37.50 ? 29  LYS A C   1 
ATOM   224  O O   . LYS A 1 29  ? 11.305  -0.494  1.724   1.00 31.82 ? 29  LYS A O   1 
ATOM   225  C CB  . LYS A 1 29  ? 12.292  -1.007  4.321   1.00 44.59 ? 29  LYS A CB  1 
ATOM   226  C CG  . LYS A 1 29  ? 12.711  -1.160  5.791   1.00 62.12 ? 29  LYS A CG  1 
ATOM   227  C CD  . LYS A 1 29  ? 13.740  -2.295  6.050   1.00 70.51 ? 29  LYS A CD  1 
ATOM   228  C CE  . LYS A 1 29  ? 14.055  -2.396  7.591   1.00 74.68 ? 29  LYS A CE  1 
ATOM   229  N NZ  . LYS A 1 29  ? 15.250  -3.315  7.864   1.00 85.46 ? 29  LYS A NZ  1 
ATOM   230  N N   . PRO A 1 30  ? 10.476  1.521   2.209   1.00 37.60 ? 30  PRO A N   1 
ATOM   231  C CA  . PRO A 1 30  ? 10.097  1.765   0.812   1.00 35.61 ? 30  PRO A CA  1 
ATOM   232  C C   . PRO A 1 30  ? 11.231  1.516   -0.131  1.00 33.78 ? 30  PRO A C   1 
ATOM   233  O O   . PRO A 1 30  ? 12.353  1.744   0.247   1.00 36.33 ? 30  PRO A O   1 
ATOM   234  C CB  . PRO A 1 30  ? 9.725   3.250   0.824   1.00 36.10 ? 30  PRO A CB  1 
ATOM   235  C CG  . PRO A 1 30  ? 10.609  3.815   1.887   1.00 45.93 ? 30  PRO A CG  1 
ATOM   236  C CD  . PRO A 1 30  ? 10.454  2.769   2.982   1.00 40.62 ? 30  PRO A CD  1 
ATOM   237  N N   . VAL A 1 31  ? 10.949  1.035   -1.340  1.00 31.49 ? 31  VAL A N   1 
ATOM   238  C CA  . VAL A 1 31  ? 11.993  0.806   -2.327  1.00 29.13 ? 31  VAL A CA  1 
ATOM   239  C C   . VAL A 1 31  ? 12.367  2.191   -2.831  1.00 30.50 ? 31  VAL A C   1 
ATOM   240  O O   . VAL A 1 31  ? 13.526  2.490   -3.070  1.00 34.11 ? 31  VAL A O   1 
ATOM   241  C CB  . VAL A 1 31  ? 11.482  -0.072  -3.487  1.00 27.37 ? 31  VAL A CB  1 
ATOM   242  C CG1 . VAL A 1 31  ? 12.267  0.162   -4.748  1.00 18.44 ? 31  VAL A CG1 1 
ATOM   243  C CG2 . VAL A 1 31  ? 11.625  -1.489  -3.127  1.00 21.07 ? 31  VAL A CG2 1 
ATOM   244  N N   . VAL A 1 32  ? 11.369  3.044   -2.990  1.00 32.63 ? 32  VAL A N   1 
ATOM   245  C CA  . VAL A 1 32  ? 11.579  4.426   -3.434  1.00 31.65 ? 32  VAL A CA  1 
ATOM   246  C C   . VAL A 1 32  ? 10.649  5.268   -2.566  1.00 32.90 ? 32  VAL A C   1 
ATOM   247  O O   . VAL A 1 32  ? 9.800   4.726   -1.837  1.00 33.83 ? 32  VAL A O   1 
ATOM   248  C CB  . VAL A 1 32  ? 11.130  4.715   -4.900  1.00 30.53 ? 32  VAL A CB  1 
ATOM   249  C CG1 . VAL A 1 32  ? 12.004  4.019   -5.926  1.00 21.24 ? 32  VAL A CG1 1 
ATOM   250  C CG2 . VAL A 1 32  ? 9.653   4.397   -5.078  1.00 38.96 ? 32  VAL A CG2 1 
ATOM   251  N N   . PRO A 1 33  ? 10.803  6.602   -2.617  1.00 32.37 ? 33  PRO A N   1 
ATOM   252  C CA  . PRO A 1 33  ? 9.941   7.468   -1.818  1.00 31.23 ? 33  PRO A CA  1 
ATOM   253  C C   . PRO A 1 33  ? 8.492   7.304   -2.205  1.00 26.44 ? 33  PRO A C   1 
ATOM   254  O O   . PRO A 1 33  ? 8.132   7.217   -3.383  1.00 25.00 ? 33  PRO A O   1 
ATOM   255  C CB  . PRO A 1 33  ? 10.471  8.866   -2.148  1.00 31.75 ? 33  PRO A CB  1 
ATOM   256  C CG  . PRO A 1 33  ? 11.916  8.630   -2.340  1.00 30.34 ? 33  PRO A CG  1 
ATOM   257  C CD  . PRO A 1 33  ? 11.937  7.368   -3.163  1.00 35.12 ? 33  PRO A CD  1 
ATOM   258  N N   . GLY A 1 34  ? 7.672   7.224   -1.181  1.00 23.94 ? 34  GLY A N   1 
ATOM   259  C CA  . GLY A 1 34  ? 6.261   7.066   -1.401  1.00 32.13 ? 34  GLY A CA  1 
ATOM   260  C C   . GLY A 1 34  ? 5.809   5.670   -1.758  1.00 33.00 ? 34  GLY A C   1 
ATOM   261  O O   . GLY A 1 34  ? 4.662   5.492   -2.184  1.00 32.28 ? 34  GLY A O   1 
ATOM   262  N N   . HIS A 1 35  ? 6.703   4.694   -1.597  1.00 32.12 ? 35  HIS A N   1 
ATOM   263  C CA  . HIS A 1 35  ? 6.397   3.283   -1.859  1.00 25.21 ? 35  HIS A CA  1 
ATOM   264  C C   . HIS A 1 35  ? 5.405   2.861   -0.800  1.00 21.83 ? 35  HIS A C   1 
ATOM   265  O O   . HIS A 1 35  ? 5.772   2.729   0.355   1.00 24.62 ? 35  HIS A O   1 
ATOM   266  C CB  . HIS A 1 35  ? 7.658   2.429   -1.745  1.00 25.50 ? 35  HIS A CB  1 
ATOM   267  C CG  . HIS A 1 35  ? 7.403   0.959   -1.898  1.00 18.95 ? 35  HIS A CG  1 
ATOM   268  N ND1 . HIS A 1 35  ? 8.031   0.010   -1.121  1.00 26.32 ? 35  HIS A ND1 1 
ATOM   269  C CD2 . HIS A 1 35  ? 6.631   0.279   -2.764  1.00 28.05 ? 35  HIS A CD2 1 
ATOM   270  C CE1 . HIS A 1 35  ? 7.660   -1.194  -1.517  1.00 29.85 ? 35  HIS A CE1 1 
ATOM   271  N NE2 . HIS A 1 35  ? 6.807   -1.054  -2.517  1.00 27.33 ? 35  HIS A NE2 1 
ATOM   272  N N   . VAL A 1 36  ? 4.138   2.763   -1.172  1.00 19.30 ? 36  VAL A N   1 
ATOM   273  C CA  . VAL A 1 36  ? 3.086   2.361   -0.258  1.00 18.55 ? 36  VAL A CA  1 
ATOM   274  C C   . VAL A 1 36  ? 2.466   1.034   -0.736  1.00 20.76 ? 36  VAL A C   1 
ATOM   275  O O   . VAL A 1 36  ? 2.740   0.557   -1.844  1.00 19.46 ? 36  VAL A O   1 
ATOM   276  C CB  . VAL A 1 36  ? 1.994   3.458   -0.068  1.00 21.96 ? 36  VAL A CB  1 
ATOM   277  C CG1 . VAL A 1 36  ? 2.586   4.698   0.564   1.00 7.90  ? 36  VAL A CG1 1 
ATOM   278  C CG2 . VAL A 1 36  ? 1.296   3.777   -1.385  1.00 14.75 ? 36  VAL A CG2 1 
ATOM   279  N N   . LEU A 1 37  ? 1.659   0.418   0.118   1.00 20.31 ? 37  LEU A N   1 
ATOM   280  C CA  . LEU A 1 37  ? 1.051   -0.863  -0.205  1.00 25.99 ? 37  LEU A CA  1 
ATOM   281  C C   . LEU A 1 37  ? -0.435  -0.745  0.000   1.00 26.58 ? 37  LEU A C   1 
ATOM   282  O O   . LEU A 1 37  ? -0.861  -0.047  0.908   1.00 29.91 ? 37  LEU A O   1 
ATOM   283  C CB  . LEU A 1 37  ? 1.570   -1.922  0.772   1.00 25.20 ? 37  LEU A CB  1 
ATOM   284  C CG  . LEU A 1 37  ? 3.073   -2.064  0.951   1.00 21.86 ? 37  LEU A CG  1 
ATOM   285  C CD1 . LEU A 1 37  ? 3.392   -2.317  2.404   1.00 33.76 ? 37  LEU A CD1 1 
ATOM   286  C CD2 . LEU A 1 37  ? 3.609   -3.150  0.057   1.00 23.19 ? 37  LEU A CD2 1 
ATOM   287  N N   . VAL A 1 38  ? -1.226  -1.442  -0.803  1.00 26.69 ? 38  VAL A N   1 
ATOM   288  C CA  . VAL A 1 38  ? -2.680  -1.431  -0.634  1.00 23.64 ? 38  VAL A CA  1 
ATOM   289  C C   . VAL A 1 38  ? -3.117  -2.905  -0.536  1.00 22.11 ? 38  VAL A C   1 
ATOM   290  O O   . VAL A 1 38  ? -2.837  -3.710  -1.413  1.00 18.84 ? 38  VAL A O   1 
ATOM   291  C CB  . VAL A 1 38  ? -3.364  -0.654  -1.769  1.00 13.78 ? 38  VAL A CB  1 
ATOM   292  C CG1 . VAL A 1 38  ? -4.786  -0.396  -1.413  1.00 9.65  ? 38  VAL A CG1 1 
ATOM   293  C CG2 . VAL A 1 38  ? -2.610  0.672   -2.013  1.00 11.86 ? 38  VAL A CG2 1 
ATOM   294  N N   . CYS A 1 39  ? -3.757  -3.256  0.572   1.00 22.24 ? 39  CYS A N   1 
ATOM   295  C CA  . CYS A 1 39  ? -4.161  -4.631  0.861   1.00 24.85 ? 39  CYS A CA  1 
ATOM   296  C C   . CYS A 1 39  ? -5.627  -4.793  1.172   1.00 28.06 ? 39  CYS A C   1 
ATOM   297  O O   . CYS A 1 39  ? -6.326  -3.808  1.418   1.00 34.50 ? 39  CYS A O   1 
ATOM   298  C CB  . CYS A 1 39  ? -3.427  -5.110  2.121   1.00 27.95 ? 39  CYS A CB  1 
ATOM   299  S SG  . CYS A 1 39  ? -1.797  -4.428  2.360   1.00 28.75 ? 39  CYS A SG  1 
ATOM   300  N N   . PRO A 1 40  ? -6.141  -6.037  1.099   1.00 26.15 ? 40  PRO A N   1 
ATOM   301  C CA  . PRO A 1 40  ? -7.551  -6.218  1.423   1.00 23.17 ? 40  PRO A CA  1 
ATOM   302  C C   . PRO A 1 40  ? -7.541  -6.349  2.947   1.00 24.01 ? 40  PRO A C   1 
ATOM   303  O O   . PRO A 1 40  ? -6.525  -6.750  3.530   1.00 21.06 ? 40  PRO A O   1 
ATOM   304  C CB  . PRO A 1 40  ? -7.910  -7.523  0.711   1.00 14.21 ? 40  PRO A CB  1 
ATOM   305  C CG  . PRO A 1 40  ? -6.669  -8.294  0.774   1.00 19.85 ? 40  PRO A CG  1 
ATOM   306  C CD  . PRO A 1 40  ? -5.564  -7.281  0.551   1.00 26.19 ? 40  PRO A CD  1 
ATOM   307  N N   . LEU A 1 41  ? -8.581  -5.864  3.605   1.00 26.61 ? 41  LEU A N   1 
ATOM   308  C CA  . LEU A 1 41  ? -8.636  -5.965  5.064   1.00 30.42 ? 41  LEU A CA  1 
ATOM   309  C C   . LEU A 1 41  ? -8.542  -7.432  5.450   1.00 28.94 ? 41  LEU A C   1 
ATOM   310  O O   . LEU A 1 41  ? -7.726  -7.815  6.305   1.00 27.31 ? 41  LEU A O   1 
ATOM   311  C CB  . LEU A 1 41  ? -9.952  -5.392  5.598   1.00 25.10 ? 41  LEU A CB  1 
ATOM   312  C CG  . LEU A 1 41  ? -10.043 -3.902  5.900   1.00 26.37 ? 41  LEU A CG  1 
ATOM   313  C CD1 . LEU A 1 41  ? -11.460 -3.355  5.627   1.00 24.65 ? 41  LEU A CD1 1 
ATOM   314  C CD2 . LEU A 1 41  ? -9.589  -3.700  7.341   1.00 21.95 ? 41  LEU A CD2 1 
ATOM   315  N N   . ARG A 1 42  ? -9.363  -8.247  4.773   1.00 27.29 ? 42  ARG A N   1 
ATOM   316  C CA  . ARG A 1 42  ? -9.435  -9.675  5.013   1.00 23.80 ? 42  ARG A CA  1 
ATOM   317  C C   . ARG A 1 42  ? -8.164  -10.349 4.626   1.00 26.30 ? 42  ARG A C   1 
ATOM   318  O O   . ARG A 1 42  ? -7.771  -10.330 3.467   1.00 30.40 ? 42  ARG A O   1 
ATOM   319  C CB  . ARG A 1 42  ? -10.586 -10.262 4.267   1.00 28.53 ? 42  ARG A CB  1 
ATOM   320  C CG  . ARG A 1 42  ? -10.933 -11.604 4.802   1.00 29.22 ? 42  ARG A CG  1 
ATOM   321  C CD  . ARG A 1 42  ? -12.285 -11.970 4.325   1.00 37.90 ? 42  ARG A CD  1 
ATOM   322  N NE  . ARG A 1 42  ? -12.331 -12.112 2.874   1.00 37.00 ? 42  ARG A NE  1 
ATOM   323  C CZ  . ARG A 1 42  ? -11.862 -13.168 2.229   1.00 26.89 ? 42  ARG A CZ  1 
ATOM   324  N NH1 . ARG A 1 42  ? -11.290 -14.165 2.895   1.00 28.25 ? 42  ARG A NH1 1 
ATOM   325  N NH2 . ARG A 1 42  ? -12.067 -13.264 0.932   1.00 29.86 ? 42  ARG A NH2 1 
ATOM   326  N N   . PRO A 1 43  ? -7.549  -11.052 5.571   1.00 27.72 ? 43  PRO A N   1 
ATOM   327  C CA  . PRO A 1 43  ? -6.280  -11.751 5.352   1.00 28.91 ? 43  PRO A CA  1 
ATOM   328  C C   . PRO A 1 43  ? -6.283  -13.040 4.523   1.00 32.05 ? 43  PRO A C   1 
ATOM   329  O O   . PRO A 1 43  ? -6.457  -14.137 5.076   1.00 33.63 ? 43  PRO A O   1 
ATOM   330  C CB  . PRO A 1 43  ? -5.812  -12.020 6.762   1.00 25.67 ? 43  PRO A CB  1 
ATOM   331  C CG  . PRO A 1 43  ? -7.152  -12.370 7.459   1.00 27.36 ? 43  PRO A CG  1 
ATOM   332  C CD  . PRO A 1 43  ? -8.186  -11.462 6.829   1.00 18.88 ? 43  PRO A CD  1 
ATOM   333  N N   . VAL A 1 44  ? -6.084  -12.911 3.207   1.00 30.53 ? 44  VAL A N   1 
ATOM   334  C CA  . VAL A 1 44  ? -5.989  -14.068 2.308   1.00 29.72 ? 44  VAL A CA  1 
ATOM   335  C C   . VAL A 1 44  ? -4.619  -13.975 1.648   1.00 27.63 ? 44  VAL A C   1 
ATOM   336  O O   . VAL A 1 44  ? -4.109  -12.870 1.431   1.00 31.72 ? 44  VAL A O   1 
ATOM   337  C CB  . VAL A 1 44  ? -7.128  -14.135 1.260   1.00 22.66 ? 44  VAL A CB  1 
ATOM   338  C CG1 . VAL A 1 44  ? -8.463  -14.189 1.943   1.00 30.65 ? 44  VAL A CG1 1 
ATOM   339  C CG2 . VAL A 1 44  ? -7.091  -12.974 0.411   1.00 27.92 ? 44  VAL A CG2 1 
ATOM   340  N N   . GLU A 1 45  ? -3.996  -15.117 1.389   1.00 22.93 ? 45  GLU A N   1 
ATOM   341  C CA  . GLU A 1 45  ? -2.676  -15.148 0.793   1.00 27.68 ? 45  GLU A CA  1 
ATOM   342  C C   . GLU A 1 45  ? -2.592  -14.967 -0.730  1.00 27.52 ? 45  GLU A C   1 
ATOM   343  O O   . GLU A 1 45  ? -1.589  -14.420 -1.251  1.00 30.32 ? 45  GLU A O   1 
ATOM   344  C CB  . GLU A 1 45  ? -1.973  -16.466 1.162   1.00 32.43 ? 45  GLU A CB  1 
ATOM   345  C CG  . GLU A 1 45  ? -0.610  -16.661 0.403   1.00 47.77 ? 45  GLU A CG  1 
ATOM   346  C CD  . GLU A 1 45  ? -0.013  -18.085 0.460   1.00 45.59 ? 45  GLU A CD  1 
ATOM   347  O OE1 . GLU A 1 45  ? -0.784  -19.047 0.768   1.00 41.26 ? 45  GLU A OE1 1 
ATOM   348  O OE2 . GLU A 1 45  ? 1.217   -18.223 0.164   1.00 44.55 ? 45  GLU A OE2 1 
ATOM   349  N N   . ARG A 1 46  ? -3.632  -15.411 -1.435  1.00 20.95 ? 46  ARG A N   1 
ATOM   350  C CA  . ARG A 1 46  ? -3.627  -15.390 -2.884  1.00 17.09 ? 46  ARG A CA  1 
ATOM   351  C C   . ARG A 1 46  ? -4.817  -14.684 -3.514  1.00 19.08 ? 46  ARG A C   1 
ATOM   352  O O   . ARG A 1 46  ? -5.971  -14.842 -3.110  1.00 18.76 ? 46  ARG A O   1 
ATOM   353  C CB  . ARG A 1 46  ? -3.518  -16.812 -3.405  1.00 15.76 ? 46  ARG A CB  1 
ATOM   354  C CG  . ARG A 1 46  ? -2.310  -17.600 -2.905  1.00 9.08  ? 46  ARG A CG  1 
ATOM   355  C CD  . ARG A 1 46  ? -1.129  -17.221 -3.713  1.00 21.94 ? 46  ARG A CD  1 
ATOM   356  N NE  . ARG A 1 46  ? -1.538  -17.175 -5.102  1.00 28.57 ? 46  ARG A NE  1 
ATOM   357  C CZ  . ARG A 1 46  ? -1.045  -17.948 -6.049  1.00 28.74 ? 46  ARG A CZ  1 
ATOM   358  N NH1 . ARG A 1 46  ? -0.097  -18.820 -5.747  1.00 40.31 ? 46  ARG A NH1 1 
ATOM   359  N NH2 . ARG A 1 46  ? -1.527  -17.881 -7.283  1.00 30.92 ? 46  ARG A NH2 1 
ATOM   360  N N   . PHE A 1 47  ? -4.502  -13.973 -4.589  1.00 18.76 ? 47  PHE A N   1 
ATOM   361  C CA  . PHE A 1 47  ? -5.429  -13.134 -5.307  1.00 13.54 ? 47  PHE A CA  1 
ATOM   362  C C   . PHE A 1 47  ? -6.682  -13.796 -5.776  1.00 16.26 ? 47  PHE A C   1 
ATOM   363  O O   . PHE A 1 47  ? -7.696  -13.135 -5.846  1.00 19.43 ? 47  PHE A O   1 
ATOM   364  C CB  . PHE A 1 47  ? -4.685  -12.408 -6.442  1.00 13.34 ? 47  PHE A CB  1 
ATOM   365  C CG  . PHE A 1 47  ? -5.490  -11.377 -7.169  1.00 16.26 ? 47  PHE A CG  1 
ATOM   366  C CD1 . PHE A 1 47  ? -6.183  -10.409 -6.495  1.00 17.33 ? 47  PHE A CD1 1 
ATOM   367  C CD2 . PHE A 1 47  ? -5.504  -11.352 -8.549  1.00 21.05 ? 47  PHE A CD2 1 
ATOM   368  C CE1 . PHE A 1 47  ? -6.874  -9.429  -7.192  1.00 18.62 ? 47  PHE A CE1 1 
ATOM   369  C CE2 . PHE A 1 47  ? -6.186  -10.381 -9.251  1.00 14.03 ? 47  PHE A CE2 1 
ATOM   370  C CZ  . PHE A 1 47  ? -6.872  -9.417  -8.577  1.00 20.94 ? 47  PHE A CZ  1 
ATOM   371  N N   . HIS A 1 48  ? -6.656  -15.093 -6.066  1.00 20.79 ? 48  HIS A N   1 
ATOM   372  C CA  . HIS A 1 48  ? -7.883  -15.746 -6.537  1.00 23.51 ? 48  HIS A CA  1 
ATOM   373  C C   . HIS A 1 48  ? -8.870  -15.974 -5.395  1.00 29.23 ? 48  HIS A C   1 
ATOM   374  O O   . HIS A 1 48  ? -10.017 -16.389 -5.624  1.00 27.17 ? 48  HIS A O   1 
ATOM   375  C CB  . HIS A 1 48  ? -7.600  -17.058 -7.256  1.00 24.13 ? 48  HIS A CB  1 
ATOM   376  C CG  . HIS A 1 48  ? -7.221  -18.173 -6.332  1.00 35.51 ? 48  HIS A CG  1 
ATOM   377  N ND1 . HIS A 1 48  ? -5.917  -18.615 -6.185  1.00 34.51 ? 48  HIS A ND1 1 
ATOM   378  C CD2 . HIS A 1 48  ? -7.962  -18.881 -5.436  1.00 35.99 ? 48  HIS A CD2 1 
ATOM   379  C CE1 . HIS A 1 48  ? -5.869  -19.531 -5.232  1.00 38.36 ? 48  HIS A CE1 1 
ATOM   380  N NE2 . HIS A 1 48  ? -7.096  -19.713 -4.759  1.00 37.62 ? 48  HIS A NE2 1 
ATOM   381  N N   . ASP A 1 49  ? -8.410  -15.695 -4.172  1.00 33.89 ? 49  ASP A N   1 
ATOM   382  C CA  . ASP A 1 49  ? -9.222  -15.863 -2.957  1.00 32.79 ? 49  ASP A CA  1 
ATOM   383  C C   . ASP A 1 49  ? -10.187 -14.749 -2.599  1.00 33.35 ? 49  ASP A C   1 
ATOM   384  O O   . ASP A 1 49  ? -11.081 -14.965 -1.771  1.00 36.67 ? 49  ASP A O   1 
ATOM   385  C CB  . ASP A 1 49  ? -8.342  -16.127 -1.746  1.00 30.46 ? 49  ASP A CB  1 
ATOM   386  C CG  . ASP A 1 49  ? -7.788  -17.545 -1.740  1.00 36.02 ? 49  ASP A CG  1 
ATOM   387  O OD1 . ASP A 1 49  ? -8.525  -18.483 -2.154  1.00 28.83 ? 49  ASP A OD1 1 
ATOM   388  O OD2 . ASP A 1 49  ? -6.611  -17.702 -1.320  1.00 30.27 ? 49  ASP A OD2 1 
ATOM   389  N N   . LEU A 1 50  ? -10.014 -13.578 -3.216  1.00 31.36 ? 50  LEU A N   1 
ATOM   390  C CA  . LEU A 1 50  ? -10.847 -12.408 -2.965  1.00 22.34 ? 50  LEU A CA  1 
ATOM   391  C C   . LEU A 1 50  ? -12.138 -12.542 -3.673  1.00 19.89 ? 50  LEU A C   1 
ATOM   392  O O   . LEU A 1 50  ? -12.167 -12.868 -4.842  1.00 30.52 ? 50  LEU A O   1 
ATOM   393  C CB  . LEU A 1 50  ? -10.197 -11.156 -3.530  1.00 18.73 ? 50  LEU A CB  1 
ATOM   394  C CG  . LEU A 1 50  ? -8.851  -10.715 -3.015  1.00 12.44 ? 50  LEU A CG  1 
ATOM   395  C CD1 . LEU A 1 50  ? -8.771  -9.219  -3.132  1.00 14.37 ? 50  LEU A CD1 1 
ATOM   396  C CD2 . LEU A 1 50  ? -8.745  -11.090 -1.595  1.00 26.99 ? 50  LEU A CD2 1 
ATOM   397  N N   . ARG A 1 51  ? -13.224 -12.258 -2.994  1.00 19.09 ? 51  ARG A N   1 
ATOM   398  C CA  . ARG A 1 51  ? -14.504 -12.308 -3.678  1.00 23.33 ? 51  ARG A CA  1 
ATOM   399  C C   . ARG A 1 51  ? -14.410 -11.143 -4.675  1.00 23.21 ? 51  ARG A C   1 
ATOM   400  O O   . ARG A 1 51  ? -13.502 -10.337 -4.596  1.00 28.69 ? 51  ARG A O   1 
ATOM   401  C CB  . ARG A 1 51  ? -15.644 -12.111 -2.681  1.00 23.43 ? 51  ARG A CB  1 
ATOM   402  C CG  . ARG A 1 51  ? -15.423 -12.833 -1.374  1.00 21.90 ? 51  ARG A CG  1 
ATOM   403  C CD  . ARG A 1 51  ? -16.553 -12.576 -0.411  1.00 35.15 ? 51  ARG A CD  1 
ATOM   404  N NE  . ARG A 1 51  ? -16.773 -11.155 -0.126  1.00 33.05 ? 51  ARG A NE  1 
ATOM   405  C CZ  . ARG A 1 51  ? -16.226 -10.492 0.901   1.00 40.45 ? 51  ARG A CZ  1 
ATOM   406  N NH1 . ARG A 1 51  ? -15.354 -11.097 1.732   1.00 30.86 ? 51  ARG A NH1 1 
ATOM   407  N NH2 . ARG A 1 51  ? -16.526 -9.203  1.076   1.00 29.94 ? 51  ARG A NH2 1 
ATOM   408  N N   . PRO A 1 52  ? -15.280 -11.093 -5.677  1.00 27.12 ? 52  PRO A N   1 
ATOM   409  C CA  . PRO A 1 52  ? -15.238 -10.014 -6.649  1.00 24.21 ? 52  PRO A CA  1 
ATOM   410  C C   . PRO A 1 52  ? -15.279 -8.594  -6.141  1.00 29.85 ? 52  PRO A C   1 
ATOM   411  O O   . PRO A 1 52  ? -14.668 -7.726  -6.762  1.00 33.49 ? 52  PRO A O   1 
ATOM   412  C CB  . PRO A 1 52  ? -16.429 -10.338 -7.533  1.00 28.69 ? 52  PRO A CB  1 
ATOM   413  C CG  . PRO A 1 52  ? -16.298 -11.791 -7.669  1.00 19.68 ? 52  PRO A CG  1 
ATOM   414  C CD  . PRO A 1 52  ? -16.069 -12.209 -6.224  1.00 33.44 ? 52  PRO A CD  1 
ATOM   415  N N   . ASP A 1 53  ? -15.979 -8.343  -5.029  1.00 30.73 ? 53  ASP A N   1 
ATOM   416  C CA  . ASP A 1 53  ? -16.100 -6.979  -4.481  1.00 28.23 ? 53  ASP A CA  1 
ATOM   417  C C   . ASP A 1 53  ? -14.824 -6.489  -3.853  1.00 29.07 ? 53  ASP A C   1 
ATOM   418  O O   . ASP A 1 53  ? -14.509 -5.294  -3.957  1.00 30.63 ? 53  ASP A O   1 
ATOM   419  C CB  . ASP A 1 53  ? -17.296 -6.806  -3.500  1.00 30.74 ? 53  ASP A CB  1 
ATOM   420  C CG  . ASP A 1 53  ? -17.200 -7.682  -2.219  1.00 29.56 ? 53  ASP A CG  1 
ATOM   421  O OD1 . ASP A 1 53  ? -16.590 -8.777  -2.220  1.00 28.69 ? 53  ASP A OD1 1 
ATOM   422  O OD2 . ASP A 1 53  ? -17.806 -7.281  -1.193  1.00 36.12 ? 53  ASP A OD2 1 
ATOM   423  N N   . GLU A 1 54  ? -14.125 -7.404  -3.170  1.00 24.35 ? 54  GLU A N   1 
ATOM   424  C CA  . GLU A 1 54  ? -12.855 -7.108  -2.544  1.00 23.43 ? 54  GLU A CA  1 
ATOM   425  C C   . GLU A 1 54  ? -11.881 -6.740  -3.637  1.00 23.46 ? 54  GLU A C   1 
ATOM   426  O O   . GLU A 1 54  ? -10.991 -5.941  -3.426  1.00 25.58 ? 54  GLU A O   1 
ATOM   427  C CB  . GLU A 1 54  ? -12.334 -8.311  -1.801  1.00 19.58 ? 54  GLU A CB  1 
ATOM   428  C CG  . GLU A 1 54  ? -13.068 -8.599  -0.554  1.00 16.06 ? 54  GLU A CG  1 
ATOM   429  C CD  . GLU A 1 54  ? -12.512 -9.801  0.143   1.00 21.63 ? 54  GLU A CD  1 
ATOM   430  O OE1 . GLU A 1 54  ? -12.618 -10.890 -0.418  1.00 30.25 ? 54  GLU A OE1 1 
ATOM   431  O OE2 . GLU A 1 54  ? -11.972 -9.686  1.254   1.00 30.79 ? 54  GLU A OE2 1 
ATOM   432  N N   . VAL A 1 55  ? -12.075 -7.308  -4.821  1.00 24.18 ? 55  VAL A N   1 
ATOM   433  C CA  . VAL A 1 55  ? -11.221 -7.011  -5.960  1.00 19.72 ? 55  VAL A CA  1 
ATOM   434  C C   . VAL A 1 55  ? -11.512 -5.612  -6.521  1.00 18.53 ? 55  VAL A C   1 
ATOM   435  O O   . VAL A 1 55  ? -10.602 -4.858  -6.814  1.00 18.06 ? 55  VAL A O   1 
ATOM   436  C CB  . VAL A 1 55  ? -11.396 -8.086  -7.068  1.00 20.26 ? 55  VAL A CB  1 
ATOM   437  C CG1 . VAL A 1 55  ? -10.758 -7.618  -8.399  1.00 2.70  ? 55  VAL A CG1 1 
ATOM   438  C CG2 . VAL A 1 55  ? -10.821 -9.410  -6.595  1.00 10.07 ? 55  VAL A CG2 1 
ATOM   439  N N   . ALA A 1 56  ? -12.782 -5.287  -6.724  1.00 21.97 ? 56  ALA A N   1 
ATOM   440  C CA  . ALA A 1 56  ? -13.154 -3.987  -7.245  1.00 18.25 ? 56  ALA A CA  1 
ATOM   441  C C   . ALA A 1 56  ? -12.718 -2.947  -6.237  1.00 20.54 ? 56  ALA A C   1 
ATOM   442  O O   . ALA A 1 56  ? -12.206 -1.914  -6.630  1.00 27.33 ? 56  ALA A O   1 
ATOM   443  C CB  . ALA A 1 56  ? -14.620 -3.918  -7.442  1.00 9.06  ? 56  ALA A CB  1 
ATOM   444  N N   . ASP A 1 57  ? -12.854 -3.247  -4.941  1.00 19.97 ? 57  ASP A N   1 
ATOM   445  C CA  . ASP A 1 57  ? -12.462 -2.328  -3.863  1.00 19.62 ? 57  ASP A CA  1 
ATOM   446  C C   . ASP A 1 57  ? -10.948 -2.231  -3.625  1.00 17.91 ? 57  ASP A C   1 
ATOM   447  O O   . ASP A 1 57  ? -10.466 -1.233  -3.104  1.00 22.46 ? 57  ASP A O   1 
ATOM   448  C CB  . ASP A 1 57  ? -13.177 -2.694  -2.556  1.00 25.78 ? 57  ASP A CB  1 
ATOM   449  C CG  . ASP A 1 57  ? -13.134 -1.557  -1.507  1.00 34.34 ? 57  ASP A CG  1 
ATOM   450  O OD1 . ASP A 1 57  ? -12.166 -1.475  -0.707  1.00 27.74 ? 57  ASP A OD1 1 
ATOM   451  O OD2 . ASP A 1 57  ? -14.091 -0.739  -1.477  1.00 40.32 ? 57  ASP A OD2 1 
ATOM   452  N N   . LEU A 1 58  ? -10.213 -3.300  -3.894  1.00 15.88 ? 58  LEU A N   1 
ATOM   453  C CA  . LEU A 1 58  ? -8.781  -3.283  -3.745  1.00 9.52  ? 58  LEU A CA  1 
ATOM   454  C C   . LEU A 1 58  ? -8.225  -2.380  -4.814  1.00 11.84 ? 58  LEU A C   1 
ATOM   455  O O   . LEU A 1 58  ? -7.487  -1.463  -4.514  1.00 17.76 ? 58  LEU A O   1 
ATOM   456  C CB  . LEU A 1 58  ? -8.198  -4.676  -3.910  1.00 8.87  ? 58  LEU A CB  1 
ATOM   457  C CG  . LEU A 1 58  ? -6.670  -4.812  -3.849  1.00 10.03 ? 58  LEU A CG  1 
ATOM   458  C CD1 . LEU A 1 58  ? -6.094  -4.297  -2.584  1.00 6.08  ? 58  LEU A CD1 1 
ATOM   459  C CD2 . LEU A 1 58  ? -6.274  -6.239  -4.013  1.00 6.16  ? 58  LEU A CD2 1 
ATOM   460  N N   . PHE A 1 59  ? -8.627  -2.593  -6.063  1.00 16.74 ? 59  PHE A N   1 
ATOM   461  C CA  . PHE A 1 59  ? -8.102  -1.796  -7.152  1.00 13.08 ? 59  PHE A CA  1 
ATOM   462  C C   . PHE A 1 59  ? -8.674  -0.404  -7.409  1.00 22.12 ? 59  PHE A C   1 
ATOM   463  O O   . PHE A 1 59  ? -8.027  0.435   -8.078  1.00 21.70 ? 59  PHE A O   1 
ATOM   464  C CB  . PHE A 1 59  ? -7.908  -2.639  -8.403  1.00 7.34  ? 59  PHE A CB  1 
ATOM   465  C CG  . PHE A 1 59  ? -6.762  -3.620  -8.289  1.00 12.27 ? 59  PHE A CG  1 
ATOM   466  C CD1 . PHE A 1 59  ? -5.453  -3.227  -8.584  1.00 16.85 ? 59  PHE A CD1 1 
ATOM   467  C CD2 . PHE A 1 59  ? -6.970  -4.893  -7.807  1.00 6.95  ? 59  PHE A CD2 1 
ATOM   468  C CE1 . PHE A 1 59  ? -4.371  -4.070  -8.386  1.00 11.60 ? 59  PHE A CE1 1 
ATOM   469  C CE2 . PHE A 1 59  ? -5.902  -5.755  -7.603  1.00 15.27 ? 59  PHE A CE2 1 
ATOM   470  C CZ  . PHE A 1 59  ? -4.596  -5.342  -7.891  1.00 16.24 ? 59  PHE A CZ  1 
ATOM   471  N N   . GLN A 1 60  ? -9.849  -0.112  -6.847  1.00 27.60 ? 60  GLN A N   1 
ATOM   472  C CA  . GLN A 1 60  ? -10.414 1.251   -6.966  1.00 30.10 ? 60  GLN A CA  1 
ATOM   473  C C   . GLN A 1 60  ? -9.579  2.076   -5.987  1.00 29.19 ? 60  GLN A C   1 
ATOM   474  O O   . GLN A 1 60  ? -9.072  3.150   -6.330  1.00 34.26 ? 60  GLN A O   1 
ATOM   475  C CB  . GLN A 1 60  ? -11.906 1.301   -6.597  1.00 31.37 ? 60  GLN A CB  1 
ATOM   476  C CG  . GLN A 1 60  ? -12.824 1.117   -7.807  1.00 29.06 ? 60  GLN A CG  1 
ATOM   477  C CD  . GLN A 1 60  ? -14.160 0.457   -7.510  1.00 23.32 ? 60  GLN A CD  1 
ATOM   478  O OE1 . GLN A 1 60  ? -14.522 0.224   -6.366  1.00 14.32 ? 60  GLN A OE1 1 
ATOM   479  N NE2 . GLN A 1 60  ? -14.907 0.159   -8.568  1.00 22.07 ? 60  GLN A NE2 1 
ATOM   480  N N   . THR A 1 61  ? -9.381  1.525   -4.791  1.00 23.49 ? 61  THR A N   1 
ATOM   481  C CA  . THR A 1 61  ? -8.564  2.137   -3.747  1.00 17.55 ? 61  THR A CA  1 
ATOM   482  C C   . THR A 1 61  ? -7.144  2.351   -4.231  1.00 14.94 ? 61  THR A C   1 
ATOM   483  O O   . THR A 1 61  ? -6.542  3.341   -3.882  1.00 18.56 ? 61  THR A O   1 
ATOM   484  C CB  . THR A 1 61  ? -8.514  1.239   -2.512  1.00 17.73 ? 61  THR A CB  1 
ATOM   485  O OG1 . THR A 1 61  ? -9.822  1.151   -1.943  1.00 19.47 ? 61  THR A OG1 1 
ATOM   486  C CG2 . THR A 1 61  ? -7.534  1.752   -1.488  1.00 17.29 ? 61  THR A CG2 1 
ATOM   487  N N   . THR A 1 62  ? -6.602  1.402   -4.994  1.00 18.57 ? 62  THR A N   1 
ATOM   488  C CA  . THR A 1 62  ? -5.232  1.495   -5.528  1.00 14.71 ? 62  THR A CA  1 
ATOM   489  C C   . THR A 1 62  ? -5.132  2.615   -6.533  1.00 18.84 ? 62  THR A C   1 
ATOM   490  O O   . THR A 1 62  ? -4.095  3.250   -6.648  1.00 19.92 ? 62  THR A O   1 
ATOM   491  C CB  . THR A 1 62  ? -4.766  0.171   -6.152  1.00 13.28 ? 62  THR A CB  1 
ATOM   492  O OG1 . THR A 1 62  ? -4.671  -0.814  -5.124  1.00 18.13 ? 62  THR A OG1 1 
ATOM   493  C CG2 . THR A 1 62  ? -3.446  0.293   -6.791  1.00 2.01  ? 62  THR A CG2 1 
ATOM   494  N N   . GLN A 1 63  ? -6.226  2.883   -7.237  1.00 20.51 ? 63  GLN A N   1 
ATOM   495  C CA  . GLN A 1 63  ? -6.252  3.960   -8.227  1.00 19.07 ? 63  GLN A CA  1 
ATOM   496  C C   . GLN A 1 63  ? -6.035  5.253   -7.480  1.00 18.94 ? 63  GLN A C   1 
ATOM   497  O O   . GLN A 1 63  ? -5.068  5.969   -7.747  1.00 17.11 ? 63  GLN A O   1 
ATOM   498  C CB  . GLN A 1 63  ? -7.597  4.013   -8.923  1.00 11.98 ? 63  GLN A CB  1 
ATOM   499  C CG  . GLN A 1 63  ? -7.610  4.844   -10.159 1.00 11.72 ? 63  GLN A CG  1 
ATOM   500  C CD  . GLN A 1 63  ? -8.977  4.929   -10.774 1.00 12.49 ? 63  GLN A CD  1 
ATOM   501  O OE1 . GLN A 1 63  ? -9.092  5.058   -11.971 1.00 23.97 ? 63  GLN A OE1 1 
ATOM   502  N NE2 . GLN A 1 63  ? -10.023 4.851   -9.967  1.00 20.25 ? 63  GLN A NE2 1 
ATOM   503  N N   . ARG A 1 64  ? -6.893  5.470   -6.480  1.00 18.93 ? 64  ARG A N   1 
ATOM   504  C CA  . ARG A 1 64  ? -6.899  6.650   -5.602  1.00 17.91 ? 64  ARG A CA  1 
ATOM   505  C C   . ARG A 1 64  ? -5.593  6.977   -4.917  1.00 21.71 ? 64  ARG A C   1 
ATOM   506  O O   . ARG A 1 64  ? -5.185  8.131   -4.899  1.00 27.39 ? 64  ARG A O   1 
ATOM   507  C CB  . ARG A 1 64  ? -7.931  6.471   -4.524  1.00 8.77  ? 64  ARG A CB  1 
ATOM   508  C CG  . ARG A 1 64  ? -9.262  6.286   -5.068  1.00 9.09  ? 64  ARG A CG  1 
ATOM   509  C CD  . ARG A 1 64  ? -10.205 6.130   -3.954  1.00 19.60 ? 64  ARG A CD  1 
ATOM   510  N NE  . ARG A 1 64  ? -10.103 7.274   -3.076  1.00 18.69 ? 64  ARG A NE  1 
ATOM   511  C CZ  . ARG A 1 64  ? -10.628 7.312   -1.864  1.00 27.97 ? 64  ARG A CZ  1 
ATOM   512  N NH1 . ARG A 1 64  ? -11.300 6.254   -1.391  1.00 16.96 ? 64  ARG A NH1 1 
ATOM   513  N NH2 . ARG A 1 64  ? -10.432 8.391   -1.117  1.00 28.57 ? 64  ARG A NH2 1 
ATOM   514  N N   . VAL A 1 65  ? -5.017  5.966   -4.271  1.00 19.23 ? 65  VAL A N   1 
ATOM   515  C CA  . VAL A 1 65  ? -3.754  6.030   -3.558  1.00 16.55 ? 65  VAL A CA  1 
ATOM   516  C C   . VAL A 1 65  ? -2.594  6.360   -4.477  1.00 19.22 ? 65  VAL A C   1 
ATOM   517  O O   . VAL A 1 65  ? -1.720  7.155   -4.133  1.00 24.60 ? 65  VAL A O   1 
ATOM   518  C CB  . VAL A 1 65  ? -3.476  4.696   -2.909  1.00 15.98 ? 65  VAL A CB  1 
ATOM   519  C CG1 . VAL A 1 65  ? -2.059  4.638   -2.399  1.00 23.94 ? 65  VAL A CG1 1 
ATOM   520  C CG2 . VAL A 1 65  ? -4.498  4.424   -1.814  1.00 11.05 ? 65  VAL A CG2 1 
ATOM   521  N N   . GLY A 1 66  ? -2.583  5.722   -5.638  1.00 21.23 ? 66  GLY A N   1 
ATOM   522  C CA  . GLY A 1 66  ? -1.541  5.932   -6.622  1.00 18.34 ? 66  GLY A CA  1 
ATOM   523  C C   . GLY A 1 66  ? -1.478  7.384   -6.992  1.00 21.90 ? 66  GLY A C   1 
ATOM   524  O O   . GLY A 1 66  ? -0.416  7.985   -7.022  1.00 28.54 ? 66  GLY A O   1 
ATOM   525  N N   . THR A 1 67  ? -2.631  7.960   -7.260  1.00 24.07 ? 67  THR A N   1 
ATOM   526  C CA  . THR A 1 67  ? -2.728  9.348   -7.600  1.00 24.20 ? 67  THR A CA  1 
ATOM   527  C C   . THR A 1 67  ? -2.178  10.257  -6.509  1.00 20.16 ? 67  THR A C   1 
ATOM   528  O O   . THR A 1 67  ? -1.409  11.147  -6.793  1.00 21.09 ? 67  THR A O   1 
ATOM   529  C CB  . THR A 1 67  ? -4.160  9.650   -7.906  1.00 28.10 ? 67  THR A CB  1 
ATOM   530  O OG1 . THR A 1 67  ? -4.460  9.157   -9.227  1.00 31.31 ? 67  THR A OG1 1 
ATOM   531  C CG2 . THR A 1 67  ? -4.431  11.153  -7.801  1.00 35.71 ? 67  THR A CG2 1 
ATOM   532  N N   . VAL A 1 68  ? -2.536  9.997   -5.261  1.00 19.65 ? 68  VAL A N   1 
ATOM   533  C CA  . VAL A 1 68  ? -2.046  10.765  -4.106  1.00 18.24 ? 68  VAL A CA  1 
ATOM   534  C C   . VAL A 1 68  ? -0.532  10.753  -3.938  1.00 23.21 ? 68  VAL A C   1 
ATOM   535  O O   . VAL A 1 68  ? 0.073   11.807  -3.746  1.00 26.59 ? 68  VAL A O   1 
ATOM   536  C CB  . VAL A 1 68  ? -2.679  10.261  -2.783  1.00 15.51 ? 68  VAL A CB  1 
ATOM   537  C CG1 . VAL A 1 68  ? -1.910  10.733  -1.594  1.00 12.05 ? 68  VAL A CG1 1 
ATOM   538  C CG2 . VAL A 1 68  ? -4.095  10.748  -2.689  1.00 13.85 ? 68  VAL A CG2 1 
ATOM   539  N N   . VAL A 1 69  ? 0.068   9.568   -3.982  1.00 20.39 ? 69  VAL A N   1 
ATOM   540  C CA  . VAL A 1 69  ? 1.507   9.437   -3.801  1.00 17.89 ? 69  VAL A CA  1 
ATOM   541  C C   . VAL A 1 69  ? 2.310   9.917   -4.993  1.00 18.07 ? 69  VAL A C   1 
ATOM   542  O O   . VAL A 1 69  ? 3.472   10.307  -4.871  1.00 21.60 ? 69  VAL A O   1 
ATOM   543  C CB  . VAL A 1 69  ? 1.905   7.997   -3.403  1.00 18.56 ? 69  VAL A CB  1 
ATOM   544  C CG1 . VAL A 1 69  ? 0.995   7.506   -2.279  1.00 28.41 ? 69  VAL A CG1 1 
ATOM   545  C CG2 . VAL A 1 69  ? 1.862   7.045   -4.604  1.00 11.93 ? 69  VAL A CG2 1 
ATOM   546  N N   . GLU A 1 70  ? 1.696   9.890   -6.158  1.00 20.73 ? 70  GLU A N   1 
ATOM   547  C CA  . GLU A 1 70  ? 2.380   10.359  -7.340  1.00 25.28 ? 70  GLU A CA  1 
ATOM   548  C C   . GLU A 1 70  ? 2.456   11.885  -7.257  1.00 26.18 ? 70  GLU A C   1 
ATOM   549  O O   . GLU A 1 70  ? 3.430   12.481  -7.689  1.00 28.33 ? 70  GLU A O   1 
ATOM   550  C CB  . GLU A 1 70  ? 1.629   9.946   -8.588  1.00 26.53 ? 70  GLU A CB  1 
ATOM   551  C CG  . GLU A 1 70  ? 2.157   10.623  -9.802  1.00 24.51 ? 70  GLU A CG  1 
ATOM   552  C CD  . GLU A 1 70  ? 1.433   10.253  -11.061 1.00 27.27 ? 70  GLU A CD  1 
ATOM   553  O OE1 . GLU A 1 70  ? 0.182   10.363  -11.096 1.00 37.20 ? 70  GLU A OE1 1 
ATOM   554  O OE2 . GLU A 1 70  ? 2.138   9.875   -12.035 1.00 33.23 ? 70  GLU A OE2 1 
ATOM   555  N N   . LYS A 1 71  ? 1.426   12.488  -6.668  1.00 27.47 ? 71  LYS A N   1 
ATOM   556  C CA  . LYS A 1 71  ? 1.283   13.944  -6.468  1.00 26.96 ? 71  LYS A CA  1 
ATOM   557  C C   . LYS A 1 71  ? 2.208   14.416  -5.335  1.00 28.35 ? 71  LYS A C   1 
ATOM   558  O O   . LYS A 1 71  ? 3.200   15.112  -5.534  1.00 27.62 ? 71  LYS A O   1 
ATOM   559  C CB  . LYS A 1 71  ? -0.165  14.207  -6.040  1.00 25.68 ? 71  LYS A CB  1 
ATOM   560  C CG  . LYS A 1 71  ? -0.775  15.537  -6.386  1.00 21.11 ? 71  LYS A CG  1 
ATOM   561  C CD  . LYS A 1 71  ? -2.103  15.678  -5.609  1.00 32.27 ? 71  LYS A CD  1 
ATOM   562  C CE  . LYS A 1 71  ? -3.218  14.718  -6.091  1.00 34.80 ? 71  LYS A CE  1 
ATOM   563  N NZ  . LYS A 1 71  ? -4.379  14.506  -5.130  1.00 28.40 ? 71  LYS A NZ  1 
ATOM   564  N N   . HIS A 1 72  ? 1.871   13.980  -4.134  1.00 27.71 ? 72  HIS A N   1 
ATOM   565  C CA  . HIS A 1 72  ? 2.598   14.325  -2.942  1.00 25.53 ? 72  HIS A CA  1 
ATOM   566  C C   . HIS A 1 72  ? 4.086   14.134  -3.046  1.00 26.94 ? 72  HIS A C   1 
ATOM   567  O O   . HIS A 1 72  ? 4.828   14.952  -2.488  1.00 33.04 ? 72  HIS A O   1 
ATOM   568  C CB  . HIS A 1 72  ? 2.092   13.504  -1.777  1.00 29.02 ? 72  HIS A CB  1 
ATOM   569  C CG  . HIS A 1 72  ? 2.762   13.826  -0.487  1.00 28.30 ? 72  HIS A CG  1 
ATOM   570  N ND1 . HIS A 1 72  ? 2.909   15.117  -0.030  1.00 33.68 ? 72  HIS A ND1 1 
ATOM   571  C CD2 . HIS A 1 72  ? 3.333   13.031  0.445   1.00 32.70 ? 72  HIS A CD2 1 
ATOM   572  C CE1 . HIS A 1 72  ? 3.534   15.103  1.132   1.00 31.42 ? 72  HIS A CE1 1 
ATOM   573  N NE2 . HIS A 1 72  ? 3.804   13.849  1.443   1.00 32.88 ? 72  HIS A NE2 1 
ATOM   574  N N   . PHE A 1 73  ? 4.499   13.037  -3.708  1.00 27.06 ? 73  PHE A N   1 
ATOM   575  C CA  . PHE A 1 73  ? 5.928   12.632  -3.913  1.00 25.12 ? 73  PHE A CA  1 
ATOM   576  C C   . PHE A 1 73  ? 6.534   13.058  -5.277  1.00 24.21 ? 73  PHE A C   1 
ATOM   577  O O   . PHE A 1 73  ? 7.626   12.638  -5.652  1.00 22.71 ? 73  PHE A O   1 
ATOM   578  C CB  . PHE A 1 73  ? 6.091   11.106  -3.716  1.00 14.13 ? 73  PHE A CB  1 
ATOM   579  C CG  . PHE A 1 73  ? 5.802   10.631  -2.311  1.00 26.53 ? 73  PHE A CG  1 
ATOM   580  C CD1 . PHE A 1 73  ? 6.710   10.813  -1.304  1.00 25.22 ? 73  PHE A CD1 1 
ATOM   581  C CD2 . PHE A 1 73  ? 4.587   10.069  -1.984  1.00 21.76 ? 73  PHE A CD2 1 
ATOM   582  C CE1 . PHE A 1 73  ? 6.402   10.453  0.013   1.00 16.60 ? 73  PHE A CE1 1 
ATOM   583  C CE2 . PHE A 1 73  ? 4.281   9.707   -0.674  1.00 18.72 ? 73  PHE A CE2 1 
ATOM   584  C CZ  . PHE A 1 73  ? 5.185   9.905   0.313   1.00 21.75 ? 73  PHE A CZ  1 
ATOM   585  N N   . HIS A 1 74  ? 5.812   13.905  -5.997  1.00 27.69 ? 74  HIS A N   1 
ATOM   586  C CA  . HIS A 1 74  ? 6.221   14.426  -7.300  1.00 32.77 ? 74  HIS A CA  1 
ATOM   587  C C   . HIS A 1 74  ? 6.750   13.437  -8.351  1.00 30.32 ? 74  HIS A C   1 
ATOM   588  O O   . HIS A 1 74  ? 7.839   13.607  -8.907  1.00 35.24 ? 74  HIS A O   1 
ATOM   589  C CB  . HIS A 1 74  ? 7.190   15.609  -7.127  1.00 42.28 ? 74  HIS A CB  1 
ATOM   590  C CG  . HIS A 1 74  ? 6.718   16.651  -6.150  1.00 38.77 ? 74  HIS A CG  1 
ATOM   591  N ND1 . HIS A 1 74  ? 7.310   16.838  -4.914  1.00 43.75 ? 74  HIS A ND1 1 
ATOM   592  C CD2 . HIS A 1 74  ? 5.696   17.548  -6.214  1.00 46.10 ? 74  HIS A CD2 1 
ATOM   593  C CE1 . HIS A 1 74  ? 6.673   17.798  -4.255  1.00 54.08 ? 74  HIS A CE1 1 
ATOM   594  N NE2 . HIS A 1 74  ? 5.691   18.247  -5.017  1.00 51.18 ? 74  HIS A NE2 1 
ATOM   595  N N   . GLY A 1 75  ? 6.007   12.376  -8.607  1.00 24.00 ? 75  GLY A N   1 
ATOM   596  C CA  . GLY A 1 75  ? 6.443   11.469  -9.635  1.00 23.39 ? 75  GLY A CA  1 
ATOM   597  C C   . GLY A 1 75  ? 5.648   11.856  -10.875 1.00 26.77 ? 75  GLY A C   1 
ATOM   598  O O   . GLY A 1 75  ? 4.742   12.681  -10.792 1.00 27.30 ? 75  GLY A O   1 
ATOM   599  N N   . THR A 1 76  ? 5.998   11.289  -12.024 1.00 30.17 ? 76  THR A N   1 
ATOM   600  C CA  . THR A 1 76  ? 5.295   11.550  -13.289 1.00 32.37 ? 76  THR A CA  1 
ATOM   601  C C   . THR A 1 76  ? 4.676   10.244  -13.867 1.00 34.25 ? 76  THR A C   1 
ATOM   602  O O   . THR A 1 76  ? 4.126   10.222  -14.975 1.00 35.54 ? 76  THR A O   1 
ATOM   603  C CB  . THR A 1 76  ? 6.264   12.215  -14.348 1.00 29.03 ? 76  THR A CB  1 
ATOM   604  O OG1 . THR A 1 76  ? 7.470   11.436  -14.479 1.00 30.20 ? 76  THR A OG1 1 
ATOM   605  C CG2 . THR A 1 76  ? 6.658   13.610  -13.910 1.00 18.89 ? 76  THR A CG2 1 
ATOM   606  N N   . SER A 1 77  ? 4.733   9.174   -13.094 1.00 29.06 ? 77  SER A N   1 
ATOM   607  C CA  . SER A 1 77  ? 4.209   7.903   -13.526 1.00 22.13 ? 77  SER A CA  1 
ATOM   608  C C   . SER A 1 77  ? 4.126   7.106   -12.223 1.00 26.13 ? 77  SER A C   1 
ATOM   609  O O   . SER A 1 77  ? 4.564   7.592   -11.189 1.00 29.13 ? 77  SER A O   1 
ATOM   610  C CB  . SER A 1 77  ? 5.198   7.234   -14.499 1.00 24.96 ? 77  SER A CB  1 
ATOM   611  O OG  . SER A 1 77  ? 5.345   7.926   -15.739 1.00 21.28 ? 77  SER A OG  1 
ATOM   612  N N   . LEU A 1 78  ? 3.563   5.896   -12.279 1.00 23.38 ? 78  LEU A N   1 
ATOM   613  C CA  . LEU A 1 78  ? 3.405   4.992   -11.140 1.00 15.76 ? 78  LEU A CA  1 
ATOM   614  C C   . LEU A 1 78  ? 3.702   3.584   -11.623 1.00 18.78 ? 78  LEU A C   1 
ATOM   615  O O   . LEU A 1 78  ? 3.597   3.291   -12.802 1.00 23.08 ? 78  LEU A O   1 
ATOM   616  C CB  . LEU A 1 78  ? 1.970   5.013   -10.652 1.00 12.21 ? 78  LEU A CB  1 
ATOM   617  C CG  . LEU A 1 78  ? 1.447   6.206   -9.879  1.00 18.06 ? 78  LEU A CG  1 
ATOM   618  C CD1 . LEU A 1 78  ? -0.045  6.364   -10.088 1.00 12.14 ? 78  LEU A CD1 1 
ATOM   619  C CD2 . LEU A 1 78  ? 1.764   6.016   -8.444  1.00 12.66 ? 78  LEU A CD2 1 
ATOM   620  N N   . THR A 1 79  ? 4.117   2.714   -10.731 1.00 18.93 ? 79  THR A N   1 
ATOM   621  C CA  . THR A 1 79  ? 4.367   1.329   -11.086 1.00 19.15 ? 79  THR A CA  1 
ATOM   622  C C   . THR A 1 79  ? 3.495   0.596   -10.104 1.00 22.68 ? 79  THR A C   1 
ATOM   623  O O   . THR A 1 79  ? 3.507   0.921   -8.914  1.00 21.23 ? 79  THR A O   1 
ATOM   624  C CB  . THR A 1 79  ? 5.791   0.922   -10.798 1.00 19.71 ? 79  THR A CB  1 
ATOM   625  O OG1 . THR A 1 79  ? 6.608   1.185   -11.935 1.00 33.37 ? 79  THR A OG1 1 
ATOM   626  C CG2 . THR A 1 79  ? 5.858   -0.533  -10.477 1.00 22.10 ? 79  THR A CG2 1 
ATOM   627  N N   . PHE A 1 80  ? 2.679   -0.321  -10.594 1.00 21.96 ? 80  PHE A N   1 
ATOM   628  C CA  . PHE A 1 80  ? 1.827   -1.094  -9.717  1.00 18.01 ? 80  PHE A CA  1 
ATOM   629  C C   . PHE A 1 80  ? 2.314   -2.509  -9.938  1.00 18.20 ? 80  PHE A C   1 
ATOM   630  O O   . PHE A 1 80  ? 2.623   -2.875  -11.061 1.00 21.72 ? 80  PHE A O   1 
ATOM   631  C CB  . PHE A 1 80  ? 0.373   -0.950  -10.124 1.00 13.54 ? 80  PHE A CB  1 
ATOM   632  C CG  . PHE A 1 80  ? -0.164  0.420   -9.954  1.00 13.99 ? 80  PHE A CG  1 
ATOM   633  C CD1 . PHE A 1 80  ? -0.582  0.868   -8.717  1.00 17.10 ? 80  PHE A CD1 1 
ATOM   634  C CD2 . PHE A 1 80  ? -0.260  1.283   -11.031 1.00 14.14 ? 80  PHE A CD2 1 
ATOM   635  C CE1 . PHE A 1 80  ? -1.083  2.150   -8.560  1.00 15.82 ? 80  PHE A CE1 1 
ATOM   636  C CE2 . PHE A 1 80  ? -0.761  2.566   -10.873 1.00 12.17 ? 80  PHE A CE2 1 
ATOM   637  C CZ  . PHE A 1 80  ? -1.169  2.992   -9.635  1.00 13.79 ? 80  PHE A CZ  1 
ATOM   638  N N   . SER A 1 81  ? 2.429   -3.283  -8.870  1.00 21.49 ? 81  SER A N   1 
ATOM   639  C CA  . SER A 1 81  ? 2.885   -4.660  -8.974  1.00 21.34 ? 81  SER A CA  1 
ATOM   640  C C   . SER A 1 81  ? 2.417   -5.524  -7.830  1.00 16.00 ? 81  SER A C   1 
ATOM   641  O O   . SER A 1 81  ? 2.616   -5.183  -6.692  1.00 19.39 ? 81  SER A O   1 
ATOM   642  C CB  . SER A 1 81  ? 4.402   -4.698  -9.037  1.00 25.00 ? 81  SER A CB  1 
ATOM   643  O OG  . SER A 1 81  ? 4.852   -6.016  -8.779  1.00 32.93 ? 81  SER A OG  1 
ATOM   644  N N   . MET A 1 82  ? 1.822   -6.662  -8.136  1.00 18.22 ? 82  MET A N   1 
ATOM   645  C CA  . MET A 1 82  ? 1.327   -7.583  -7.117  1.00 18.75 ? 82  MET A CA  1 
ATOM   646  C C   . MET A 1 82  ? 2.026   -8.942  -7.247  1.00 21.35 ? 82  MET A C   1 
ATOM   647  O O   . MET A 1 82  ? 1.891   -9.623  -8.253  1.00 21.80 ? 82  MET A O   1 
ATOM   648  C CB  . MET A 1 82  ? -0.190  -7.743  -7.261  1.00 19.46 ? 82  MET A CB  1 
ATOM   649  C CG  . MET A 1 82  ? -0.845  -8.683  -6.263  1.00 18.11 ? 82  MET A CG  1 
ATOM   650  S SD  . MET A 1 82  ? -2.632  -8.616  -6.224  1.00 24.13 ? 82  MET A SD  1 
ATOM   651  C CE  . MET A 1 82  ? -3.000  -8.751  -7.916  1.00 13.21 ? 82  MET A CE  1 
ATOM   652  N N   . GLN A 1 83  ? 2.861   -9.291  -6.280  1.00 22.50 ? 83  GLN A N   1 
ATOM   653  C CA  . GLN A 1 83  ? 3.553   -10.573 -6.318  1.00 23.88 ? 83  GLN A CA  1 
ATOM   654  C C   . GLN A 1 83  ? 2.559   -11.533 -5.722  1.00 20.48 ? 83  GLN A C   1 
ATOM   655  O O   . GLN A 1 83  ? 2.350   -11.545 -4.518  1.00 20.59 ? 83  GLN A O   1 
ATOM   656  C CB  . GLN A 1 83  ? 4.808   -10.536 -5.471  1.00 24.24 ? 83  GLN A CB  1 
ATOM   657  C CG  . GLN A 1 83  ? 5.508   -9.214  -5.507  1.00 28.18 ? 83  GLN A CG  1 
ATOM   658  C CD  . GLN A 1 83  ? 6.345   -8.962  -4.247  1.00 38.42 ? 83  GLN A CD  1 
ATOM   659  O OE1 . GLN A 1 83  ? 7.530   -8.632  -4.362  1.00 45.57 ? 83  GLN A OE1 1 
ATOM   660  N NE2 . GLN A 1 83  ? 5.725   -9.058  -3.041  1.00 26.63 ? 83  GLN A NE2 1 
ATOM   661  N N   . ASP A 1 84  ? 1.904   -12.288 -6.590  1.00 22.97 ? 84  ASP A N   1 
ATOM   662  C CA  . ASP A 1 84  ? 0.878   -13.229 -6.176  1.00 24.51 ? 84  ASP A CA  1 
ATOM   663  C C   . ASP A 1 84  ? 1.341   -14.656 -5.946  1.00 28.58 ? 84  ASP A C   1 
ATOM   664  O O   . ASP A 1 84  ? 1.221   -15.508 -6.815  1.00 29.46 ? 84  ASP A O   1 
ATOM   665  C CB  . ASP A 1 84  ? -0.243  -13.245 -7.192  1.00 26.89 ? 84  ASP A CB  1 
ATOM   666  C CG  . ASP A 1 84  ? -1.430  -13.946 -6.684  1.00 23.88 ? 84  ASP A CG  1 
ATOM   667  O OD1 . ASP A 1 84  ? -1.676  -13.743 -5.490  1.00 31.64 ? 84  ASP A OD1 1 
ATOM   668  O OD2 . ASP A 1 84  ? -2.082  -14.702 -7.437  1.00 22.81 ? 84  ASP A OD2 1 
ATOM   669  N N   . GLY A 1 85  ? 1.860   -14.915 -4.762  1.00 34.34 ? 85  GLY A N   1 
ATOM   670  C CA  . GLY A 1 85  ? 2.303   -16.252 -4.453  1.00 32.17 ? 85  GLY A CA  1 
ATOM   671  C C   . GLY A 1 85  ? 3.791   -16.345 -4.267  1.00 33.25 ? 85  GLY A C   1 
ATOM   672  O O   . GLY A 1 85  ? 4.541   -15.535 -4.822  1.00 35.67 ? 85  GLY A O   1 
ATOM   673  N N   . PRO A 1 86  ? 4.250   -17.428 -3.628  1.00 36.13 ? 86  PRO A N   1 
ATOM   674  C CA  . PRO A 1 86  ? 5.652   -17.735 -3.315  1.00 36.90 ? 86  PRO A CA  1 
ATOM   675  C C   . PRO A 1 86  ? 6.662   -17.692 -4.493  1.00 42.25 ? 86  PRO A C   1 
ATOM   676  O O   . PRO A 1 86  ? 7.780   -17.146 -4.341  1.00 39.54 ? 86  PRO A O   1 
ATOM   677  C CB  . PRO A 1 86  ? 5.566   -19.127 -2.676  1.00 30.74 ? 86  PRO A CB  1 
ATOM   678  C CG  . PRO A 1 86  ? 4.146   -19.219 -2.190  1.00 40.39 ? 86  PRO A CG  1 
ATOM   679  C CD  . PRO A 1 86  ? 3.375   -18.560 -3.293  1.00 36.15 ? 86  PRO A CD  1 
ATOM   680  N N   . GLU A 1 87  ? 6.308   -18.255 -5.657  1.00 44.33 ? 87  GLU A N   1 
ATOM   681  C CA  . GLU A 1 87  ? 7.251   -18.246 -6.804  1.00 42.17 ? 87  GLU A CA  1 
ATOM   682  C C   . GLU A 1 87  ? 7.293   -16.929 -7.568  1.00 40.08 ? 87  GLU A C   1 
ATOM   683  O O   . GLU A 1 87  ? 7.998   -16.826 -8.592  1.00 38.11 ? 87  GLU A O   1 
ATOM   684  C CB  . GLU A 1 87  ? 6.982   -19.397 -7.783  1.00 37.88 ? 87  GLU A CB  1 
ATOM   685  C CG  . GLU A 1 87  ? 7.283   -20.802 -7.264  1.00 37.50 ? 87  GLU A CG  1 
ATOM   686  C CD  . GLU A 1 87  ? 6.588   -21.116 -5.940  1.00 40.06 ? 87  GLU A CD  1 
ATOM   687  O OE1 . GLU A 1 87  ? 5.410   -21.577 -5.956  1.00 39.13 ? 87  GLU A OE1 1 
ATOM   688  O OE2 . GLU A 1 87  ? 7.227   -20.905 -4.870  1.00 38.86 ? 87  GLU A OE2 1 
ATOM   689  N N   . ALA A 1 88  ? 6.531   -15.948 -7.071  1.00 40.33 ? 88  ALA A N   1 
ATOM   690  C CA  . ALA A 1 88  ? 6.432   -14.614 -7.668  1.00 34.40 ? 88  ALA A CA  1 
ATOM   691  C C   . ALA A 1 88  ? 7.023   -13.521 -6.766  1.00 32.35 ? 88  ALA A C   1 
ATOM   692  O O   . ALA A 1 88  ? 7.085   -12.339 -7.154  1.00 29.80 ? 88  ALA A O   1 
ATOM   693  C CB  . ALA A 1 88  ? 4.990   -14.300 -7.991  1.00 26.85 ? 88  ALA A CB  1 
ATOM   694  N N   . GLY A 1 89  ? 7.418   -13.915 -5.554  1.00 31.16 ? 89  GLY A N   1 
ATOM   695  C CA  . GLY A 1 89  ? 8.025   -12.982 -4.635  1.00 26.68 ? 89  GLY A CA  1 
ATOM   696  C C   . GLY A 1 89  ? 7.295   -12.712 -3.342  1.00 28.28 ? 89  GLY A C   1 
ATOM   697  O O   . GLY A 1 89  ? 7.832   -12.043 -2.469  1.00 34.55 ? 89  GLY A O   1 
ATOM   698  N N   . GLN A 1 90  ? 6.112   -13.260 -3.153  1.00 27.38 ? 90  GLN A N   1 
ATOM   699  C CA  . GLN A 1 90  ? 5.407   -12.955 -1.916  1.00 29.71 ? 90  GLN A CA  1 
ATOM   700  C C   . GLN A 1 90  ? 6.063   -13.460 -0.631  1.00 33.55 ? 90  GLN A C   1 
ATOM   701  O O   . GLN A 1 90  ? 6.038   -14.648 -0.293  1.00 35.42 ? 90  GLN A O   1 
ATOM   702  C CB  . GLN A 1 90  ? 3.953   -13.409 -1.983  1.00 26.62 ? 90  GLN A CB  1 
ATOM   703  C CG  . GLN A 1 90  ? 3.077   -12.902 -0.865  1.00 15.76 ? 90  GLN A CG  1 
ATOM   704  C CD  . GLN A 1 90  ? 1.641   -13.318 -1.052  1.00 27.14 ? 90  GLN A CD  1 
ATOM   705  O OE1 . GLN A 1 90  ? 1.351   -14.432 -1.461  1.00 30.75 ? 90  GLN A OE1 1 
ATOM   706  N NE2 . GLN A 1 90  ? 0.732   -12.426 -0.759  1.00 32.88 ? 90  GLN A NE2 1 
ATOM   707  N N   . THR A 1 91  ? 6.590   -12.516 0.118   1.00 36.59 ? 91  THR A N   1 
ATOM   708  C CA  . THR A 1 91  ? 7.199   -12.776 1.403   1.00 31.39 ? 91  THR A CA  1 
ATOM   709  C C   . THR A 1 91  ? 6.016   -12.858 2.357   1.00 32.43 ? 91  THR A C   1 
ATOM   710  O O   . THR A 1 91  ? 5.536   -13.927 2.656   1.00 34.60 ? 91  THR A O   1 
ATOM   711  C CB  . THR A 1 91  ? 8.071   -11.588 1.728   1.00 31.34 ? 91  THR A CB  1 
ATOM   712  O OG1 . THR A 1 91  ? 9.228   -11.666 0.905   1.00 50.20 ? 91  THR A OG1 1 
ATOM   713  C CG2 . THR A 1 91  ? 8.477   -11.516 3.183   1.00 51.68 ? 91  THR A CG2 1 
ATOM   714  N N   . VAL A 1 92  ? 5.496   -11.717 2.783   1.00 30.30 ? 92  VAL A N   1 
ATOM   715  C CA  . VAL A 1 92  ? 4.371   -11.719 3.685   1.00 27.76 ? 92  VAL A CA  1 
ATOM   716  C C   . VAL A 1 92  ? 3.180   -12.267 2.923   1.00 29.94 ? 92  VAL A C   1 
ATOM   717  O O   . VAL A 1 92  ? 2.827   -11.771 1.838   1.00 27.83 ? 92  VAL A O   1 
ATOM   718  C CB  . VAL A 1 92  ? 4.098   -10.312 4.219   1.00 24.91 ? 92  VAL A CB  1 
ATOM   719  C CG1 . VAL A 1 92  ? 4.053   -9.376  3.070   1.00 38.41 ? 92  VAL A CG1 1 
ATOM   720  C CG2 . VAL A 1 92  ? 2.794   -10.265 5.048   1.00 20.35 ? 92  VAL A CG2 1 
ATOM   721  N N   . LYS A 1 93  ? 2.532   -13.261 3.518   1.00 27.82 ? 93  LYS A N   1 
ATOM   722  C CA  . LYS A 1 93  ? 1.424   -13.913 2.867   1.00 28.60 ? 93  LYS A CA  1 
ATOM   723  C C   . LYS A 1 93  ? 0.048   -13.269 3.002   1.00 29.34 ? 93  LYS A C   1 
ATOM   724  O O   . LYS A 1 93  ? -0.879  -13.849 3.593   1.00 27.96 ? 93  LYS A O   1 
ATOM   725  C CB  . LYS A 1 93  ? 1.378   -15.380 3.275   1.00 31.21 ? 93  LYS A CB  1 
ATOM   726  C CG  . LYS A 1 93  ? 2.747   -16.038 3.514   1.00 46.80 ? 93  LYS A CG  1 
ATOM   727  C CD  . LYS A 1 93  ? 3.598   -16.158 2.257   1.00 59.20 ? 93  LYS A CD  1 
ATOM   728  C CE  . LYS A 1 93  ? 4.933   -16.931 2.553   1.00 69.03 ? 93  LYS A CE  1 
ATOM   729  N NZ  . LYS A 1 93  ? 5.855   -16.292 3.637   1.00 67.56 ? 93  LYS A NZ  1 
ATOM   730  N N   . HIS A 1 94  ? -0.124  -12.148 2.305   1.00 30.56 ? 94  HIS A N   1 
ATOM   731  C CA  . HIS A 1 94  ? -1.382  -11.378 2.313   1.00 27.28 ? 94  HIS A CA  1 
ATOM   732  C C   . HIS A 1 94  ? -1.413  -10.620 0.993   1.00 27.54 ? 94  HIS A C   1 
ATOM   733  O O   . HIS A 1 94  ? -0.431  -9.974  0.635   1.00 25.21 ? 94  HIS A O   1 
ATOM   734  C CB  . HIS A 1 94  ? -1.343  -10.385 3.482   1.00 26.89 ? 94  HIS A CB  1 
ATOM   735  C CG  . HIS A 1 94  ? -2.619  -9.663  3.733   1.00 13.11 ? 94  HIS A CG  1 
ATOM   736  N ND1 . HIS A 1 94  ? -3.240  -9.682  4.954   1.00 30.23 ? 94  HIS A ND1 1 
ATOM   737  C CD2 . HIS A 1 94  ? -3.384  -8.891  2.935   1.00 28.24 ? 94  HIS A CD2 1 
ATOM   738  C CE1 . HIS A 1 94  ? -4.347  -8.961  4.903   1.00 18.52 ? 94  HIS A CE1 1 
ATOM   739  N NE2 . HIS A 1 94  ? -4.454  -8.472  3.687   1.00 20.71 ? 94  HIS A NE2 1 
ATOM   740  N N   . VAL A 1 95  ? -2.509  -10.721 0.249   1.00 27.76 ? 95  VAL A N   1 
ATOM   741  C CA  . VAL A 1 95  ? -2.607  -10.020 -1.021  1.00 26.40 ? 95  VAL A CA  1 
ATOM   742  C C   . VAL A 1 95  ? -2.185  -8.564  -0.783  1.00 24.79 ? 95  VAL A C   1 
ATOM   743  O O   . VAL A 1 95  ? -2.546  -7.957  0.238   1.00 23.34 ? 95  VAL A O   1 
ATOM   744  C CB  . VAL A 1 95  ? -4.065  -10.075 -1.564  1.00 27.45 ? 95  VAL A CB  1 
ATOM   745  C CG1 . VAL A 1 95  ? -4.191  -9.302  -2.884  1.00 13.75 ? 95  VAL A CG1 1 
ATOM   746  C CG2 . VAL A 1 95  ? -4.486  -11.504 -1.726  1.00 15.02 ? 95  VAL A CG2 1 
ATOM   747  N N   . HIS A 1 96  ? -1.337  -8.042  -1.648  1.00 21.23 ? 96  HIS A N   1 
ATOM   748  C CA  . HIS A 1 96  ? -0.925  -6.672  -1.521  1.00 21.72 ? 96  HIS A CA  1 
ATOM   749  C C   . HIS A 1 96  ? -0.263  -6.138  -2.771  1.00 23.29 ? 96  HIS A C   1 
ATOM   750  O O   . HIS A 1 96  ? 0.572   -6.818  -3.370  1.00 23.23 ? 96  HIS A O   1 
ATOM   751  C CB  . HIS A 1 96  ? -0.055  -6.442  -0.286  1.00 28.34 ? 96  HIS A CB  1 
ATOM   752  C CG  . HIS A 1 96  ? 1.235   -7.193  -0.292  1.00 23.14 ? 96  HIS A CG  1 
ATOM   753  N ND1 . HIS A 1 96  ? 1.295   -8.554  -0.453  1.00 26.63 ? 96  HIS A ND1 1 
ATOM   754  C CD2 . HIS A 1 96  ? 2.510   -6.776  -0.155  1.00 25.54 ? 96  HIS A CD2 1 
ATOM   755  C CE1 . HIS A 1 96  ? 2.560   -8.948  -0.411  1.00 29.07 ? 96  HIS A CE1 1 
ATOM   756  N NE2 . HIS A 1 96  ? 3.310   -7.885  -0.235  1.00 34.01 ? 96  HIS A NE2 1 
ATOM   757  N N   . VAL A 1 97  ? -0.683  -4.924  -3.157  1.00 23.10 ? 97  VAL A N   1 
ATOM   758  C CA  . VAL A 1 97  ? -0.198  -4.192  -4.333  1.00 21.90 ? 97  VAL A CA  1 
ATOM   759  C C   . VAL A 1 97  ? 0.847   -3.127  -3.934  1.00 22.38 ? 97  VAL A C   1 
ATOM   760  O O   . VAL A 1 97  ? 0.606   -2.336  -3.024  1.00 29.35 ? 97  VAL A O   1 
ATOM   761  C CB  . VAL A 1 97  ? -1.377  -3.453  -5.042  1.00 20.61 ? 97  VAL A CB  1 
ATOM   762  C CG1 . VAL A 1 97  ? -0.981  -3.008  -6.446  1.00 19.38 ? 97  VAL A CG1 1 
ATOM   763  C CG2 . VAL A 1 97  ? -2.608  -4.310  -5.078  1.00 18.62 ? 97  VAL A CG2 1 
ATOM   764  N N   . HIS A 1 98  ? 2.006   -3.112  -4.579  1.00 19.56 ? 98  HIS A N   1 
ATOM   765  C CA  . HIS A 1 98  ? 3.005   -2.119  -4.267  1.00 16.43 ? 98  HIS A CA  1 
ATOM   766  C C   . HIS A 1 98  ? 2.779   -0.963  -5.197  1.00 17.75 ? 98  HIS A C   1 
ATOM   767  O O   . HIS A 1 98  ? 2.762   -1.162  -6.392  1.00 20.42 ? 98  HIS A O   1 
ATOM   768  C CB  . HIS A 1 98  ? 4.421   -2.650  -4.523  1.00 26.24 ? 98  HIS A CB  1 
ATOM   769  C CG  . HIS A 1 98  ? 4.761   -3.892  -3.757  1.00 27.38 ? 98  HIS A CG  1 
ATOM   770  N ND1 . HIS A 1 98  ? 5.416   -3.866  -2.540  1.00 27.72 ? 98  HIS A ND1 1 
ATOM   771  C CD2 . HIS A 1 98  ? 4.445   -5.183  -3.985  1.00 21.84 ? 98  HIS A CD2 1 
ATOM   772  C CE1 . HIS A 1 98  ? 5.470   -5.087  -2.047  1.00 21.48 ? 98  HIS A CE1 1 
ATOM   773  N NE2 . HIS A 1 98  ? 4.886   -5.905  -2.906  1.00 27.41 ? 98  HIS A NE2 1 
ATOM   774  N N   . VAL A 1 99  ? 2.610   0.241   -4.673  1.00 20.66 ? 99  VAL A N   1 
ATOM   775  C CA  . VAL A 1 99  ? 2.439   1.417   -5.505  1.00 16.42 ? 99  VAL A CA  1 
ATOM   776  C C   . VAL A 1 99  ? 3.702   2.228   -5.303  1.00 19.45 ? 99  VAL A C   1 
ATOM   777  O O   . VAL A 1 99  ? 4.010   2.606   -4.186  1.00 18.24 ? 99  VAL A O   1 
ATOM   778  C CB  . VAL A 1 99  ? 1.264   2.285   -5.039  1.00 18.68 ? 99  VAL A CB  1 
ATOM   779  C CG1 . VAL A 1 99  ? 1.055   3.461   -5.977  1.00 7.05  ? 99  VAL A CG1 1 
ATOM   780  C CG2 . VAL A 1 99  ? 0.020   1.455   -4.907  1.00 18.50 ? 99  VAL A CG2 1 
ATOM   781  N N   . LEU A 1 100 ? 4.468   2.443   -6.361  1.00 22.27 ? 100 LEU A N   1 
ATOM   782  C CA  . LEU A 1 100 ? 5.676   3.252   -6.274  1.00 23.87 ? 100 LEU A CA  1 
ATOM   783  C C   . LEU A 1 100 ? 5.575   4.419   -7.244  1.00 24.52 ? 100 LEU A C   1 
ATOM   784  O O   . LEU A 1 100 ? 5.321   4.195   -8.426  1.00 26.73 ? 100 LEU A O   1 
ATOM   785  C CB  . LEU A 1 100 ? 6.894   2.471   -6.698  1.00 21.79 ? 100 LEU A CB  1 
ATOM   786  C CG  . LEU A 1 100 ? 7.432   1.279   -5.957  1.00 33.72 ? 100 LEU A CG  1 
ATOM   787  C CD1 . LEU A 1 100 ? 6.385   0.117   -5.941  1.00 35.49 ? 100 LEU A CD1 1 
ATOM   788  C CD2 . LEU A 1 100 ? 8.696   0.879   -6.734  1.00 40.50 ? 100 LEU A CD2 1 
ATOM   789  N N   . PRO A 1 101 ? 5.811   5.666   -6.777  1.00 27.70 ? 101 PRO A N   1 
ATOM   790  C CA  . PRO A 1 101 ? 5.731   6.818   -7.679  1.00 24.94 ? 101 PRO A CA  1 
ATOM   791  C C   . PRO A 1 101 ? 6.982   6.795   -8.534  1.00 25.82 ? 101 PRO A C   1 
ATOM   792  O O   . PRO A 1 101 ? 8.011   6.292   -8.109  1.00 31.04 ? 101 PRO A O   1 
ATOM   793  C CB  . PRO A 1 101 ? 5.706   8.004   -6.722  1.00 20.97 ? 101 PRO A CB  1 
ATOM   794  C CG  . PRO A 1 101 ? 5.262   7.419   -5.437  1.00 29.84 ? 101 PRO A CG  1 
ATOM   795  C CD  . PRO A 1 101 ? 6.012   6.126   -5.399  1.00 29.17 ? 101 PRO A CD  1 
ATOM   796  N N   . ARG A 1 102 ? 6.904   7.308   -9.751  1.00 26.78 ? 102 ARG A N   1 
ATOM   797  C CA  . ARG A 1 102 ? 8.048   7.277   -10.645 1.00 30.03 ? 102 ARG A CA  1 
ATOM   798  C C   . ARG A 1 102 ? 8.528   8.657   -11.111 1.00 33.23 ? 102 ARG A C   1 
ATOM   799  O O   . ARG A 1 102 ? 7.722   9.578   -11.285 1.00 32.56 ? 102 ARG A O   1 
ATOM   800  C CB  . ARG A 1 102 ? 7.729   6.375   -11.830 1.00 35.47 ? 102 ARG A CB  1 
ATOM   801  C CG  . ARG A 1 102 ? 7.274   4.923   -11.460 1.00 42.51 ? 102 ARG A CG  1 
ATOM   802  C CD  . ARG A 1 102 ? 8.210   4.237   -10.424 1.00 38.60 ? 102 ARG A CD  1 
ATOM   803  N NE  . ARG A 1 102 ? 9.598   4.263   -10.876 1.00 41.23 ? 102 ARG A NE  1 
ATOM   804  C CZ  . ARG A 1 102 ? 10.132  3.375   -11.705 1.00 41.34 ? 102 ARG A CZ  1 
ATOM   805  N NH1 . ARG A 1 102 ? 9.406   2.363   -12.179 1.00 44.64 ? 102 ARG A NH1 1 
ATOM   806  N NH2 . ARG A 1 102 ? 11.385  3.520   -12.101 1.00 45.57 ? 102 ARG A NH2 1 
ATOM   807  N N   . LYS A 1 103 ? 9.841   8.795   -11.334 1.00 40.26 ? 103 LYS A N   1 
ATOM   808  C CA  . LYS A 1 103 ? 10.438  10.088  -11.748 1.00 41.34 ? 103 LYS A CA  1 
ATOM   809  C C   . LYS A 1 103 ? 11.304  9.953   -12.945 1.00 40.53 ? 103 LYS A C   1 
ATOM   810  O O   . LYS A 1 103 ? 11.858  8.881   -13.210 1.00 42.04 ? 103 LYS A O   1 
ATOM   811  C CB  . LYS A 1 103 ? 11.303  10.699  -10.646 1.00 34.72 ? 103 LYS A CB  1 
ATOM   812  C CG  . LYS A 1 103 ? 10.493  11.225  -9.488  1.00 53.87 ? 103 LYS A CG  1 
ATOM   813  C CD  . LYS A 1 103 ? 11.307  12.137  -8.589  1.00 59.64 ? 103 LYS A CD  1 
ATOM   814  C CE  . LYS A 1 103 ? 10.465  12.655  -7.410  1.00 64.34 ? 103 LYS A CE  1 
ATOM   815  N NZ  . LYS A 1 103 ? 9.889   11.498  -6.615  1.00 69.47 ? 103 LYS A NZ  1 
ATOM   816  N N   . ALA A 1 104 ? 11.462  11.062  -13.651 1.00 44.84 ? 104 ALA A N   1 
ATOM   817  C CA  . ALA A 1 104 ? 12.309  11.062  -14.831 1.00 45.39 ? 104 ALA A CA  1 
ATOM   818  C C   . ALA A 1 104 ? 13.643  10.440  -14.404 1.00 42.99 ? 104 ALA A C   1 
ATOM   819  O O   . ALA A 1 104 ? 14.198  10.809  -13.359 1.00 44.44 ? 104 ALA A O   1 
ATOM   820  C CB  . ALA A 1 104 ? 12.498  12.477  -15.325 1.00 47.36 ? 104 ALA A CB  1 
ATOM   821  N N   . GLY A 1 105 ? 14.067  9.406   -15.128 1.00 42.47 ? 105 GLY A N   1 
ATOM   822  C CA  . GLY A 1 105 ? 15.316  8.728   -14.804 1.00 47.89 ? 105 GLY A CA  1 
ATOM   823  C C   . GLY A 1 105 ? 15.479  8.486   -13.304 1.00 51.20 ? 105 GLY A C   1 
ATOM   824  O O   . GLY A 1 105 ? 16.566  8.646   -12.740 1.00 48.69 ? 105 GLY A O   1 
ATOM   825  N N   . ASP A 1 106 ? 14.384  8.131   -12.638 1.00 55.50 ? 106 ASP A N   1 
ATOM   826  C CA  . ASP A 1 106 ? 14.440  7.894   -11.196 1.00 55.20 ? 106 ASP A CA  1 
ATOM   827  C C   . ASP A 1 106 ? 15.459  6.758   -10.951 1.00 54.77 ? 106 ASP A C   1 
ATOM   828  O O   . ASP A 1 106 ? 16.576  7.016   -10.454 1.00 53.33 ? 106 ASP A O   1 
ATOM   829  C CB  . ASP A 1 106 ? 13.039  7.591   -10.637 1.00 42.84 ? 106 ASP A CB  1 
ATOM   830  C CG  . ASP A 1 106 ? 12.470  6.314   -11.170 1.00 38.11 ? 106 ASP A CG  1 
ATOM   831  O OD1 . ASP A 1 106 ? 12.211  6.199   -12.417 1.00 41.16 ? 106 ASP A OD1 1 
ATOM   832  O OD2 . ASP A 1 106 ? 12.355  5.409   -10.324 1.00 35.58 ? 106 ASP A OD2 1 
ATOM   833  N N   . PHE A 1 107 ? 15.139  5.553   -11.426 1.00 53.30 ? 107 PHE A N   1 
ATOM   834  C CA  . PHE A 1 107 ? 16.047  4.427   -11.280 1.00 56.66 ? 107 PHE A CA  1 
ATOM   835  C C   . PHE A 1 107 ? 15.278  3.143   -11.588 1.00 59.18 ? 107 PHE A C   1 
ATOM   836  O O   . PHE A 1 107 ? 15.287  2.797   -12.812 1.00 61.76 ? 107 PHE A O   1 
ATOM   837  C CB  . PHE A 1 107 ? 16.677  4.378   -9.863  1.00 56.38 ? 107 PHE A CB  1 
ATOM   838  N N   . SER A 1 128 ? 18.023  2.076   4.855   1.00 66.44 ? 128 SER A N   1 
ATOM   839  C CA  . SER A 1 128 ? 16.476  1.894   4.947   1.00 69.17 ? 128 SER A CA  1 
ATOM   840  C C   . SER A 1 128 ? 15.889  1.125   6.151   1.00 66.92 ? 128 SER A C   1 
ATOM   841  O O   . SER A 1 128 ? 16.269  -0.056  6.426   1.00 65.42 ? 128 SER A O   1 
ATOM   842  N N   . TRP A 1 129 ? 14.993  1.836   6.859   1.00 62.56 ? 129 TRP A N   1 
ATOM   843  C CA  . TRP A 1 129 ? 14.210  1.409   8.064   1.00 60.82 ? 129 TRP A CA  1 
ATOM   844  C C   . TRP A 1 129 ? 13.690  2.727   8.673   1.00 60.91 ? 129 TRP A C   1 
ATOM   845  O O   . TRP A 1 129 ? 14.434  3.744   8.866   1.00 59.53 ? 129 TRP A O   1 
ATOM   846  C CB  . TRP A 1 129 ? 15.026  0.582   9.116   1.00 44.29 ? 129 TRP A CB  1 
ATOM   847  N N   . ARG A 1 130 ? 12.385  2.789   8.836   1.00 56.58 ? 130 ARG A N   1 
ATOM   848  C CA  . ARG A 1 130 ? 11.850  4.024   9.351   1.00 50.38 ? 130 ARG A CA  1 
ATOM   849  C C   . ARG A 1 130 ? 11.508  3.791   10.815  1.00 44.04 ? 130 ARG A C   1 
ATOM   850  O O   . ARG A 1 130 ? 11.596  2.639   11.286  1.00 47.02 ? 130 ARG A O   1 
ATOM   851  C CB  . ARG A 1 130 ? 10.649  4.415   8.479   1.00 49.37 ? 130 ARG A CB  1 
ATOM   852  C CG  . ARG A 1 130 ? 11.002  4.384   6.989   1.00 44.80 ? 130 ARG A CG  1 
ATOM   853  C CD  . ARG A 1 130 ? 10.713  5.726   6.317   1.00 48.83 ? 130 ARG A CD  1 
ATOM   854  N NE  . ARG A 1 130 ? 9.279   6.052   6.298   1.00 50.14 ? 130 ARG A NE  1 
ATOM   855  C CZ  . ARG A 1 130 ? 8.404   5.552   5.428   1.00 42.72 ? 130 ARG A CZ  1 
ATOM   856  N NH1 . ARG A 1 130 ? 8.781   4.699   4.494   1.00 43.13 ? 130 ARG A NH1 1 
ATOM   857  N NH2 . ARG A 1 130 ? 7.144   5.926   5.479   1.00 44.01 ? 130 ARG A NH2 1 
ATOM   858  N N   . SER A 1 131 ? 11.286  4.888   11.543  1.00 34.87 ? 131 SER A N   1 
ATOM   859  C CA  . SER A 1 131 ? 10.919  4.857   12.952  1.00 30.76 ? 131 SER A CA  1 
ATOM   860  C C   . SER A 1 131 ? 9.413   4.911   13.002  1.00 25.63 ? 131 SER A C   1 
ATOM   861  O O   . SER A 1 131 ? 8.814   5.655   12.239  1.00 21.95 ? 131 SER A O   1 
ATOM   862  C CB  . SER A 1 131 ? 11.489  6.085   13.672  1.00 36.00 ? 131 SER A CB  1 
ATOM   863  O OG  . SER A 1 131 ? 12.045  7.015   12.739  1.00 32.68 ? 131 SER A OG  1 
ATOM   864  N N   . GLU A 1 132 ? 8.810   4.184   13.930  1.00 22.89 ? 132 GLU A N   1 
ATOM   865  C CA  . GLU A 1 132 ? 7.367   4.160   14.035  1.00 31.43 ? 132 GLU A CA  1 
ATOM   866  C C   . GLU A 1 132 ? 6.739   5.553   13.971  1.00 34.26 ? 132 GLU A C   1 
ATOM   867  O O   . GLU A 1 132 ? 5.706   5.747   13.310  1.00 36.37 ? 132 GLU A O   1 
ATOM   868  C CB  . GLU A 1 132 ? 6.926   3.329   15.245  1.00 41.76 ? 132 GLU A CB  1 
ATOM   869  C CG  . GLU A 1 132 ? 7.404   1.850   15.058  1.00 58.52 ? 132 GLU A CG  1 
ATOM   870  C CD  . GLU A 1 132 ? 7.085   0.877   16.233  1.00 69.93 ? 132 GLU A CD  1 
ATOM   871  O OE1 . GLU A 1 132 ? 7.568   1.079   17.398  1.00 75.94 ? 132 GLU A OE1 1 
ATOM   872  O OE2 . GLU A 1 132 ? 6.397   -0.143  15.958  1.00 70.07 ? 132 GLU A OE2 1 
ATOM   873  N N   . GLU A 1 133 ? 7.461   6.550   14.478  1.00 38.39 ? 133 GLU A N   1 
ATOM   874  C CA  . GLU A 1 133 ? 6.993   7.946   14.459  1.00 36.03 ? 133 GLU A CA  1 
ATOM   875  C C   . GLU A 1 133 ? 7.194   8.673   13.109  1.00 33.35 ? 133 GLU A C   1 
ATOM   876  O O   . GLU A 1 133 ? 6.367   9.514   12.732  1.00 34.44 ? 133 GLU A O   1 
ATOM   877  C CB  . GLU A 1 133 ? 7.665   8.737   15.574  1.00 37.65 ? 133 GLU A CB  1 
ATOM   878  C CG  . GLU A 1 133 ? 7.313   10.194  15.575  1.00 40.28 ? 133 GLU A CG  1 
ATOM   879  C CD  . GLU A 1 133 ? 8.267   11.022  16.429  1.00 39.69 ? 133 GLU A CD  1 
ATOM   880  O OE1 . GLU A 1 133 ? 9.504   10.884  16.242  1.00 27.57 ? 133 GLU A OE1 1 
ATOM   881  O OE2 . GLU A 1 133 ? 7.756   11.808  17.280  1.00 41.11 ? 133 GLU A OE2 1 
ATOM   882  N N   . GLU A 1 134 ? 8.283   8.390   12.394  1.00 25.39 ? 134 GLU A N   1 
ATOM   883  C CA  . GLU A 1 134 ? 8.524   9.017   11.087  1.00 23.07 ? 134 GLU A CA  1 
ATOM   884  C C   . GLU A 1 134 ? 7.510   8.463   10.071  1.00 25.50 ? 134 GLU A C   1 
ATOM   885  O O   . GLU A 1 134 ? 6.913   9.199   9.299   1.00 27.18 ? 134 GLU A O   1 
ATOM   886  C CB  . GLU A 1 134 ? 9.964   8.750   10.665  1.00 24.76 ? 134 GLU A CB  1 
ATOM   887  C CG  . GLU A 1 134 ? 10.329  9.052   9.225   1.00 32.20 ? 134 GLU A CG  1 
ATOM   888  C CD  . GLU A 1 134 ? 11.826  8.700   8.912   1.00 54.28 ? 134 GLU A CD  1 
ATOM   889  O OE1 . GLU A 1 134 ? 12.148  7.526   8.532   1.00 46.09 ? 134 GLU A OE1 1 
ATOM   890  O OE2 . GLU A 1 134 ? 12.702  9.622   9.037   1.00 64.46 ? 134 GLU A OE2 1 
ATOM   891  N N   . MET A 1 135 ? 7.295   7.158   10.099  1.00 24.74 ? 135 MET A N   1 
ATOM   892  C CA  . MET A 1 135 ? 6.322   6.526   9.227   1.00 23.02 ? 135 MET A CA  1 
ATOM   893  C C   . MET A 1 135 ? 5.024   7.163   9.618   1.00 21.56 ? 135 MET A C   1 
ATOM   894  O O   . MET A 1 135 ? 4.252   7.532   8.772   1.00 22.05 ? 135 MET A O   1 
ATOM   895  C CB  . MET A 1 135 ? 6.237   5.016   9.510   1.00 27.80 ? 135 MET A CB  1 
ATOM   896  C CG  . MET A 1 135 ? 7.475   4.218   9.103   1.00 23.34 ? 135 MET A CG  1 
ATOM   897  S SD  . MET A 1 135 ? 7.292   2.490   9.512   1.00 31.23 ? 135 MET A SD  1 
ATOM   898  C CE  . MET A 1 135 ? 5.640   2.259   8.979   1.00 42.97 ? 135 MET A CE  1 
ATOM   899  N N   . ALA A 1 136 ? 4.810   7.287   10.927  1.00 24.28 ? 136 ALA A N   1 
ATOM   900  C CA  . ALA A 1 136 ? 3.607   7.903   11.484  1.00 27.63 ? 136 ALA A CA  1 
ATOM   901  C C   . ALA A 1 136 ? 3.383   9.303   10.890  1.00 27.29 ? 136 ALA A C   1 
ATOM   902  O O   . ALA A 1 136 ? 2.225   9.757   10.833  1.00 26.21 ? 136 ALA A O   1 
ATOM   903  C CB  . ALA A 1 136 ? 3.681   7.965   13.021  1.00 17.19 ? 136 ALA A CB  1 
ATOM   904  N N   . ALA A 1 137 ? 4.473   9.945   10.422  1.00 26.19 ? 137 ALA A N   1 
ATOM   905  C CA  . ALA A 1 137 ? 4.457   11.289  9.803   1.00 26.34 ? 137 ALA A CA  1 
ATOM   906  C C   . ALA A 1 137 ? 4.111   11.262  8.315   1.00 27.50 ? 137 ALA A C   1 
ATOM   907  O O   . ALA A 1 137 ? 3.430   12.161  7.807   1.00 25.59 ? 137 ALA A O   1 
ATOM   908  C CB  . ALA A 1 137 ? 5.792   11.996  9.995   1.00 25.34 ? 137 ALA A CB  1 
ATOM   909  N N   . GLU A 1 138 ? 4.627   10.279  7.584   1.00 27.09 ? 138 GLU A N   1 
ATOM   910  C CA  . GLU A 1 138 ? 4.302   10.178  6.159   1.00 24.46 ? 138 GLU A CA  1 
ATOM   911  C C   . GLU A 1 138 ? 2.809   9.858   6.067   1.00 22.56 ? 138 GLU A C   1 
ATOM   912  O O   . GLU A 1 138 ? 2.114   10.360  5.199   1.00 22.85 ? 138 GLU A O   1 
ATOM   913  C CB  . GLU A 1 138 ? 5.134   9.072   5.489   1.00 29.29 ? 138 GLU A CB  1 
ATOM   914  C CG  . GLU A 1 138 ? 4.864   8.876   4.009   1.00 19.80 ? 138 GLU A CG  1 
ATOM   915  C CD  . GLU A 1 138 ? 5.918   8.021   3.357   1.00 23.97 ? 138 GLU A CD  1 
ATOM   916  O OE1 . GLU A 1 138 ? 7.056   8.507   3.197   1.00 36.61 ? 138 GLU A OE1 1 
ATOM   917  O OE2 . GLU A 1 138 ? 5.624   6.861   3.008   1.00 26.05 ? 138 GLU A OE2 1 
ATOM   918  N N   . ALA A 1 139 ? 2.326   9.091   7.034   1.00 15.00 ? 139 ALA A N   1 
ATOM   919  C CA  . ALA A 1 139 ? 0.940   8.688   7.111   1.00 18.43 ? 139 ALA A CA  1 
ATOM   920  C C   . ALA A 1 139 ? -0.025  9.846   7.256   1.00 21.80 ? 139 ALA A C   1 
ATOM   921  O O   . ALA A 1 139 ? -1.032  9.906   6.566   1.00 24.09 ? 139 ALA A O   1 
ATOM   922  C CB  . ALA A 1 139 ? 0.752   7.735   8.270   1.00 13.62 ? 139 ALA A CB  1 
ATOM   923  N N   . ALA A 1 140 ? 0.262   10.747  8.196   1.00 29.01 ? 140 ALA A N   1 
ATOM   924  C CA  . ALA A 1 140 ? -0.603  11.904  8.472   1.00 27.73 ? 140 ALA A CA  1 
ATOM   925  C C   . ALA A 1 140 ? -0.577  12.844  7.307   1.00 25.35 ? 140 ALA A C   1 
ATOM   926  O O   . ALA A 1 140 ? -1.553  13.520  7.016   1.00 28.12 ? 140 ALA A O   1 
ATOM   927  C CB  . ALA A 1 140 ? -0.166  12.617  9.752   1.00 25.42 ? 140 ALA A CB  1 
ATOM   928  N N   . ALA A 1 141 ? 0.567   12.899  6.654   1.00 18.93 ? 141 ALA A N   1 
ATOM   929  C CA  . ALA A 1 141 ? 0.694   13.735  5.508   1.00 20.81 ? 141 ALA A CA  1 
ATOM   930  C C   . ALA A 1 141 ? -0.274  13.187  4.468   1.00 23.48 ? 141 ALA A C   1 
ATOM   931  O O   . ALA A 1 141 ? -1.144  13.883  3.968   1.00 23.15 ? 141 ALA A O   1 
ATOM   932  C CB  . ALA A 1 141 ? 2.104   13.671  5.002   1.00 20.51 ? 141 ALA A CB  1 
ATOM   933  N N   . LEU A 1 142 ? -0.170  11.892  4.229   1.00 22.07 ? 142 LEU A N   1 
ATOM   934  C CA  . LEU A 1 142 ? -0.993  11.241  3.244   1.00 20.34 ? 142 LEU A CA  1 
ATOM   935  C C   . LEU A 1 142 ? -2.466  11.238  3.561   1.00 20.93 ? 142 LEU A C   1 
ATOM   936  O O   . LEU A 1 142 ? -3.272  11.388  2.671   1.00 22.52 ? 142 LEU A O   1 
ATOM   937  C CB  . LEU A 1 142 ? -0.474  9.829   2.971   1.00 16.56 ? 142 LEU A CB  1 
ATOM   938  C CG  . LEU A 1 142 ? 0.903   9.756   2.338   1.00 14.02 ? 142 LEU A CG  1 
ATOM   939  C CD1 . LEU A 1 142 ? 1.231   8.325   1.991   1.00 18.46 ? 142 LEU A CD1 1 
ATOM   940  C CD2 . LEU A 1 142 ? 0.927   10.591  1.113   1.00 20.05 ? 142 LEU A CD2 1 
ATOM   941  N N   . ARG A 1 143 ? -2.853  11.099  4.812   1.00 19.76 ? 143 ARG A N   1 
ATOM   942  C CA  . ARG A 1 143 ? -4.284  11.090  5.086   1.00 21.32 ? 143 ARG A CA  1 
ATOM   943  C C   . ARG A 1 143 ? -4.955  12.337  4.534   1.00 25.61 ? 143 ARG A C   1 
ATOM   944  O O   . ARG A 1 143 ? -6.048  12.258  4.010   1.00 36.03 ? 143 ARG A O   1 
ATOM   945  C CB  . ARG A 1 143 ? -4.591  11.030  6.572   1.00 24.53 ? 143 ARG A CB  1 
ATOM   946  C CG  . ARG A 1 143 ? -4.043  9.855   7.326   1.00 21.22 ? 143 ARG A CG  1 
ATOM   947  C CD  . ARG A 1 143 ? -4.789  9.720   8.630   1.00 24.27 ? 143 ARG A CD  1 
ATOM   948  N NE  . ARG A 1 143 ? -4.267  8.629   9.431   1.00 27.60 ? 143 ARG A NE  1 
ATOM   949  C CZ  . ARG A 1 143 ? -3.118  8.663   10.085  1.00 25.96 ? 143 ARG A CZ  1 
ATOM   950  N NH1 . ARG A 1 143 ? -2.353  9.734   10.049  1.00 36.41 ? 143 ARG A NH1 1 
ATOM   951  N NH2 . ARG A 1 143 ? -2.724  7.609   10.767  1.00 34.04 ? 143 ARG A NH2 1 
ATOM   952  N N   . VAL A 1 144 ? -4.274  13.478  4.607   1.00 26.52 ? 144 VAL A N   1 
ATOM   953  C CA  . VAL A 1 144 ? -4.794  14.778  4.175   1.00 25.92 ? 144 VAL A CA  1 
ATOM   954  C C   . VAL A 1 144 ? -5.395  14.862  2.759   1.00 26.80 ? 144 VAL A C   1 
ATOM   955  O O   . VAL A 1 144 ? -6.412  15.552  2.527   1.00 23.22 ? 144 VAL A O   1 
ATOM   956  C CB  . VAL A 1 144 ? -3.711  15.864  4.403   1.00 30.54 ? 144 VAL A CB  1 
ATOM   957  C CG1 . VAL A 1 144 ? -4.160  17.223  3.889   1.00 37.85 ? 144 VAL A CG1 1 
ATOM   958  C CG2 . VAL A 1 144 ? -3.407  15.987  5.873   1.00 16.60 ? 144 VAL A CG2 1 
ATOM   959  N N   . TYR A 1 145 ? -4.780  14.172  1.808   1.00 23.66 ? 145 TYR A N   1 
ATOM   960  C CA  . TYR A 1 145 ? -5.310  14.184  0.453   1.00 25.18 ? 145 TYR A CA  1 
ATOM   961  C C   . TYR A 1 145 ? -6.632  13.378  0.328   1.00 26.56 ? 145 TYR A C   1 
ATOM   962  O O   . TYR A 1 145 ? -7.354  13.500  -0.642  1.00 21.73 ? 145 TYR A O   1 
ATOM   963  C CB  . TYR A 1 145 ? -4.275  13.628  -0.519  1.00 22.39 ? 145 TYR A CB  1 
ATOM   964  C CG  . TYR A 1 145 ? -2.997  14.425  -0.671  1.00 26.34 ? 145 TYR A CG  1 
ATOM   965  C CD1 . TYR A 1 145 ? -1.976  14.312  0.250   1.00 26.24 ? 145 TYR A CD1 1 
ATOM   966  C CD2 . TYR A 1 145 ? -2.782  15.232  -1.780  1.00 27.80 ? 145 TYR A CD2 1 
ATOM   967  C CE1 . TYR A 1 145 ? -0.769  14.965  0.056   1.00 25.26 ? 145 TYR A CE1 1 
ATOM   968  C CE2 . TYR A 1 145 ? -1.581  15.891  -1.970  1.00 20.47 ? 145 TYR A CE2 1 
ATOM   969  C CZ  . TYR A 1 145 ? -0.589  15.748  -1.052  1.00 16.52 ? 145 TYR A CZ  1 
ATOM   970  O OH  . TYR A 1 145 ? 0.610   16.355  -1.260  1.00 25.63 ? 145 TYR A OH  1 
ATOM   971  N N   . PHE A 1 146 ? -6.956  12.580  1.337   1.00 29.44 ? 146 PHE A N   1 
ATOM   972  C CA  . PHE A 1 146 ? -8.152  11.749  1.326   1.00 30.56 ? 146 PHE A CA  1 
ATOM   973  C C   . PHE A 1 146 ? -9.319  12.345  2.083   1.00 34.74 ? 146 PHE A C   1 
ATOM   974  O O   . PHE A 1 146 ? -9.806  11.770  3.069   1.00 40.09 ? 146 PHE A O   1 
ATOM   975  C CB  . PHE A 1 146 ? -7.826  10.346  1.851   1.00 21.13 ? 146 PHE A CB  1 
ATOM   976  C CG  . PHE A 1 146 ? -6.769  9.654   1.064   1.00 23.01 ? 146 PHE A CG  1 
ATOM   977  C CD1 . PHE A 1 146 ? -7.042  9.152   -0.201  1.00 17.09 ? 146 PHE A CD1 1 
ATOM   978  C CD2 . PHE A 1 146 ? -5.495  9.520   1.573   1.00 23.19 ? 146 PHE A CD2 1 
ATOM   979  C CE1 . PHE A 1 146 ? -6.069  8.543   -0.932  1.00 15.78 ? 146 PHE A CE1 1 
ATOM   980  C CE2 . PHE A 1 146 ? -4.508  8.903   0.836   1.00 23.78 ? 146 PHE A CE2 1 
ATOM   981  C CZ  . PHE A 1 146 ? -4.796  8.415   -0.415  1.00 17.74 ? 146 PHE A CZ  1 
ATOM   982  N N   . GLN A 1 147 ? -9.766  13.494  1.579   1.00 41.26 ? 147 GLN A N   1 
ATOM   983  C CA  . GLN A 1 147 ? -10.912 14.241  2.117   1.00 43.87 ? 147 GLN A CA  1 
ATOM   984  C C   . GLN A 1 147 ? -11.066 14.441  3.620   1.00 48.95 ? 147 GLN A C   1 
ATOM   985  O O   . GLN A 1 147 ? -10.035 14.450  4.359   1.00 49.01 ? 147 GLN A O   1 
ATOM   986  O OXT . GLN A 1 147 ? -12.231 14.609  4.051   1.00 47.73 ? 147 GLN A OXT 1 
HETATM 987  O O   . HOH B 2 .   ? 2.727   -8.426  -3.511  1.00 21.85 ? 148 HOH A O   1 
HETATM 988  O O   . HOH B 2 .   ? -4.543  -16.676 -7.360  1.00 34.84 ? 149 HOH A O   1 
HETATM 989  O O   . HOH B 2 .   ? -10.841 -5.722  -0.762  1.00 24.89 ? 150 HOH A O   1 
HETATM 990  O O   . HOH B 2 .   ? 0.325   -9.834  -2.900  1.00 19.32 ? 151 HOH A O   1 
HETATM 991  O O   . HOH B 2 .   ? -11.965 3.827   -2.811  1.00 32.19 ? 152 HOH A O   1 
HETATM 992  O O   . HOH B 2 .   ? -1.221  -12.376 -3.120  1.00 46.21 ? 153 HOH A O   1 
HETATM 993  O O   . HOH B 2 .   ? -0.319  9.108   12.055  1.00 29.61 ? 154 HOH A O   1 
HETATM 994  O O   . HOH B 2 .   ? 7.866   -7.713  -9.040  1.00 34.45 ? 155 HOH A O   1 
HETATM 995  O O   . HOH B 2 .   ? 5.803   13.330  4.008   1.00 29.44 ? 156 HOH A O   1 
HETATM 996  O O   . HOH B 2 .   ? 5.806   -9.138  -0.069  1.00 19.67 ? 157 HOH A O   1 
HETATM 997  O O   . HOH B 2 .   ? 5.980   4.147   2.591   1.00 25.47 ? 158 HOH A O   1 
HETATM 998  O O   . HOH B 2 .   ? -13.213 -7.573  5.297   1.00 33.12 ? 159 HOH A O   1 
HETATM 999  O O   . HOH B 2 .   ? -3.321  5.997   -10.192 1.00 28.44 ? 160 HOH A O   1 
HETATM 1000 O O   . HOH B 2 .   ? -1.756  12.385  -9.337  1.00 28.79 ? 161 HOH A O   1 
HETATM 1001 O O   . HOH B 2 .   ? 11.537  10.715  14.339  1.00 47.70 ? 162 HOH A O   1 
HETATM 1002 O O   . HOH B 2 .   ? 7.785   -15.060 -2.082  1.00 44.36 ? 163 HOH A O   1 
HETATM 1003 O O   . HOH B 2 .   ? -4.878  -17.341 2.693   1.00 37.52 ? 164 HOH A O   1 
HETATM 1004 O O   . HOH B 2 .   ? 10.210  8.667   -5.741  1.00 42.07 ? 165 HOH A O   1 
HETATM 1005 O O   . HOH B 2 .   ? 8.114   6.948   1.400   1.00 29.26 ? 166 HOH A O   1 
HETATM 1006 O O   . HOH B 2 .   ? 11.574  7.366   -7.851  1.00 47.76 ? 167 HOH A O   1 
HETATM 1007 O O   . HOH B 2 .   ? -6.206  -16.375 4.921   1.00 41.97 ? 168 HOH A O   1 
HETATM 1008 O O   . HOH B 2 .   ? 2.824   14.534  -10.361 1.00 34.07 ? 169 HOH A O   1 
HETATM 1009 O O   . HOH B 2 .   ? 6.756   -4.506  1.556   1.00 34.34 ? 170 HOH A O   1 
HETATM 1010 O O   . HOH B 2 .   ? -3.854  12.804  -12.135 1.00 37.64 ? 171 HOH A O   1 
HETATM 1011 O O   . HOH B 2 .   ? 10.175  14.424  -12.352 1.00 42.60 ? 172 HOH A O   1 
HETATM 1012 O O   . HOH B 2 .   ? 3.623   16.459  -7.916  1.00 31.50 ? 173 HOH A O   1 
HETATM 1013 O O   . HOH B 2 .   ? -3.651  -13.569 4.790   1.00 40.67 ? 174 HOH A O   1 
HETATM 1014 O O   . HOH B 2 .   ? -11.863 -7.453  2.613   1.00 36.10 ? 175 HOH A O   1 
HETATM 1015 O O   . HOH B 2 .   ? -11.761 -17.186 0.088   1.00 47.29 ? 176 HOH A O   1 
HETATM 1016 O O   . HOH B 2 .   ? -3.584  13.707  8.980   1.00 35.27 ? 177 HOH A O   1 
HETATM 1017 O O   . HOH B 2 .   ? 6.662   -0.475  -14.088 1.00 38.52 ? 178 HOH A O   1 
HETATM 1018 O O   . HOH B 2 .   ? -7.758  8.563   5.650   1.00 55.80 ? 179 HOH A O   1 
HETATM 1019 O O   . HOH B 2 .   ? 7.200   -22.507 -2.346  1.00 40.35 ? 180 HOH A O   1 
HETATM 1020 O O   . HOH B 2 .   ? 4.026   -16.579 -0.529  1.00 36.41 ? 181 HOH A O   1 
HETATM 1021 O O   . HOH B 2 .   ? -5.780  4.493   11.205  1.00 32.35 ? 182 HOH A O   1 
HETATM 1022 O O   . HOH B 2 .   ? 3.155   -0.894  12.725  1.00 28.64 ? 183 HOH A O   1 
HETATM 1023 O O   . HOH B 2 .   ? -7.117  -5.570  7.690   1.00 38.79 ? 184 HOH A O   1 
HETATM 1024 O O   . HOH B 2 .   ? -6.640  6.533   8.065   1.00 31.02 ? 185 HOH A O   1 
HETATM 1025 O O   . HOH B 2 .   ? 2.442   -15.489 6.734   1.00 58.90 ? 186 HOH A O   1 
HETATM 1026 O O   . HOH B 2 .   ? -16.561 -3.005  -3.239  1.00 60.23 ? 187 HOH A O   1 
HETATM 1027 O O   . HOH B 2 .   ? -0.246  19.978  -5.201  1.00 44.94 ? 188 HOH A O   1 
HETATM 1028 O O   . HOH B 2 .   ? -9.296  10.240  -3.018  1.00 23.99 ? 189 HOH A O   1 
HETATM 1029 O O   . HOH B 2 .   ? 12.092  11.209  11.591  1.00 46.00 ? 190 HOH A O   1 
HETATM 1030 O O   . HOH B 2 .   ? 5.079   -4.557  7.615   1.00 33.63 ? 191 HOH A O   1 
HETATM 1031 O O   . HOH B 2 .   ? 5.708   2.115   19.766  1.00 55.72 ? 192 HOH A O   1 
HETATM 1032 O O   . HOH B 2 .   ? 9.902   0.690   11.587  1.00 33.14 ? 193 HOH A O   1 
HETATM 1033 O O   . HOH B 2 .   ? 8.889   -3.725  -0.090  0.98 36.53 ? 194 HOH A O   1 
HETATM 1034 O O   . HOH B 2 .   ? -2.131  -18.626 4.144   1.00 68.89 ? 195 HOH A O   1 
HETATM 1035 O O   . HOH B 2 .   ? 6.705   -5.618  4.539   1.00 27.10 ? 196 HOH A O   1 
HETATM 1036 O O   . HOH B 2 .   ? -9.394  -15.112 5.314   1.00 48.86 ? 197 HOH A O   1 
HETATM 1037 O O   . HOH B 2 .   ? -13.586 5.783   2.273   1.00 45.16 ? 198 HOH A O   1 
HETATM 1038 O O   . HOH B 2 .   ? -13.544 7.394   -7.447  1.00 33.42 ? 199 HOH A O   1 
HETATM 1039 O O   . HOH B 2 .   ? 4.084   18.320  1.598   1.00 42.44 ? 200 HOH A O   1 
HETATM 1040 O O   . HOH B 2 .   ? -0.199  9.032   15.674  1.00 39.83 ? 201 HOH A O   1 
HETATM 1041 O O   . HOH B 2 .   ? -7.115  8.926   -9.453  1.00 42.06 ? 202 HOH A O   1 
HETATM 1042 O O   . HOH B 2 .   ? -9.921  4.908   9.152   1.00 43.04 ? 203 HOH A O   1 
HETATM 1043 O O   . HOH B 2 .   ? 3.308   -4.524  12.861  1.00 33.94 ? 204 HOH A O   1 
HETATM 1044 O O   . HOH B 2 .   ? -14.653 3.272   -0.019  1.00 26.51 ? 205 HOH A O   1 
HETATM 1045 O O   . HOH B 2 .   ? -18.121 -4.781  -8.667  1.00 45.22 ? 206 HOH A O   1 
HETATM 1046 O O   . HOH B 2 .   ? -10.633 -19.236 -4.150  1.00 36.89 ? 207 HOH A O   1 
HETATM 1047 O O   . HOH B 2 .   ? -13.011 7.497   -4.595  1.00 43.78 ? 208 HOH A O   1 
HETATM 1048 O O   . HOH B 2 .   ? 6.001   -8.183  13.783  1.00 45.44 ? 209 HOH A O   1 
HETATM 1049 O O   . HOH B 2 .   ? -10.200 -2.880  10.812  1.00 34.85 ? 210 HOH A O   1 
HETATM 1050 O O   . HOH B 2 .   ? 4.714   8.133   16.910  1.00 41.73 ? 211 HOH A O   1 
HETATM 1051 O O   . HOH B 2 .   ? -12.165 -8.773  7.962   1.00 63.58 ? 212 HOH A O   1 
HETATM 1052 O O   . HOH B 2 .   ? 6.398   0.995   12.451  1.00 43.86 ? 213 HOH A O   1 
HETATM 1053 O O   . HOH B 2 .   ? 8.248   -7.819  -1.330  0.98 39.09 ? 214 HOH A O   1 
# 
